data_9EAP
#
_entry.id   9EAP
#
_cell.length_a   1.00
_cell.length_b   1.00
_cell.length_c   1.00
_cell.angle_alpha   90.00
_cell.angle_beta   90.00
_cell.angle_gamma   90.00
#
_symmetry.space_group_name_H-M   'P 1'
#
loop_
_entity.id
_entity.type
_entity.pdbx_description
1 polymer 'Capsid protein VP1'
2 non-polymer 'GLYCOCHENODEOXYCHOLIC ACID'
#
_entity_poly.entity_id   1
_entity_poly.type   'polypeptide(L)'
_entity_poly.pdbx_seq_one_letter_code
;RMSDGAAPKANGSEASGQDLVPAAVEQAVPIQPVAGAALAAPAAGQINQIDPWIFQNFVQCPLGEFSISPRNTPGEILFD
LALGPGLNPYLAHLSAMYTGWVGNMEVQLVLAGNAFTAGKVVVALVPPYFPKGSLTTAQITCFPHVMCDVRTLEPIQLPL
LDVRRVLWHATQDQEESMRLVCMLYTPLRTNSPGDESFVVSGRLLSKPAADFNFVYLTPPIERTIYRMVDLPVIQPRLCT
HARWPAPVYGLLVDPSLPSNPQWQNGRVHVDGTLLGTTPISGSWVSCFAAEAAYEFQSGTGEVATFTLIEQDGSAYVPGD
RAAPLGYPDFSGQLEIEIQTETTKTGDKLKVTTFEMILGPTTNADQAPYQGRVFASVTAAASLDLVDGRVRAVPRSIYGF
QDTIPEYNDGLLVPLAPPIGPFLPGEVLLRFRTYMRQIDTADAAAEAIDCALPQEFVSWFASNAFTVQSEALLLRYRNTL
TGQLLFECKLYNEGYIALSYSGSGPLTFPTDGIFEVVSWVPRLYQLASVGSLATGRMLKQ
;
_entity_poly.pdbx_strand_id   A,B,C
#
loop_
_chem_comp.id
_chem_comp.type
_chem_comp.name
_chem_comp.formula
CHO non-polymer 'GLYCOCHENODEOXYCHOLIC ACID' 'C26 H43 N O5'
#
# COMPACT_ATOMS: atom_id res chain seq x y z
N GLN A 18 51.46 -32.07 -27.22
CA GLN A 18 50.67 -33.22 -26.83
C GLN A 18 50.11 -33.04 -25.42
N ASP A 19 48.89 -33.52 -25.20
CA ASP A 19 48.24 -33.38 -23.91
C ASP A 19 47.41 -34.64 -23.65
N LEU A 20 46.58 -34.58 -22.62
CA LEU A 20 45.68 -35.68 -22.27
C LEU A 20 44.51 -35.10 -21.51
N VAL A 21 43.31 -35.33 -22.03
CA VAL A 21 42.08 -34.80 -21.44
C VAL A 21 41.34 -35.94 -20.75
N PRO A 22 41.36 -35.97 -19.43
CA PRO A 22 40.70 -37.06 -18.71
C PRO A 22 39.18 -36.98 -18.86
N ALA A 23 38.55 -38.14 -18.74
CA ALA A 23 37.11 -38.26 -18.88
C ALA A 23 36.39 -38.39 -17.55
N ALA A 24 37.08 -38.19 -16.43
CA ALA A 24 36.48 -38.26 -15.10
C ALA A 24 37.20 -37.26 -14.19
N VAL A 25 36.53 -36.15 -13.89
CA VAL A 25 37.08 -35.10 -13.04
C VAL A 25 36.10 -34.85 -11.91
N GLU A 26 36.63 -34.61 -10.71
CA GLU A 26 35.79 -34.35 -9.55
C GLU A 26 35.03 -33.04 -9.72
N GLN A 27 33.84 -32.98 -9.15
CA GLN A 27 33.04 -31.77 -9.21
C GLN A 27 33.68 -30.68 -8.38
N ALA A 28 33.55 -29.43 -8.84
CA ALA A 28 34.04 -28.29 -8.09
C ALA A 28 33.33 -27.04 -8.58
N VAL A 29 33.33 -26.02 -7.73
CA VAL A 29 32.78 -24.70 -8.07
C VAL A 29 33.90 -23.68 -7.88
N PRO A 30 34.25 -22.90 -8.89
CA PRO A 30 35.33 -21.91 -8.73
C PRO A 30 34.77 -20.61 -8.15
N ILE A 31 35.49 -20.05 -7.19
CA ILE A 31 35.07 -18.82 -6.53
C ILE A 31 36.25 -17.87 -6.45
N GLN A 32 35.93 -16.58 -6.32
CA GLN A 32 36.91 -15.55 -6.06
C GLN A 32 36.70 -15.00 -4.66
N PRO A 33 37.75 -14.88 -3.85
CA PRO A 33 37.54 -14.52 -2.44
C PRO A 33 36.82 -13.21 -2.28
N VAL A 34 35.95 -13.14 -1.27
CA VAL A 34 35.12 -11.98 -0.99
C VAL A 34 35.57 -11.39 0.34
N ALA A 35 35.85 -10.10 0.35
CA ALA A 35 36.29 -9.44 1.56
C ALA A 35 35.18 -9.43 2.60
N GLY A 36 35.54 -9.76 3.84
CA GLY A 36 34.57 -9.78 4.92
C GLY A 36 34.66 -8.55 5.79
N ALA A 37 35.35 -8.68 6.92
CA ALA A 37 35.53 -7.54 7.82
C ALA A 37 36.47 -6.50 7.26
N ALA A 38 37.20 -6.79 6.18
CA ALA A 38 38.15 -5.83 5.63
C ALA A 38 37.46 -4.60 5.04
N LEU A 39 36.16 -4.67 4.79
CA LEU A 39 35.41 -3.54 4.25
C LEU A 39 34.64 -2.77 5.30
N ALA A 40 34.07 -3.45 6.28
CA ALA A 40 33.25 -2.81 7.30
C ALA A 40 34.04 -2.32 8.50
N ALA A 41 35.35 -2.53 8.52
CA ALA A 41 36.15 -2.07 9.65
C ALA A 41 36.11 -0.56 9.85
N PRO A 42 36.31 0.28 8.83
CA PRO A 42 36.36 1.73 9.08
C PRO A 42 35.01 2.40 9.22
N ALA A 43 33.91 1.63 9.25
CA ALA A 43 32.60 2.23 9.39
C ALA A 43 31.72 1.49 10.38
N ALA A 44 32.27 0.57 11.17
CA ALA A 44 31.54 -0.10 12.23
C ALA A 44 32.25 0.16 13.54
N GLY A 45 31.46 0.30 14.61
CA GLY A 45 32.04 0.64 15.90
C GLY A 45 33.02 -0.41 16.40
N GLN A 46 32.65 -1.67 16.30
CA GLN A 46 33.49 -2.77 16.77
C GLN A 46 33.48 -3.88 15.73
N ILE A 47 34.45 -4.78 15.85
CA ILE A 47 34.50 -6.00 15.05
C ILE A 47 34.83 -7.13 16.01
N ASN A 48 33.82 -7.95 16.32
CA ASN A 48 33.95 -9.00 17.32
C ASN A 48 34.05 -10.35 16.62
N GLN A 49 35.05 -11.14 17.00
CA GLN A 49 35.19 -12.48 16.47
C GLN A 49 34.36 -13.46 17.28
N ILE A 50 34.41 -14.73 16.89
CA ILE A 50 33.66 -15.77 17.57
C ILE A 50 34.63 -16.88 18.01
N ASP A 51 34.11 -17.89 18.68
CA ASP A 51 34.94 -18.97 19.17
C ASP A 51 35.58 -19.71 18.00
N PRO A 52 36.89 -19.90 17.99
CA PRO A 52 37.55 -20.49 16.81
C PRO A 52 37.29 -21.97 16.63
N TRP A 53 36.47 -22.60 17.47
CA TRP A 53 36.12 -23.99 17.29
C TRP A 53 34.74 -24.19 16.69
N ILE A 54 34.12 -23.14 16.18
CA ILE A 54 32.89 -23.31 15.42
C ILE A 54 33.18 -23.60 13.95
N PHE A 55 34.32 -23.15 13.44
CA PHE A 55 34.67 -23.32 12.03
C PHE A 55 35.04 -24.76 11.68
N GLN A 56 35.04 -25.69 12.63
CA GLN A 56 35.55 -27.03 12.40
C GLN A 56 34.51 -28.12 12.60
N ASN A 57 33.23 -27.84 12.38
CA ASN A 57 32.20 -28.84 12.58
C ASN A 57 30.92 -28.43 11.86
N PHE A 58 30.22 -29.40 11.30
CA PHE A 58 28.96 -29.17 10.58
C PHE A 58 27.80 -29.45 11.52
N VAL A 59 26.82 -28.55 11.55
CA VAL A 59 25.67 -28.65 12.46
C VAL A 59 24.40 -28.51 11.63
N GLN A 60 23.34 -29.19 12.07
CA GLN A 60 22.08 -29.15 11.34
C GLN A 60 21.44 -27.78 11.43
N CYS A 61 20.99 -27.26 10.29
CA CYS A 61 20.31 -25.98 10.25
C CYS A 61 18.91 -26.10 10.83
N PRO A 62 18.34 -24.99 11.31
CA PRO A 62 16.95 -25.05 11.78
C PRO A 62 15.97 -25.52 10.72
N LEU A 63 16.17 -25.13 9.47
CA LEU A 63 15.40 -25.64 8.34
C LEU A 63 16.28 -26.67 7.66
N GLY A 64 16.12 -27.94 8.03
CA GLY A 64 17.00 -28.97 7.52
C GLY A 64 16.29 -30.25 7.13
N GLU A 65 15.05 -30.15 6.67
CA GLU A 65 14.27 -31.30 6.27
C GLU A 65 13.75 -31.09 4.86
N PHE A 66 13.92 -32.08 4.00
CA PHE A 66 13.17 -32.06 2.75
C PHE A 66 12.95 -33.49 2.27
N SER A 67 11.95 -33.66 1.41
CA SER A 67 11.55 -34.98 0.97
C SER A 67 11.25 -34.97 -0.53
N ILE A 68 11.63 -36.05 -1.20
CA ILE A 68 11.40 -36.23 -2.63
C ILE A 68 10.52 -37.45 -2.81
N SER A 69 9.47 -37.30 -3.60
CA SER A 69 8.51 -38.38 -3.82
C SER A 69 8.23 -38.50 -5.31
N PRO A 70 7.86 -39.69 -5.78
CA PRO A 70 7.48 -39.83 -7.18
C PRO A 70 6.27 -39.01 -7.56
N ARG A 71 5.48 -38.56 -6.59
CA ARG A 71 4.37 -37.65 -6.88
C ARG A 71 4.85 -36.31 -7.42
N ASN A 72 6.10 -35.94 -7.15
CA ASN A 72 6.62 -34.68 -7.63
C ASN A 72 6.82 -34.72 -9.14
N THR A 73 6.99 -33.54 -9.73
CA THR A 73 7.21 -33.38 -11.15
C THR A 73 8.46 -32.54 -11.39
N PRO A 74 9.12 -32.71 -12.53
CA PRO A 74 10.31 -31.90 -12.81
C PRO A 74 9.96 -30.42 -12.82
N GLY A 75 10.90 -29.62 -12.31
CA GLY A 75 10.68 -28.19 -12.23
C GLY A 75 10.13 -27.69 -10.91
N GLU A 76 10.13 -28.52 -9.88
CA GLU A 76 9.58 -28.15 -8.59
C GLU A 76 10.70 -27.69 -7.66
N ILE A 77 10.42 -26.65 -6.87
CA ILE A 77 11.39 -26.12 -5.93
C ILE A 77 11.30 -26.93 -4.65
N LEU A 78 12.36 -27.67 -4.33
CA LEU A 78 12.35 -28.51 -3.14
C LEU A 78 12.62 -27.69 -1.88
N PHE A 79 13.66 -26.86 -1.89
CA PHE A 79 13.96 -26.02 -0.75
C PHE A 79 14.82 -24.85 -1.22
N ASP A 80 14.82 -23.80 -0.39
CA ASP A 80 15.67 -22.65 -0.61
C ASP A 80 16.00 -22.01 0.72
N LEU A 81 17.26 -21.64 0.89
CA LEU A 81 17.75 -21.03 2.12
C LEU A 81 18.35 -19.67 1.81
N ALA A 82 18.34 -18.80 2.81
CA ALA A 82 18.93 -17.48 2.71
C ALA A 82 20.17 -17.41 3.59
N LEU A 83 21.26 -16.92 3.04
CA LEU A 83 22.49 -16.78 3.82
C LEU A 83 22.27 -15.85 5.00
N GLY A 84 22.72 -16.26 6.17
CA GLY A 84 22.57 -15.47 7.37
C GLY A 84 22.97 -16.24 8.62
N PRO A 85 22.76 -15.62 9.79
CA PRO A 85 23.04 -16.30 11.05
C PRO A 85 21.96 -17.28 11.47
N GLY A 86 20.93 -17.47 10.66
CA GLY A 86 19.86 -18.40 10.96
C GLY A 86 20.07 -19.80 10.45
N LEU A 87 21.26 -20.12 9.94
CA LEU A 87 21.55 -21.42 9.37
C LEU A 87 22.34 -22.31 10.31
N ASN A 88 22.62 -21.85 11.53
CA ASN A 88 23.45 -22.61 12.45
C ASN A 88 23.00 -22.34 13.88
N PRO A 89 22.71 -23.37 14.67
CA PRO A 89 22.24 -23.12 16.04
C PRO A 89 23.19 -22.28 16.86
N TYR A 90 24.51 -22.47 16.70
CA TYR A 90 25.45 -21.64 17.42
C TYR A 90 25.34 -20.19 16.98
N LEU A 91 25.25 -19.94 15.68
CA LEU A 91 25.10 -18.57 15.21
C LEU A 91 23.73 -18.00 15.56
N ALA A 92 22.68 -18.82 15.50
CA ALA A 92 21.37 -18.34 15.91
C ALA A 92 21.35 -17.95 17.37
N HIS A 93 22.09 -18.68 18.22
CA HIS A 93 22.18 -18.31 19.63
C HIS A 93 23.02 -17.06 19.81
N LEU A 94 24.16 -16.98 19.14
CA LEU A 94 25.04 -15.83 19.32
C LEU A 94 24.45 -14.55 18.76
N SER A 95 23.53 -14.66 17.80
CA SER A 95 22.96 -13.47 17.19
C SER A 95 22.05 -12.69 18.12
N ALA A 96 21.69 -13.24 19.27
CA ALA A 96 20.82 -12.54 20.19
C ALA A 96 21.54 -11.44 20.97
N MET A 97 22.86 -11.37 20.88
CA MET A 97 23.62 -10.38 21.64
C MET A 97 24.48 -9.47 20.77
N TYR A 98 24.36 -9.54 19.45
CA TYR A 98 25.07 -8.65 18.54
C TYR A 98 24.06 -7.93 17.65
N THR A 99 24.57 -7.12 16.72
CA THR A 99 23.74 -6.35 15.81
C THR A 99 23.95 -6.70 14.34
N GLY A 100 25.20 -6.74 13.89
CA GLY A 100 25.45 -7.01 12.49
C GLY A 100 26.30 -8.24 12.24
N TRP A 101 26.52 -8.58 10.98
CA TRP A 101 27.34 -9.73 10.65
C TRP A 101 27.81 -9.62 9.21
N VAL A 102 29.01 -10.11 8.95
CA VAL A 102 29.57 -10.16 7.60
C VAL A 102 30.29 -11.50 7.43
N GLY A 103 30.27 -12.03 6.23
CA GLY A 103 31.10 -13.19 5.93
C GLY A 103 30.34 -14.25 5.17
N ASN A 104 31.06 -15.34 4.91
CA ASN A 104 30.57 -16.45 4.10
C ASN A 104 30.39 -17.71 4.96
N MET A 105 29.71 -18.71 4.40
CA MET A 105 29.50 -19.97 5.10
C MET A 105 29.66 -21.12 4.12
N GLU A 106 29.42 -22.35 4.62
CA GLU A 106 29.47 -23.56 3.82
C GLU A 106 28.29 -24.44 4.17
N VAL A 107 27.71 -25.09 3.17
CA VAL A 107 26.52 -25.89 3.34
C VAL A 107 26.77 -27.31 2.85
N GLN A 108 26.45 -28.29 3.69
CA GLN A 108 26.59 -29.71 3.37
C GLN A 108 25.22 -30.32 3.23
N LEU A 109 25.08 -31.26 2.30
CA LEU A 109 23.80 -31.86 1.98
C LEU A 109 23.95 -33.37 1.95
N VAL A 110 22.99 -34.07 2.56
CA VAL A 110 22.96 -35.53 2.60
C VAL A 110 21.59 -36.02 2.19
N LEU A 111 21.55 -37.14 1.47
CA LEU A 111 20.32 -37.76 1.00
C LEU A 111 20.31 -39.23 1.37
N ALA A 112 19.15 -39.74 1.80
CA ALA A 112 19.03 -41.14 2.20
C ALA A 112 18.43 -41.95 1.06
N GLY A 113 19.23 -42.13 0.02
CA GLY A 113 18.77 -42.80 -1.18
C GLY A 113 19.03 -44.30 -1.18
N ASN A 114 18.11 -45.03 -1.81
CA ASN A 114 18.22 -46.46 -1.97
C ASN A 114 19.08 -46.77 -3.20
N ALA A 115 19.19 -48.05 -3.53
CA ALA A 115 19.84 -48.47 -4.76
C ALA A 115 18.84 -48.76 -5.87
N PHE A 116 17.57 -48.45 -5.66
CA PHE A 116 16.54 -48.66 -6.68
C PHE A 116 16.04 -47.36 -7.29
N THR A 117 16.12 -46.25 -6.58
CA THR A 117 15.61 -44.98 -7.07
C THR A 117 16.60 -44.31 -8.00
N ALA A 118 16.11 -43.80 -9.11
CA ALA A 118 16.92 -43.11 -10.10
C ALA A 118 16.42 -41.66 -10.22
N GLY A 119 17.35 -40.73 -10.21
CA GLY A 119 16.98 -39.32 -10.35
C GLY A 119 18.20 -38.45 -10.13
N LYS A 120 18.04 -37.19 -10.50
CA LYS A 120 19.11 -36.19 -10.35
C LYS A 120 18.50 -34.86 -9.95
N VAL A 121 19.18 -34.16 -9.05
CA VAL A 121 18.79 -32.83 -8.61
C VAL A 121 19.96 -31.88 -8.80
N VAL A 122 19.68 -30.59 -8.71
CA VAL A 122 20.67 -29.54 -8.90
C VAL A 122 20.65 -28.64 -7.68
N VAL A 123 21.81 -28.10 -7.31
CA VAL A 123 21.93 -27.09 -6.26
C VAL A 123 22.62 -25.89 -6.86
N ALA A 124 21.97 -24.73 -6.78
CA ALA A 124 22.44 -23.51 -7.43
C ALA A 124 22.46 -22.35 -6.44
N LEU A 125 23.39 -21.42 -6.66
CA LEU A 125 23.56 -20.26 -5.79
C LEU A 125 22.97 -19.04 -6.50
N VAL A 126 21.68 -18.82 -6.30
CA VAL A 126 21.02 -17.67 -6.94
C VAL A 126 21.53 -16.38 -6.29
N PRO A 127 21.96 -15.40 -7.08
CA PRO A 127 22.47 -14.16 -6.51
C PRO A 127 21.34 -13.29 -5.99
N PRO A 128 21.64 -12.27 -5.20
CA PRO A 128 20.58 -11.38 -4.71
C PRO A 128 20.00 -10.52 -5.82
N TYR A 129 18.81 -9.99 -5.55
CA TYR A 129 18.06 -9.10 -6.44
C TYR A 129 17.62 -9.77 -7.73
N PHE A 130 17.78 -11.07 -7.85
CA PHE A 130 17.19 -11.78 -8.98
C PHE A 130 15.68 -11.75 -8.84
N PRO A 131 14.94 -11.50 -9.92
CA PRO A 131 13.47 -11.44 -9.81
C PRO A 131 12.90 -12.76 -9.31
N LYS A 132 12.32 -12.73 -8.12
CA LYS A 132 11.82 -13.94 -7.46
C LYS A 132 10.50 -14.36 -8.12
N GLY A 133 10.62 -14.81 -9.36
CA GLY A 133 9.45 -15.29 -10.09
C GLY A 133 9.39 -16.80 -10.14
N SER A 134 9.62 -17.37 -11.32
CA SER A 134 9.63 -18.81 -11.50
C SER A 134 10.86 -19.22 -12.29
N LEU A 135 11.38 -20.40 -12.00
CA LEU A 135 12.56 -20.92 -12.66
C LEU A 135 12.22 -22.22 -13.38
N THR A 136 12.72 -22.36 -14.60
CA THR A 136 12.57 -23.59 -15.36
C THR A 136 13.85 -24.41 -15.28
N THR A 137 13.73 -25.69 -15.62
CA THR A 137 14.88 -26.58 -15.54
C THR A 137 16.00 -26.15 -16.48
N ALA A 138 15.69 -25.40 -17.52
CA ALA A 138 16.71 -24.94 -18.46
C ALA A 138 17.47 -23.72 -17.96
N GLN A 139 17.01 -23.08 -16.89
CA GLN A 139 17.65 -21.87 -16.39
C GLN A 139 18.46 -22.09 -15.13
N ILE A 140 18.06 -23.02 -14.27
CA ILE A 140 18.75 -23.20 -12.99
C ILE A 140 20.20 -23.61 -13.18
N THR A 141 20.52 -24.25 -14.31
CA THR A 141 21.86 -24.79 -14.50
C THR A 141 22.86 -23.75 -14.97
N CYS A 142 22.42 -22.50 -15.19
CA CYS A 142 23.34 -21.45 -15.61
C CYS A 142 24.08 -20.81 -14.45
N PHE A 143 23.53 -20.83 -13.25
CA PHE A 143 24.24 -20.35 -12.08
C PHE A 143 25.35 -21.33 -11.70
N PRO A 144 26.33 -20.88 -10.91
CA PRO A 144 27.31 -21.84 -10.37
C PRO A 144 26.59 -22.92 -9.59
N HIS A 145 26.69 -24.17 -10.05
CA HIS A 145 25.82 -25.22 -9.57
C HIS A 145 26.61 -26.49 -9.33
N VAL A 146 26.05 -27.36 -8.48
CA VAL A 146 26.56 -28.71 -8.28
C VAL A 146 25.41 -29.68 -8.50
N MET A 147 25.66 -30.71 -9.30
CA MET A 147 24.65 -31.70 -9.65
C MET A 147 24.78 -32.89 -8.72
N CYS A 148 23.67 -33.26 -8.07
CA CYS A 148 23.64 -34.36 -7.12
C CYS A 148 22.80 -35.50 -7.66
N ASP A 149 23.24 -36.71 -7.36
CA ASP A 149 22.48 -37.92 -7.66
C ASP A 149 21.84 -38.42 -6.37
N VAL A 150 20.68 -39.07 -6.50
CA VAL A 150 19.95 -39.55 -5.34
C VAL A 150 20.69 -40.67 -4.61
N ARG A 151 21.44 -41.49 -5.33
CA ARG A 151 22.03 -42.71 -4.79
C ARG A 151 23.37 -42.46 -4.12
N THR A 152 23.78 -41.21 -3.95
CA THR A 152 25.08 -40.89 -3.39
C THR A 152 25.12 -41.23 -1.91
N LEU A 153 26.28 -41.72 -1.46
CA LEU A 153 26.48 -42.04 -0.05
C LEU A 153 27.12 -40.88 0.71
N GLU A 154 28.27 -40.42 0.24
CA GLU A 154 28.98 -39.36 0.94
C GLU A 154 28.21 -38.05 0.85
N PRO A 155 28.24 -37.23 1.89
CA PRO A 155 27.64 -35.90 1.81
C PRO A 155 28.42 -35.03 0.83
N ILE A 156 27.73 -34.04 0.26
CA ILE A 156 28.35 -33.12 -0.68
C ILE A 156 28.32 -31.72 -0.10
N GLN A 157 29.40 -30.96 -0.28
CA GLN A 157 29.53 -29.65 0.30
C GLN A 157 29.62 -28.58 -0.78
N LEU A 158 29.12 -27.40 -0.46
CA LEU A 158 29.16 -26.24 -1.35
C LEU A 158 29.52 -25.02 -0.51
N PRO A 159 30.12 -24.01 -1.13
CA PRO A 159 30.35 -22.75 -0.43
C PRO A 159 29.15 -21.82 -0.59
N LEU A 160 29.16 -20.75 0.20
CA LEU A 160 28.10 -19.76 0.16
C LEU A 160 28.75 -18.42 0.46
N LEU A 161 29.13 -17.70 -0.59
CA LEU A 161 29.76 -16.41 -0.41
C LEU A 161 28.73 -15.37 0.02
N ASP A 162 29.21 -14.19 0.35
CA ASP A 162 28.37 -13.05 0.71
C ASP A 162 28.59 -12.00 -0.39
N VAL A 163 27.58 -11.86 -1.25
CA VAL A 163 27.59 -10.86 -2.31
C VAL A 163 26.60 -9.78 -1.91
N ARG A 164 27.06 -8.55 -1.82
CA ARG A 164 26.27 -7.49 -1.21
C ARG A 164 26.67 -6.15 -1.80
N ARG A 165 25.85 -5.14 -1.55
CA ARG A 165 26.19 -3.76 -1.86
C ARG A 165 26.34 -2.90 -0.61
N VAL A 166 25.89 -3.37 0.54
CA VAL A 166 26.00 -2.63 1.78
C VAL A 166 27.17 -3.17 2.58
N LEU A 167 27.73 -2.31 3.44
CA LEU A 167 28.96 -2.68 4.14
C LEU A 167 28.73 -3.86 5.08
N TRP A 168 27.66 -3.83 5.88
CA TRP A 168 27.34 -4.92 6.77
C TRP A 168 25.84 -5.00 6.98
N HIS A 169 25.31 -6.22 6.98
CA HIS A 169 23.89 -6.44 7.15
C HIS A 169 23.47 -6.21 8.60
N ALA A 170 22.16 -6.10 8.80
CA ALA A 170 21.58 -5.89 10.12
C ALA A 170 20.78 -7.12 10.53
N THR A 171 20.93 -7.52 11.78
CA THR A 171 20.28 -8.76 12.24
C THR A 171 18.76 -8.65 12.20
N GLN A 172 18.21 -7.51 12.64
CA GLN A 172 16.77 -7.42 12.82
C GLN A 172 16.03 -7.27 11.49
N ASP A 173 16.72 -7.01 10.40
CA ASP A 173 16.11 -6.90 9.09
C ASP A 173 16.44 -8.11 8.24
N GLN A 174 15.42 -8.69 7.62
CA GLN A 174 15.64 -9.87 6.78
C GLN A 174 16.51 -9.52 5.57
N GLU A 175 16.27 -8.36 4.95
CA GLU A 175 17.05 -7.88 3.83
C GLU A 175 17.07 -8.87 2.68
N GLU A 176 18.02 -8.70 1.76
CA GLU A 176 18.22 -9.61 0.64
C GLU A 176 19.66 -10.08 0.63
N SER A 177 19.85 -11.39 0.51
CA SER A 177 21.18 -11.97 0.48
C SER A 177 21.18 -13.16 -0.47
N MET A 178 22.37 -13.62 -0.84
CA MET A 178 22.47 -14.66 -1.84
C MET A 178 21.83 -15.95 -1.34
N ARG A 179 20.94 -16.50 -2.15
CA ARG A 179 20.13 -17.64 -1.77
C ARG A 179 20.82 -18.95 -2.17
N LEU A 180 20.20 -20.05 -1.78
CA LEU A 180 20.62 -21.39 -2.19
C LEU A 180 19.35 -22.19 -2.41
N VAL A 181 19.00 -22.44 -3.67
CA VAL A 181 17.75 -23.09 -4.03
C VAL A 181 18.05 -24.34 -4.82
N CYS A 182 17.39 -25.44 -4.47
CA CYS A 182 17.55 -26.71 -5.17
C CYS A 182 16.23 -27.09 -5.83
N MET A 183 16.33 -27.77 -6.97
CA MET A 183 15.13 -28.12 -7.72
C MET A 183 15.34 -29.45 -8.43
N LEU A 184 14.25 -30.17 -8.62
CA LEU A 184 14.30 -31.52 -9.17
C LEU A 184 14.62 -31.45 -10.66
N TYR A 185 15.75 -32.02 -11.04
CA TYR A 185 16.19 -31.98 -12.43
C TYR A 185 15.53 -33.10 -13.25
N THR A 186 15.76 -34.34 -12.87
CA THR A 186 15.21 -35.49 -13.59
C THR A 186 14.18 -36.19 -12.74
N PRO A 187 13.02 -36.56 -13.29
CA PRO A 187 11.95 -37.13 -12.45
C PRO A 187 12.42 -38.41 -11.76
N LEU A 188 11.96 -38.59 -10.53
CA LEU A 188 12.32 -39.75 -9.73
C LEU A 188 11.46 -40.94 -10.13
N ARG A 189 12.08 -42.09 -10.33
CA ARG A 189 11.38 -43.28 -10.81
C ARG A 189 11.94 -44.51 -10.12
N THR A 190 11.08 -45.50 -9.90
CA THR A 190 11.47 -46.75 -9.26
C THR A 190 11.20 -47.91 -10.20
N ASN A 191 12.12 -48.88 -10.23
CA ASN A 191 11.93 -50.07 -11.04
C ASN A 191 10.75 -50.90 -10.59
N SER A 192 10.30 -50.71 -9.35
CA SER A 192 9.12 -51.42 -8.87
C SER A 192 7.88 -50.97 -9.63
N PRO A 193 6.85 -51.82 -9.72
CA PRO A 193 5.64 -51.42 -10.45
C PRO A 193 4.98 -50.16 -9.90
N GLY A 194 5.08 -49.91 -8.60
CA GLY A 194 4.50 -48.71 -8.02
C GLY A 194 3.04 -48.89 -7.66
N ASP A 195 2.43 -47.79 -7.21
CA ASP A 195 3.11 -46.50 -7.07
C ASP A 195 3.90 -46.44 -5.77
N GLU A 196 3.61 -47.37 -4.87
CA GLU A 196 4.33 -47.48 -3.60
C GLU A 196 4.19 -46.20 -2.78
N SER A 197 4.99 -46.08 -1.72
CA SER A 197 5.02 -44.88 -0.92
C SER A 197 6.46 -44.51 -0.57
N PHE A 198 7.42 -44.95 -1.38
CA PHE A 198 8.81 -44.69 -1.08
C PHE A 198 9.11 -43.20 -1.23
N VAL A 199 9.73 -42.62 -0.21
CA VAL A 199 10.12 -41.21 -0.22
C VAL A 199 11.59 -41.14 0.16
N VAL A 200 12.31 -40.23 -0.47
CA VAL A 200 13.72 -40.02 -0.15
C VAL A 200 13.83 -38.81 0.76
N SER A 201 14.45 -39.01 1.92
CA SER A 201 14.65 -37.94 2.89
C SER A 201 15.99 -37.26 2.64
N GLY A 202 16.06 -35.97 2.99
CA GLY A 202 17.28 -35.22 2.81
C GLY A 202 17.48 -34.17 3.88
N ARG A 203 18.72 -34.02 4.32
CA ARG A 203 19.05 -33.11 5.40
C ARG A 203 20.19 -32.19 5.01
N LEU A 204 20.25 -31.05 5.69
CA LEU A 204 21.25 -30.02 5.44
C LEU A 204 21.98 -29.68 6.73
N LEU A 205 23.28 -29.39 6.59
CA LEU A 205 24.11 -28.90 7.68
C LEU A 205 24.86 -27.68 7.18
N SER A 206 25.40 -26.89 8.11
CA SER A 206 26.10 -25.68 7.70
C SER A 206 27.13 -25.29 8.75
N LYS A 207 28.11 -24.51 8.30
CA LYS A 207 29.14 -24.03 9.23
C LYS A 207 29.74 -22.74 8.68
N PRO A 208 30.12 -21.80 9.53
CA PRO A 208 30.71 -20.56 9.04
C PRO A 208 32.05 -20.79 8.37
N ALA A 209 32.35 -19.95 7.39
CA ALA A 209 33.60 -20.03 6.65
C ALA A 209 34.71 -19.37 7.48
N ALA A 210 35.82 -19.06 6.83
CA ALA A 210 37.00 -18.55 7.54
C ALA A 210 36.98 -17.04 7.75
N ASP A 211 35.95 -16.33 7.32
CA ASP A 211 35.95 -14.87 7.35
C ASP A 211 34.61 -14.34 7.88
N PHE A 212 34.17 -14.86 9.02
CA PHE A 212 32.88 -14.49 9.59
C PHE A 212 33.09 -13.84 10.95
N ASN A 213 32.36 -12.75 11.21
CA ASN A 213 32.41 -12.10 12.51
C ASN A 213 31.26 -11.10 12.62
N PHE A 214 30.74 -10.94 13.84
CA PHE A 214 29.65 -10.03 14.12
C PHE A 214 30.22 -8.61 14.25
N VAL A 215 29.37 -7.64 14.59
CA VAL A 215 29.79 -6.25 14.51
C VAL A 215 29.71 -5.52 15.86
N TYR A 216 28.52 -5.38 16.41
CA TYR A 216 28.33 -4.53 17.59
C TYR A 216 27.88 -5.36 18.78
N LEU A 217 28.28 -4.95 19.98
CA LEU A 217 27.95 -5.63 21.22
C LEU A 217 26.66 -5.04 21.78
N THR A 218 25.83 -5.89 22.37
CA THR A 218 24.49 -5.52 22.77
C THR A 218 24.00 -6.41 23.90
N PRO A 219 23.25 -5.86 24.86
CA PRO A 219 22.71 -6.67 25.94
C PRO A 219 21.85 -7.81 25.42
N PRO A 220 21.95 -8.99 26.00
CA PRO A 220 21.25 -10.15 25.46
C PRO A 220 19.75 -10.10 25.70
N ILE A 221 18.99 -9.82 24.67
CA ILE A 221 17.53 -9.91 24.74
C ILE A 221 17.11 -11.31 24.32
N GLU A 222 16.01 -11.79 24.88
CA GLU A 222 15.56 -13.15 24.60
C GLU A 222 14.43 -13.21 23.59
N ARG A 223 13.74 -12.09 23.36
CA ARG A 223 12.65 -12.04 22.39
C ARG A 223 13.15 -11.36 21.13
N THR A 224 13.74 -12.15 20.23
CA THR A 224 14.29 -11.63 18.99
C THR A 224 14.01 -12.62 17.87
N ILE A 225 14.47 -12.27 16.67
CA ILE A 225 14.37 -13.14 15.51
C ILE A 225 15.36 -14.28 15.70
N TYR A 226 15.23 -15.35 14.92
CA TYR A 226 16.12 -16.50 15.00
C TYR A 226 16.05 -17.18 16.36
N ARG A 227 14.87 -17.16 16.98
CA ARG A 227 14.63 -17.83 18.25
C ARG A 227 13.74 -19.03 17.99
N MET A 228 14.23 -20.21 18.37
CA MET A 228 13.53 -21.45 18.04
C MET A 228 12.17 -21.49 18.73
N VAL A 229 11.15 -21.93 17.99
CA VAL A 229 9.81 -22.03 18.52
C VAL A 229 9.70 -23.22 19.45
N ASP A 230 9.14 -23.00 20.64
CA ASP A 230 8.89 -24.07 21.59
C ASP A 230 7.41 -24.10 21.97
N LEU A 231 7.00 -25.18 22.58
CA LEU A 231 5.60 -25.31 22.94
C LEU A 231 5.46 -25.61 24.43
N PRO A 232 4.36 -25.20 25.05
CA PRO A 232 4.18 -25.49 26.48
C PRO A 232 4.11 -26.98 26.74
N VAL A 233 4.67 -27.40 27.87
CA VAL A 233 4.66 -28.81 28.28
C VAL A 233 3.37 -29.00 29.06
N ILE A 234 2.29 -29.23 28.34
CA ILE A 234 0.96 -29.39 28.94
C ILE A 234 0.23 -30.49 28.18
N GLN A 235 -0.27 -31.47 28.91
CA GLN A 235 -1.05 -32.52 28.29
C GLN A 235 -2.43 -31.99 27.87
N PRO A 236 -2.97 -32.46 26.74
CA PRO A 236 -4.25 -31.94 26.26
C PRO A 236 -5.41 -32.16 27.21
N ARG A 237 -5.29 -33.10 28.17
CA ARG A 237 -6.35 -33.29 29.13
C ARG A 237 -6.57 -32.06 30.00
N LEU A 238 -5.48 -31.39 30.39
CA LEU A 238 -5.53 -30.24 31.28
C LEU A 238 -5.58 -28.92 30.52
N CYS A 239 -6.12 -28.92 29.32
CA CYS A 239 -6.25 -27.72 28.50
C CYS A 239 -7.70 -27.26 28.50
N THR A 240 -7.96 -26.20 27.72
CA THR A 240 -9.27 -25.59 27.65
C THR A 240 -9.68 -25.41 26.20
N HIS A 241 -10.93 -25.73 25.90
CA HIS A 241 -11.44 -25.55 24.55
C HIS A 241 -11.43 -24.09 24.16
N ALA A 242 -11.20 -23.82 22.87
CA ALA A 242 -11.12 -22.46 22.36
C ALA A 242 -12.44 -21.96 21.79
N ARG A 243 -13.50 -22.78 21.84
CA ARG A 243 -14.81 -22.33 21.34
C ARG A 243 -15.93 -22.59 22.33
N TRP A 244 -15.62 -23.00 23.56
CA TRP A 244 -16.62 -23.29 24.57
C TRP A 244 -15.96 -23.39 25.94
N PRO A 245 -16.58 -22.88 27.01
CA PRO A 245 -15.94 -22.94 28.32
C PRO A 245 -16.01 -24.32 28.95
N ALA A 246 -15.37 -25.30 28.32
CA ALA A 246 -15.33 -26.66 28.82
C ALA A 246 -13.94 -27.24 28.56
N PRO A 247 -13.49 -28.17 29.39
CA PRO A 247 -12.18 -28.79 29.16
C PRO A 247 -12.20 -29.68 27.92
N VAL A 248 -11.02 -29.86 27.34
CA VAL A 248 -10.89 -30.72 26.17
C VAL A 248 -11.15 -32.16 26.59
N TYR A 249 -11.99 -32.86 25.82
CA TYR A 249 -12.38 -34.22 26.15
C TYR A 249 -11.97 -35.25 25.11
N GLY A 250 -11.47 -34.83 23.95
CA GLY A 250 -11.03 -35.80 22.96
C GLY A 250 -10.10 -35.18 21.96
N LEU A 251 -9.30 -36.05 21.34
CA LEU A 251 -8.42 -35.68 20.24
C LEU A 251 -8.66 -36.67 19.12
N LEU A 252 -9.12 -36.20 17.96
CA LEU A 252 -9.56 -37.14 16.93
C LEU A 252 -9.43 -36.51 15.55
N VAL A 253 -9.46 -37.38 14.55
CA VAL A 253 -9.44 -37.01 13.15
C VAL A 253 -10.57 -37.74 12.44
N ASP A 254 -11.31 -37.00 11.61
CA ASP A 254 -12.47 -37.57 10.93
C ASP A 254 -12.62 -36.98 9.52
N PRO A 255 -12.58 -37.80 8.47
CA PRO A 255 -12.74 -37.29 7.11
C PRO A 255 -14.17 -37.16 6.63
N SER A 256 -15.14 -37.73 7.35
CA SER A 256 -16.54 -37.63 6.93
C SER A 256 -17.04 -36.19 6.97
N LEU A 257 -16.63 -35.44 7.98
CA LEU A 257 -17.02 -34.03 8.08
C LEU A 257 -16.31 -33.22 7.00
N PRO A 258 -16.86 -32.07 6.62
CA PRO A 258 -16.20 -31.24 5.61
C PRO A 258 -14.81 -30.82 6.05
N SER A 259 -13.87 -30.81 5.10
CA SER A 259 -12.47 -30.61 5.40
C SER A 259 -12.03 -29.15 5.31
N ASN A 260 -12.93 -28.23 5.03
CA ASN A 260 -12.61 -26.80 4.94
C ASN A 260 -13.61 -26.01 5.76
N PRO A 261 -13.51 -26.04 7.09
CA PRO A 261 -14.40 -25.25 7.92
C PRO A 261 -13.99 -23.78 7.92
N GLN A 262 -14.90 -22.95 8.41
CA GLN A 262 -14.70 -21.50 8.44
C GLN A 262 -15.01 -20.95 9.83
N TRP A 263 -14.47 -21.60 10.86
CA TRP A 263 -14.66 -21.12 12.22
C TRP A 263 -14.04 -19.74 12.39
N GLN A 264 -14.71 -18.89 13.15
CA GLN A 264 -14.23 -17.55 13.44
C GLN A 264 -13.57 -17.44 14.80
N ASN A 265 -13.40 -18.55 15.51
CA ASN A 265 -12.76 -18.56 16.82
C ASN A 265 -11.64 -19.58 16.84
N GLY A 266 -10.68 -19.37 17.73
CA GLY A 266 -9.53 -20.24 17.79
C GLY A 266 -8.64 -20.17 16.58
N ARG A 267 -8.45 -18.99 16.01
CA ARG A 267 -7.60 -18.79 14.85
C ARG A 267 -6.52 -17.78 15.22
N VAL A 268 -5.26 -18.20 15.14
CA VAL A 268 -4.13 -17.34 15.49
C VAL A 268 -2.94 -17.75 14.64
N HIS A 269 -2.25 -16.77 14.07
CA HIS A 269 -1.04 -17.04 13.33
C HIS A 269 0.08 -17.46 14.27
N VAL A 270 1.09 -18.11 13.71
CA VAL A 270 2.24 -18.52 14.51
C VAL A 270 2.99 -17.30 15.01
N ASP A 271 3.09 -16.25 14.19
CA ASP A 271 3.81 -15.06 14.59
C ASP A 271 3.14 -14.38 15.79
N GLY A 272 1.81 -14.35 15.82
CA GLY A 272 1.09 -13.75 16.93
C GLY A 272 -0.08 -12.90 16.50
N THR A 273 -0.30 -12.79 15.20
CA THR A 273 -1.40 -11.99 14.67
C THR A 273 -2.72 -12.74 14.90
N LEU A 274 -3.59 -12.16 15.73
CA LEU A 274 -4.88 -12.79 15.97
C LEU A 274 -5.82 -12.52 14.80
N LEU A 275 -6.54 -13.55 14.37
CA LEU A 275 -7.45 -13.46 13.24
C LEU A 275 -8.87 -13.78 13.70
N GLY A 276 -9.83 -12.99 13.24
CA GLY A 276 -11.22 -13.24 13.60
C GLY A 276 -11.56 -12.60 14.94
N THR A 277 -12.41 -13.29 15.70
CA THR A 277 -12.93 -12.80 16.97
C THR A 277 -12.36 -13.58 18.15
N THR A 278 -11.08 -13.92 18.09
CA THR A 278 -10.45 -14.74 19.12
C THR A 278 -9.99 -13.88 20.28
N PRO A 279 -10.45 -14.14 21.50
CA PRO A 279 -9.95 -13.39 22.66
C PRO A 279 -8.71 -14.02 23.27
N ILE A 280 -7.90 -13.18 23.91
CA ILE A 280 -6.66 -13.66 24.51
C ILE A 280 -6.95 -14.60 25.67
N SER A 281 -7.84 -14.19 26.57
CA SER A 281 -8.15 -15.01 27.74
C SER A 281 -9.06 -16.16 27.35
N GLY A 282 -9.03 -17.22 28.17
CA GLY A 282 -9.91 -18.34 27.98
C GLY A 282 -11.28 -18.20 28.61
N SER A 283 -11.56 -17.07 29.24
CA SER A 283 -12.84 -16.83 29.90
C SER A 283 -13.74 -15.88 29.13
N TRP A 284 -13.25 -15.29 28.04
CA TRP A 284 -14.07 -14.41 27.20
C TRP A 284 -14.83 -15.16 26.12
N VAL A 285 -14.55 -16.45 25.91
CA VAL A 285 -15.12 -17.15 24.78
C VAL A 285 -16.60 -17.38 24.98
N SER A 286 -17.37 -17.25 23.91
CA SER A 286 -18.81 -17.53 23.85
C SER A 286 -19.64 -16.65 24.78
N CYS A 287 -19.03 -15.65 25.41
CA CYS A 287 -19.72 -14.77 26.34
C CYS A 287 -19.36 -13.33 26.01
N PHE A 288 -20.26 -12.40 26.38
CA PHE A 288 -20.07 -11.00 25.98
C PHE A 288 -20.51 -10.09 27.12
N ALA A 289 -20.50 -8.78 26.83
CA ALA A 289 -20.90 -7.76 27.80
C ALA A 289 -21.58 -6.61 27.07
N ALA A 290 -22.64 -6.08 27.68
CA ALA A 290 -23.42 -5.07 26.98
C ALA A 290 -24.19 -4.20 27.96
N GLU A 291 -24.56 -3.02 27.49
CA GLU A 291 -25.50 -2.15 28.18
C GLU A 291 -26.91 -2.56 27.75
N ALA A 292 -27.75 -2.90 28.73
CA ALA A 292 -29.03 -3.53 28.46
C ALA A 292 -30.18 -2.65 28.94
N ALA A 293 -31.21 -2.54 28.09
CA ALA A 293 -32.44 -1.83 28.41
C ALA A 293 -33.61 -2.79 28.27
N TYR A 294 -34.47 -2.84 29.28
CA TYR A 294 -35.56 -3.81 29.33
C TYR A 294 -36.90 -3.14 29.09
N GLU A 295 -37.84 -3.91 28.54
CA GLU A 295 -39.18 -3.40 28.27
C GLU A 295 -40.15 -4.56 28.30
N PHE A 296 -41.31 -4.35 28.93
CA PHE A 296 -42.32 -5.38 29.01
C PHE A 296 -43.13 -5.43 27.71
N GLN A 297 -44.05 -6.38 27.63
CA GLN A 297 -44.88 -6.57 26.45
C GLN A 297 -46.26 -7.05 26.89
N SER A 298 -47.02 -7.61 25.95
CA SER A 298 -48.38 -8.06 26.18
C SER A 298 -48.54 -9.52 25.77
N GLY A 299 -47.59 -10.35 26.17
CA GLY A 299 -47.64 -11.76 25.83
C GLY A 299 -46.29 -12.29 25.37
N THR A 300 -45.51 -11.44 24.70
CA THR A 300 -44.16 -11.82 24.33
C THR A 300 -43.29 -12.04 25.56
N GLY A 301 -43.44 -11.18 26.55
CA GLY A 301 -42.64 -11.23 27.77
C GLY A 301 -41.69 -10.05 27.86
N GLU A 302 -40.69 -10.21 28.70
CA GLU A 302 -39.67 -9.17 28.86
C GLU A 302 -38.72 -9.21 27.67
N VAL A 303 -38.67 -8.12 26.92
CA VAL A 303 -37.78 -7.97 25.78
C VAL A 303 -36.65 -7.04 26.17
N ALA A 304 -35.41 -7.49 26.01
CA ALA A 304 -34.25 -6.74 26.41
C ALA A 304 -33.36 -6.47 25.19
N THR A 305 -32.97 -5.20 25.05
CA THR A 305 -32.10 -4.76 23.97
C THR A 305 -30.71 -4.47 24.53
N PHE A 306 -29.70 -5.06 23.92
CA PHE A 306 -28.31 -4.96 24.37
C PHE A 306 -27.49 -4.22 23.32
N THR A 307 -26.72 -3.24 23.78
CA THR A 307 -25.69 -2.60 22.98
C THR A 307 -24.34 -3.12 23.47
N LEU A 308 -23.63 -3.82 22.59
CA LEU A 308 -22.44 -4.57 22.99
C LEU A 308 -21.24 -3.66 23.19
N ILE A 309 -20.41 -4.02 24.17
CA ILE A 309 -19.12 -3.37 24.40
C ILE A 309 -18.09 -4.43 24.70
N GLU A 310 -16.82 -4.06 24.58
CA GLU A 310 -15.74 -4.99 24.88
C GLU A 310 -15.75 -5.36 26.36
N GLN A 311 -15.27 -6.57 26.65
CA GLN A 311 -15.35 -7.10 28.00
C GLN A 311 -14.60 -6.25 29.02
N ASP A 312 -13.56 -5.54 28.59
CA ASP A 312 -12.77 -4.70 29.47
C ASP A 312 -13.36 -3.30 29.62
N GLY A 313 -14.50 -3.02 28.98
CA GLY A 313 -15.15 -1.74 29.10
C GLY A 313 -14.87 -0.77 27.97
N SER A 314 -13.88 -1.05 27.13
CA SER A 314 -13.59 -0.17 26.00
C SER A 314 -14.73 -0.20 24.99
N ALA A 315 -14.96 0.93 24.35
CA ALA A 315 -16.06 1.05 23.39
C ALA A 315 -15.78 0.19 22.16
N TYR A 316 -16.86 -0.20 21.48
CA TYR A 316 -16.78 -1.03 20.29
C TYR A 316 -17.05 -0.16 19.06
N VAL A 317 -16.19 -0.27 18.06
CA VAL A 317 -16.32 0.47 16.81
C VAL A 317 -16.28 -0.54 15.67
N PRO A 318 -17.20 -0.47 14.70
CA PRO A 318 -17.13 -1.39 13.57
C PRO A 318 -15.84 -1.21 12.78
N GLY A 319 -15.31 -2.33 12.29
CA GLY A 319 -14.08 -2.31 11.52
C GLY A 319 -13.94 -3.54 10.64
N ASP A 320 -12.72 -4.06 10.53
CA ASP A 320 -12.47 -5.26 9.74
C ASP A 320 -12.73 -6.55 10.51
N ARG A 321 -12.99 -6.46 11.80
CA ARG A 321 -13.33 -7.62 12.61
C ARG A 321 -14.82 -7.89 12.49
N ALA A 322 -15.18 -9.17 12.39
CA ALA A 322 -16.57 -9.54 12.10
C ALA A 322 -17.50 -9.13 13.23
N ALA A 323 -17.08 -9.32 14.47
CA ALA A 323 -17.96 -9.13 15.62
C ALA A 323 -17.12 -8.76 16.83
N PRO A 324 -17.75 -8.32 17.92
CA PRO A 324 -16.99 -8.11 19.16
C PRO A 324 -16.34 -9.40 19.63
N LEU A 325 -15.20 -9.26 20.29
CA LEU A 325 -14.42 -10.42 20.71
C LEU A 325 -15.23 -11.33 21.62
N GLY A 326 -15.10 -12.63 21.39
CA GLY A 326 -15.74 -13.63 22.22
C GLY A 326 -17.17 -13.97 21.85
N TYR A 327 -17.73 -13.30 20.85
CA TYR A 327 -19.11 -13.60 20.45
C TYR A 327 -19.18 -15.00 19.86
N PRO A 328 -20.22 -15.77 20.18
CA PRO A 328 -20.36 -17.12 19.60
C PRO A 328 -20.51 -17.06 18.09
N ASP A 329 -20.02 -18.11 17.44
CA ASP A 329 -20.05 -18.22 15.98
C ASP A 329 -20.67 -19.55 15.55
N PHE A 330 -21.73 -19.97 16.23
CA PHE A 330 -22.46 -21.18 15.88
C PHE A 330 -23.96 -20.92 15.94
N SER A 331 -24.70 -21.61 15.07
CA SER A 331 -26.13 -21.37 14.93
C SER A 331 -26.93 -22.18 15.94
N GLY A 332 -28.06 -21.63 16.36
CA GLY A 332 -28.94 -22.30 17.29
C GLY A 332 -29.63 -21.30 18.18
N GLN A 333 -30.26 -21.82 19.24
CA GLN A 333 -30.91 -21.01 20.26
C GLN A 333 -30.12 -21.16 21.56
N LEU A 334 -29.74 -20.03 22.14
CA LEU A 334 -28.84 -20.00 23.28
C LEU A 334 -29.58 -19.54 24.52
N GLU A 335 -29.46 -20.30 25.61
CA GLU A 335 -29.97 -19.92 26.91
C GLU A 335 -28.82 -19.38 27.74
N ILE A 336 -28.96 -18.14 28.21
CA ILE A 336 -27.89 -17.45 28.91
C ILE A 336 -28.39 -17.05 30.30
N GLU A 337 -27.44 -16.73 31.17
CA GLU A 337 -27.72 -16.29 32.54
C GLU A 337 -27.28 -14.84 32.71
N ILE A 338 -28.17 -14.01 33.25
CA ILE A 338 -27.95 -12.57 33.34
C ILE A 338 -28.20 -12.12 34.76
N GLN A 339 -27.27 -11.32 35.29
CA GLN A 339 -27.46 -10.69 36.59
C GLN A 339 -28.25 -9.40 36.44
N THR A 340 -29.38 -9.30 37.15
CA THR A 340 -30.23 -8.12 37.09
C THR A 340 -30.55 -7.68 38.51
N GLU A 341 -30.97 -6.42 38.64
CA GLU A 341 -31.49 -5.89 39.89
C GLU A 341 -32.94 -5.50 39.67
N THR A 342 -33.79 -5.81 40.64
CA THR A 342 -35.22 -5.63 40.49
C THR A 342 -35.70 -4.45 41.32
N THR A 343 -36.98 -4.11 41.17
CA THR A 343 -37.57 -2.96 41.84
C THR A 343 -38.49 -3.32 42.99
N LYS A 344 -39.29 -4.38 42.86
CA LYS A 344 -40.26 -4.69 43.90
C LYS A 344 -39.56 -5.22 45.15
N THR A 345 -40.27 -5.12 46.28
CA THR A 345 -39.71 -5.52 47.56
C THR A 345 -39.56 -7.04 47.64
N GLY A 346 -38.80 -7.47 48.65
CA GLY A 346 -38.57 -8.87 48.90
C GLY A 346 -37.25 -9.39 48.36
N ASP A 347 -36.66 -8.72 47.37
CA ASP A 347 -35.36 -9.10 46.85
C ASP A 347 -34.79 -7.92 46.06
N LYS A 348 -33.47 -7.94 45.90
CA LYS A 348 -32.78 -6.87 45.20
C LYS A 348 -32.10 -7.33 43.92
N LEU A 349 -31.28 -8.38 43.98
CA LEU A 349 -30.52 -8.86 42.84
C LEU A 349 -30.91 -10.29 42.53
N LYS A 350 -31.16 -10.57 41.25
CA LYS A 350 -31.57 -11.89 40.80
C LYS A 350 -30.73 -12.30 39.59
N VAL A 351 -30.77 -13.59 39.29
CA VAL A 351 -30.17 -14.16 38.09
C VAL A 351 -31.28 -14.75 37.24
N THR A 352 -31.36 -14.31 35.99
CA THR A 352 -32.45 -14.65 35.10
C THR A 352 -31.93 -15.41 33.88
N THR A 353 -32.77 -16.30 33.35
CA THR A 353 -32.45 -17.06 32.15
C THR A 353 -33.08 -16.38 30.95
N PHE A 354 -32.29 -16.18 29.89
CA PHE A 354 -32.71 -15.45 28.72
C PHE A 354 -32.47 -16.28 27.47
N GLU A 355 -33.29 -16.03 26.45
CA GLU A 355 -33.20 -16.74 25.18
C GLU A 355 -32.59 -15.83 24.12
N MET A 356 -31.81 -16.44 23.23
CA MET A 356 -31.07 -15.70 22.21
C MET A 356 -31.15 -16.49 20.92
N ILE A 357 -31.43 -15.80 19.81
CA ILE A 357 -31.57 -16.42 18.51
C ILE A 357 -30.41 -15.95 17.63
N LEU A 358 -29.65 -16.90 17.10
CA LEU A 358 -28.49 -16.59 16.27
C LEU A 358 -28.56 -17.18 14.87
N GLY A 359 -29.26 -18.30 14.68
CA GLY A 359 -29.30 -18.94 13.40
C GLY A 359 -30.03 -18.10 12.37
N PRO A 360 -29.93 -18.51 11.10
CA PRO A 360 -30.55 -17.74 10.00
C PRO A 360 -32.07 -17.83 10.02
N THR A 361 -32.68 -17.49 11.16
CA THR A 361 -34.13 -17.52 11.30
C THR A 361 -34.78 -16.37 10.52
N THR A 362 -34.12 -15.21 10.48
CA THR A 362 -34.54 -13.99 9.79
C THR A 362 -35.77 -13.35 10.41
N ASN A 363 -36.39 -13.96 11.41
CA ASN A 363 -37.55 -13.38 12.08
C ASN A 363 -37.15 -12.57 13.30
N ALA A 364 -36.21 -11.64 13.11
CA ALA A 364 -35.71 -10.78 14.17
C ALA A 364 -34.81 -9.73 13.52
N ASP A 365 -34.25 -8.85 14.35
CA ASP A 365 -33.29 -7.83 13.91
C ASP A 365 -32.00 -8.06 14.68
N GLN A 366 -31.16 -8.95 14.14
CA GLN A 366 -29.89 -9.31 14.77
C GLN A 366 -28.75 -8.70 13.97
N ALA A 367 -27.86 -7.99 14.66
CA ALA A 367 -26.70 -7.36 14.02
C ALA A 367 -25.60 -7.17 15.07
N PRO A 368 -24.90 -8.24 15.44
CA PRO A 368 -23.72 -8.08 16.29
C PRO A 368 -22.63 -7.26 15.64
N TYR A 369 -22.62 -7.19 14.30
CA TYR A 369 -21.68 -6.30 13.61
C TYR A 369 -21.97 -4.85 13.97
N GLN A 370 -23.25 -4.47 14.03
CA GLN A 370 -23.65 -3.12 14.39
C GLN A 370 -23.87 -2.95 15.89
N GLY A 371 -23.62 -3.99 16.67
CA GLY A 371 -23.74 -3.90 18.12
C GLY A 371 -25.15 -3.73 18.64
N ARG A 372 -26.12 -4.45 18.06
CA ARG A 372 -27.47 -4.50 18.59
C ARG A 372 -27.89 -5.95 18.76
N VAL A 373 -28.43 -6.28 19.92
CA VAL A 373 -28.82 -7.65 20.24
C VAL A 373 -30.18 -7.62 20.93
N PHE A 374 -31.03 -8.59 20.62
CA PHE A 374 -32.35 -8.69 21.22
C PHE A 374 -32.51 -10.04 21.92
N ALA A 375 -33.04 -10.02 23.14
CA ALA A 375 -33.27 -11.23 23.90
C ALA A 375 -34.66 -11.18 24.54
N SER A 376 -35.20 -12.36 24.85
CA SER A 376 -36.55 -12.43 25.38
C SER A 376 -36.67 -13.58 26.38
N VAL A 377 -37.65 -13.46 27.26
CA VAL A 377 -38.06 -14.51 28.19
C VAL A 377 -39.58 -14.57 28.15
N THR A 378 -40.14 -15.73 28.49
CA THR A 378 -41.57 -15.93 28.32
C THR A 378 -42.39 -15.06 29.27
N ALA A 379 -42.31 -15.33 30.57
CA ALA A 379 -42.85 -14.48 31.63
C ALA A 379 -42.59 -15.15 32.97
N ALA A 380 -42.54 -14.36 34.04
CA ALA A 380 -42.74 -14.88 35.38
C ALA A 380 -43.97 -14.28 36.04
N ALA A 381 -43.99 -12.96 36.24
CA ALA A 381 -45.20 -12.22 36.58
C ALA A 381 -45.34 -10.88 35.86
N SER A 382 -44.22 -10.27 35.43
CA SER A 382 -44.13 -8.91 34.91
C SER A 382 -42.66 -8.54 34.89
N LEU A 383 -42.03 -8.57 36.07
CA LEU A 383 -40.59 -8.50 36.25
C LEU A 383 -40.02 -7.21 35.65
N ASP A 384 -40.44 -6.09 36.25
CA ASP A 384 -39.95 -4.79 35.84
C ASP A 384 -38.52 -4.58 36.35
N LEU A 385 -37.58 -4.43 35.42
CA LEU A 385 -36.18 -4.21 35.73
C LEU A 385 -35.69 -3.01 34.94
N VAL A 386 -34.55 -2.44 35.38
CA VAL A 386 -34.06 -1.19 34.83
C VAL A 386 -32.84 -1.45 33.96
N ASP A 387 -32.38 -0.39 33.29
CA ASP A 387 -31.18 -0.46 32.46
C ASP A 387 -29.97 -0.79 33.31
N GLY A 388 -28.97 -1.42 32.70
CA GLY A 388 -27.75 -1.72 33.42
C GLY A 388 -26.69 -2.33 32.54
N ARG A 389 -25.45 -2.18 32.99
CA ARG A 389 -24.30 -2.77 32.31
C ARG A 389 -24.10 -4.18 32.83
N VAL A 390 -24.31 -5.18 31.97
CA VAL A 390 -24.32 -6.58 32.39
C VAL A 390 -23.39 -7.38 31.49
N ARG A 391 -23.12 -8.62 31.93
CA ARG A 391 -22.27 -9.55 31.19
C ARG A 391 -23.02 -10.86 31.03
N ALA A 392 -23.06 -11.37 29.80
CA ALA A 392 -23.81 -12.57 29.46
C ALA A 392 -22.87 -13.74 29.26
N VAL A 393 -23.16 -14.84 29.95
CA VAL A 393 -22.40 -16.09 29.88
C VAL A 393 -23.33 -17.20 29.42
N PRO A 394 -22.93 -18.02 28.44
CA PRO A 394 -23.84 -19.06 27.94
C PRO A 394 -24.10 -20.15 28.97
N ARG A 395 -25.30 -20.70 28.91
CA ARG A 395 -25.70 -21.81 29.77
C ARG A 395 -26.14 -23.04 29.01
N SER A 396 -26.95 -22.88 27.96
CA SER A 396 -27.51 -24.03 27.25
C SER A 396 -27.64 -23.72 25.77
N ILE A 397 -27.70 -24.77 24.97
CA ILE A 397 -27.77 -24.65 23.51
C ILE A 397 -28.85 -25.59 22.98
N TYR A 398 -29.59 -25.13 21.97
CA TYR A 398 -30.69 -25.87 21.38
C TYR A 398 -30.56 -25.79 19.87
N GLY A 399 -30.59 -26.96 19.21
CA GLY A 399 -30.54 -27.01 17.77
C GLY A 399 -29.18 -26.59 17.22
N PHE A 400 -28.15 -27.40 17.47
CA PHE A 400 -26.81 -27.05 17.05
C PHE A 400 -26.66 -27.27 15.54
N GLN A 401 -26.20 -26.23 14.85
CA GLN A 401 -25.80 -26.33 13.45
C GLN A 401 -24.49 -25.56 13.29
N ASP A 402 -23.46 -26.24 12.80
CA ASP A 402 -22.15 -25.61 12.66
C ASP A 402 -22.11 -24.69 11.44
N THR A 403 -22.78 -23.55 11.53
CA THR A 403 -22.79 -22.57 10.45
C THR A 403 -22.68 -21.18 11.06
N ILE A 404 -22.08 -20.26 10.31
CA ILE A 404 -21.88 -18.90 10.81
C ILE A 404 -23.24 -18.24 11.02
N PRO A 405 -23.48 -17.61 12.17
CA PRO A 405 -24.78 -16.98 12.42
C PRO A 405 -24.94 -15.65 11.70
N GLU A 406 -26.05 -14.97 11.96
CA GLU A 406 -26.33 -13.68 11.32
C GLU A 406 -25.46 -12.58 11.90
N TYR A 407 -24.23 -12.43 11.38
CA TYR A 407 -23.37 -11.34 11.83
C TYR A 407 -23.97 -9.98 11.46
N ASN A 408 -24.49 -9.86 10.25
CA ASN A 408 -25.27 -8.72 9.83
C ASN A 408 -26.73 -9.12 9.77
N ASP A 409 -27.59 -8.16 9.40
CA ASP A 409 -29.01 -8.47 9.23
C ASP A 409 -29.21 -9.49 8.12
N GLY A 410 -28.85 -9.12 6.89
CA GLY A 410 -28.90 -10.04 5.78
C GLY A 410 -27.77 -9.81 4.80
N LEU A 411 -26.83 -8.95 5.16
CA LEU A 411 -25.76 -8.54 4.27
C LEU A 411 -24.49 -9.35 4.55
N LEU A 412 -23.39 -8.95 3.93
CA LEU A 412 -22.10 -9.60 4.11
C LEU A 412 -21.27 -8.87 5.16
N VAL A 413 -20.21 -9.52 5.63
CA VAL A 413 -19.34 -8.96 6.66
C VAL A 413 -17.94 -9.53 6.43
N PRO A 414 -16.87 -8.76 6.64
CA PRO A 414 -15.53 -9.34 6.55
C PRO A 414 -15.35 -10.52 7.50
N LEU A 415 -14.77 -11.60 6.98
CA LEU A 415 -14.64 -12.84 7.72
C LEU A 415 -13.25 -13.41 7.52
N ALA A 416 -12.83 -14.24 8.46
CA ALA A 416 -11.59 -14.97 8.31
C ALA A 416 -11.72 -15.99 7.18
N PRO A 417 -10.67 -16.18 6.39
CA PRO A 417 -10.76 -17.11 5.25
C PRO A 417 -10.87 -18.55 5.74
N PRO A 418 -11.40 -19.44 4.92
CA PRO A 418 -11.43 -20.87 5.28
C PRO A 418 -10.01 -21.41 5.42
N ILE A 419 -9.92 -22.64 5.93
CA ILE A 419 -8.62 -23.15 6.35
C ILE A 419 -7.70 -23.40 5.16
N GLY A 420 -8.03 -24.41 4.35
CA GLY A 420 -7.20 -24.78 3.23
C GLY A 420 -5.74 -25.01 3.62
N PRO A 421 -4.86 -25.22 2.65
CA PRO A 421 -5.06 -25.67 1.27
C PRO A 421 -4.54 -27.09 1.15
N PHE A 422 -4.95 -27.98 2.07
CA PHE A 422 -4.33 -29.27 2.31
C PHE A 422 -3.88 -29.98 1.04
N LEU A 423 -2.67 -30.54 1.09
CA LEU A 423 -2.17 -31.38 0.02
C LEU A 423 -3.01 -32.65 -0.09
N PRO A 424 -3.03 -33.29 -1.25
CA PRO A 424 -3.81 -34.52 -1.39
C PRO A 424 -3.38 -35.57 -0.39
N GLY A 425 -4.35 -36.28 0.18
CA GLY A 425 -4.08 -37.25 1.20
C GLY A 425 -3.87 -36.70 2.59
N GLU A 426 -4.05 -35.39 2.78
CA GLU A 426 -3.87 -34.76 4.07
C GLU A 426 -5.22 -34.31 4.63
N VAL A 427 -5.38 -34.46 5.94
CA VAL A 427 -6.59 -34.08 6.66
C VAL A 427 -6.18 -33.21 7.84
N LEU A 428 -7.18 -32.69 8.55
CA LEU A 428 -6.95 -31.77 9.65
C LEU A 428 -7.22 -32.45 10.97
N LEU A 429 -6.37 -32.17 11.96
CA LEU A 429 -6.58 -32.69 13.30
C LEU A 429 -7.66 -31.88 14.02
N ARG A 430 -8.44 -32.54 14.86
CA ARG A 430 -9.53 -31.89 15.56
C ARG A 430 -9.42 -32.14 17.06
N PHE A 431 -9.64 -31.10 17.85
CA PHE A 431 -9.82 -31.21 19.29
C PHE A 431 -11.30 -31.18 19.59
N ARG A 432 -11.80 -32.22 20.24
CA ARG A 432 -13.23 -32.45 20.41
C ARG A 432 -13.64 -32.13 21.84
N THR A 433 -14.67 -31.30 21.98
CA THR A 433 -15.21 -30.94 23.29
C THR A 433 -16.72 -31.05 23.26
N TYR A 434 -17.28 -31.63 24.32
CA TYR A 434 -18.71 -31.89 24.35
C TYR A 434 -19.48 -30.69 24.91
N MET A 435 -20.81 -30.78 24.84
CA MET A 435 -21.69 -29.63 25.02
C MET A 435 -22.64 -29.89 26.18
N ARG A 436 -23.47 -28.88 26.46
CA ARG A 436 -24.62 -28.99 27.35
C ARG A 436 -25.88 -28.87 26.49
N GLN A 437 -26.51 -29.99 26.18
CA GLN A 437 -27.56 -30.05 25.18
C GLN A 437 -28.94 -30.08 25.82
N ILE A 438 -29.88 -29.41 25.16
CA ILE A 438 -31.30 -29.51 25.48
C ILE A 438 -31.98 -30.22 24.32
N ASP A 439 -32.55 -31.39 24.60
CA ASP A 439 -33.10 -32.24 23.56
C ASP A 439 -34.27 -33.02 24.11
N THR A 440 -35.09 -33.54 23.19
CA THR A 440 -36.28 -34.32 23.53
C THR A 440 -36.26 -35.72 22.93
N ALA A 441 -35.69 -35.89 21.74
CA ALA A 441 -35.77 -37.15 21.03
C ALA A 441 -34.56 -38.04 21.29
N ASP A 442 -33.36 -37.55 20.98
CA ASP A 442 -32.15 -38.34 21.01
C ASP A 442 -31.32 -37.95 22.22
N ALA A 443 -30.67 -38.93 22.83
CA ALA A 443 -29.84 -38.72 24.02
C ALA A 443 -28.37 -38.52 23.70
N ALA A 444 -27.99 -38.52 22.43
CA ALA A 444 -26.59 -38.33 22.06
C ALA A 444 -26.17 -36.89 22.37
N ALA A 445 -24.90 -36.74 22.78
CA ALA A 445 -24.35 -35.45 23.15
C ALA A 445 -23.58 -34.86 21.98
N GLU A 446 -23.84 -33.59 21.69
CA GLU A 446 -23.15 -32.92 20.60
C GLU A 446 -21.67 -32.71 20.94
N ALA A 447 -20.88 -32.49 19.90
CA ALA A 447 -19.45 -32.26 20.05
C ALA A 447 -19.02 -31.14 19.11
N ILE A 448 -18.00 -30.41 19.53
CA ILE A 448 -17.46 -29.27 18.78
C ILE A 448 -15.99 -29.55 18.51
N ASP A 449 -15.57 -29.34 17.27
CA ASP A 449 -14.18 -29.51 16.86
C ASP A 449 -13.51 -28.14 16.77
N CYS A 450 -12.30 -28.04 17.31
CA CYS A 450 -11.49 -26.84 17.18
C CYS A 450 -10.11 -27.19 16.63
N ALA A 451 -9.51 -26.23 15.95
CA ALA A 451 -8.18 -26.43 15.37
C ALA A 451 -7.10 -26.38 16.44
N LEU A 452 -7.18 -25.41 17.34
CA LEU A 452 -6.24 -25.28 18.44
C LEU A 452 -6.98 -25.00 19.72
N PRO A 453 -6.50 -25.51 20.85
CA PRO A 453 -7.17 -25.25 22.12
C PRO A 453 -6.64 -23.98 22.77
N GLN A 454 -7.19 -23.62 23.93
CA GLN A 454 -6.61 -22.55 24.70
C GLN A 454 -5.26 -23.02 25.28
N GLU A 455 -4.51 -22.07 25.83
CA GLU A 455 -3.08 -22.21 26.12
C GLU A 455 -2.26 -22.48 24.86
N PHE A 456 -2.89 -22.52 23.69
CA PHE A 456 -2.19 -22.55 22.42
C PHE A 456 -2.44 -21.29 21.59
N VAL A 457 -3.65 -20.72 21.64
CA VAL A 457 -3.83 -19.35 21.20
C VAL A 457 -3.07 -18.40 22.12
N SER A 458 -3.15 -18.64 23.42
CA SER A 458 -2.17 -18.09 24.33
C SER A 458 -0.83 -18.80 24.11
N TRP A 459 0.24 -18.19 24.63
CA TRP A 459 1.62 -18.56 24.32
C TRP A 459 1.94 -18.12 22.90
N PHE A 460 0.92 -17.68 22.17
CA PHE A 460 1.05 -16.92 20.94
C PHE A 460 0.43 -15.55 21.21
N ALA A 461 0.98 -14.53 20.53
CA ALA A 461 0.72 -13.12 20.78
C ALA A 461 1.31 -12.66 22.11
N SER A 462 1.86 -13.58 22.91
CA SER A 462 2.70 -13.22 24.04
C SER A 462 4.18 -13.34 23.71
N ASN A 463 4.51 -13.95 22.57
CA ASN A 463 5.88 -14.08 22.11
C ASN A 463 5.93 -13.69 20.63
N ALA A 464 6.94 -12.89 20.28
CA ALA A 464 7.09 -12.42 18.90
C ALA A 464 7.86 -13.45 18.07
N PHE A 465 7.23 -14.60 17.88
CA PHE A 465 7.83 -15.65 17.07
C PHE A 465 7.90 -15.22 15.61
N THR A 466 9.03 -15.51 14.97
CA THR A 466 9.23 -15.23 13.56
C THR A 466 9.20 -16.54 12.79
N VAL A 467 8.34 -16.61 11.78
CA VAL A 467 8.07 -17.89 11.12
C VAL A 467 9.30 -18.39 10.38
N GLN A 468 9.93 -17.53 9.58
CA GLN A 468 11.22 -17.78 8.96
C GLN A 468 11.11 -18.88 7.89
N SER A 469 9.96 -19.56 7.84
CA SER A 469 9.73 -20.59 6.84
C SER A 469 8.22 -20.82 6.74
N GLU A 470 7.84 -21.91 6.08
CA GLU A 470 6.42 -22.13 5.78
C GLU A 470 5.74 -23.01 6.83
N ALA A 471 6.22 -24.22 7.03
CA ALA A 471 5.55 -25.16 7.92
C ALA A 471 6.47 -25.56 9.08
N LEU A 472 5.85 -26.00 10.16
CA LEU A 472 6.56 -26.44 11.36
C LEU A 472 6.22 -27.88 11.64
N LEU A 473 7.24 -28.73 11.83
CA LEU A 473 7.06 -30.16 11.99
C LEU A 473 7.03 -30.50 13.48
N LEU A 474 5.97 -31.19 13.90
CA LEU A 474 5.80 -31.56 15.30
C LEU A 474 5.99 -33.07 15.47
N ARG A 475 5.78 -33.53 16.71
CA ARG A 475 5.96 -34.93 17.04
C ARG A 475 5.21 -35.21 18.33
N TYR A 476 4.37 -36.24 18.33
CA TYR A 476 3.57 -36.60 19.50
C TYR A 476 4.13 -37.88 20.10
N ARG A 477 4.37 -37.86 21.42
CA ARG A 477 4.91 -39.04 22.08
C ARG A 477 4.44 -39.08 23.52
N ASN A 478 4.45 -40.28 24.08
CA ASN A 478 4.11 -40.47 25.49
C ASN A 478 5.25 -39.97 26.38
N THR A 479 4.91 -39.57 27.60
CA THR A 479 5.91 -39.02 28.50
C THR A 479 6.74 -40.12 29.15
N LEU A 480 6.08 -41.10 29.76
CA LEU A 480 6.74 -42.10 30.57
C LEU A 480 7.10 -43.36 29.79
N THR A 481 6.82 -43.39 28.49
CA THR A 481 7.16 -44.53 27.67
C THR A 481 8.14 -44.21 26.55
N GLY A 482 8.20 -42.96 26.09
CA GLY A 482 9.09 -42.61 25.00
C GLY A 482 8.74 -43.28 23.69
N GLN A 483 7.45 -43.42 23.38
CA GLN A 483 6.98 -44.08 22.17
C GLN A 483 6.30 -43.04 21.28
N LEU A 484 6.73 -42.98 20.02
CA LEU A 484 6.14 -42.05 19.06
C LEU A 484 4.76 -42.53 18.65
N LEU A 485 3.81 -41.59 18.57
CA LEU A 485 2.46 -41.92 18.13
C LEU A 485 2.25 -41.55 16.67
N PHE A 486 2.55 -40.30 16.31
CA PHE A 486 2.42 -39.85 14.93
C PHE A 486 3.20 -38.56 14.76
N GLU A 487 3.44 -38.19 13.50
CA GLU A 487 4.04 -36.93 13.14
C GLU A 487 2.99 -36.07 12.45
N CYS A 488 2.92 -34.80 12.83
CA CYS A 488 1.92 -33.89 12.28
C CYS A 488 2.60 -32.61 11.83
N LYS A 489 2.03 -32.00 10.80
CA LYS A 489 2.52 -30.75 10.25
C LYS A 489 1.66 -29.60 10.78
N LEU A 490 2.31 -28.59 11.33
CA LEU A 490 1.63 -27.37 11.75
C LEU A 490 1.92 -26.28 10.73
N TYR A 491 0.86 -25.81 10.07
CA TYR A 491 1.03 -24.78 9.05
C TYR A 491 1.17 -23.41 9.70
N ASN A 492 1.56 -22.44 8.88
CA ASN A 492 1.75 -21.08 9.38
C ASN A 492 0.46 -20.46 9.86
N GLU A 493 -0.66 -20.71 9.18
CA GLU A 493 -1.93 -20.11 9.52
C GLU A 493 -2.46 -20.56 10.87
N GLY A 494 -1.92 -21.66 11.42
CA GLY A 494 -2.36 -22.12 12.72
C GLY A 494 -3.37 -23.26 12.72
N TYR A 495 -3.03 -24.35 12.03
CA TYR A 495 -3.81 -25.57 12.10
C TYR A 495 -2.86 -26.75 11.93
N ILE A 496 -3.34 -27.93 12.31
CA ILE A 496 -2.54 -29.15 12.33
C ILE A 496 -2.99 -30.06 11.20
N ALA A 497 -2.04 -30.51 10.39
CA ALA A 497 -2.30 -31.39 9.27
C ALA A 497 -1.73 -32.77 9.54
N LEU A 498 -2.41 -33.80 9.06
CA LEU A 498 -2.05 -35.18 9.30
C LEU A 498 -2.18 -35.98 8.00
N SER A 499 -1.33 -36.97 7.83
CA SER A 499 -1.34 -37.82 6.63
C SER A 499 -2.08 -39.11 6.96
N TYR A 500 -3.37 -39.15 6.64
CA TYR A 500 -4.23 -40.29 6.94
C TYR A 500 -5.00 -40.67 5.69
N SER A 501 -5.28 -41.96 5.54
CA SER A 501 -5.88 -42.46 4.30
C SER A 501 -6.99 -43.48 4.57
N GLY A 502 -7.59 -43.43 5.75
CA GLY A 502 -8.66 -44.34 6.11
C GLY A 502 -10.02 -43.83 5.69
N SER A 503 -11.05 -44.43 6.29
CA SER A 503 -12.44 -44.04 6.04
C SER A 503 -13.15 -43.57 7.29
N GLY A 504 -13.03 -44.30 8.39
CA GLY A 504 -13.72 -43.96 9.60
C GLY A 504 -12.90 -43.05 10.50
N PRO A 505 -13.56 -42.41 11.47
CA PRO A 505 -12.85 -41.55 12.40
C PRO A 505 -11.89 -42.33 13.27
N LEU A 506 -10.81 -41.67 13.67
CA LEU A 506 -9.77 -42.26 14.50
C LEU A 506 -9.44 -41.33 15.65
N THR A 507 -9.45 -41.86 16.87
CA THR A 507 -9.17 -41.10 18.07
C THR A 507 -7.80 -41.46 18.63
N PHE A 508 -7.23 -40.54 19.40
CA PHE A 508 -5.90 -40.76 19.94
C PHE A 508 -5.89 -40.61 21.46
N PRO A 509 -4.95 -41.26 22.15
CA PRO A 509 -4.79 -41.01 23.58
C PRO A 509 -4.39 -39.57 23.84
N THR A 510 -4.84 -39.03 24.97
CA THR A 510 -4.68 -37.62 25.28
C THR A 510 -3.55 -37.34 26.26
N ASP A 511 -2.80 -38.35 26.70
CA ASP A 511 -1.79 -38.16 27.72
C ASP A 511 -0.42 -37.81 27.16
N GLY A 512 -0.30 -37.70 25.84
CA GLY A 512 0.97 -37.35 25.23
C GLY A 512 1.23 -35.85 25.28
N ILE A 513 2.43 -35.48 24.81
CA ILE A 513 2.82 -34.08 24.73
C ILE A 513 3.39 -33.82 23.35
N PHE A 514 3.27 -32.57 22.91
CA PHE A 514 3.87 -32.14 21.66
C PHE A 514 5.31 -31.70 21.88
N GLU A 515 6.08 -31.68 20.81
CA GLU A 515 7.43 -31.14 20.85
C GLU A 515 7.85 -30.74 19.45
N VAL A 516 8.46 -29.57 19.34
CA VAL A 516 8.91 -29.09 18.05
C VAL A 516 10.05 -29.96 17.53
N VAL A 517 10.21 -29.98 16.21
CA VAL A 517 11.31 -30.72 15.60
C VAL A 517 12.15 -29.77 14.75
N SER A 518 11.55 -29.19 13.71
CA SER A 518 12.24 -28.25 12.84
C SER A 518 11.20 -27.53 11.98
N TRP A 519 11.71 -26.68 11.09
CA TRP A 519 10.92 -26.03 10.06
C TRP A 519 11.02 -26.86 8.78
N VAL A 520 9.90 -27.07 8.11
CA VAL A 520 9.89 -27.79 6.85
C VAL A 520 9.17 -26.95 5.80
N PRO A 521 9.52 -27.11 4.52
CA PRO A 521 8.82 -26.35 3.47
C PRO A 521 7.39 -26.82 3.27
N ARG A 522 6.68 -26.18 2.35
CA ARG A 522 5.28 -26.53 2.10
C ARG A 522 5.16 -27.96 1.59
N LEU A 523 6.06 -28.38 0.71
CA LEU A 523 5.93 -29.62 -0.04
C LEU A 523 6.45 -30.84 0.73
N TYR A 524 6.62 -30.75 2.05
CA TYR A 524 7.09 -31.88 2.80
C TYR A 524 6.04 -32.98 2.81
N GLN A 525 6.49 -34.23 2.75
CA GLN A 525 5.61 -35.40 2.73
C GLN A 525 5.72 -36.12 4.06
N LEU A 526 4.59 -36.30 4.74
CA LEU A 526 4.59 -36.93 6.05
C LEU A 526 4.65 -38.44 5.91
N ALA A 527 4.66 -39.11 7.06
CA ALA A 527 4.63 -40.57 7.12
C ALA A 527 3.19 -41.03 7.38
N SER A 528 2.71 -41.93 6.53
CA SER A 528 1.33 -42.39 6.65
C SER A 528 1.11 -43.11 7.97
N VAL A 529 -0.05 -42.88 8.58
CA VAL A 529 -0.43 -43.52 9.83
C VAL A 529 -1.70 -44.33 9.57
N GLY A 530 -1.90 -45.38 10.36
CA GLY A 530 -3.06 -46.23 10.19
C GLY A 530 -3.17 -47.24 11.32
N SER A 531 -4.24 -48.02 11.26
CA SER A 531 -4.46 -49.07 12.25
C SER A 531 -4.83 -50.38 11.56
N GLU B 14 39.09 22.70 -42.76
CA GLU B 14 38.42 21.45 -43.08
C GLU B 14 37.07 21.71 -43.74
N ALA B 15 36.11 22.16 -42.95
CA ALA B 15 34.78 22.45 -43.48
C ALA B 15 34.82 23.74 -44.29
N SER B 16 33.65 24.14 -44.80
CA SER B 16 33.55 25.36 -45.58
C SER B 16 33.58 26.57 -44.65
N GLY B 17 33.05 27.69 -45.13
CA GLY B 17 33.07 28.95 -44.39
C GLY B 17 32.73 28.82 -42.92
N GLN B 18 33.66 29.23 -42.07
CA GLN B 18 33.46 29.16 -40.62
C GLN B 18 33.10 30.54 -40.08
N ASP B 19 31.87 30.96 -40.38
CA ASP B 19 31.22 32.03 -39.65
C ASP B 19 30.35 31.48 -38.52
N LEU B 20 30.72 30.33 -37.98
CA LEU B 20 29.99 29.64 -36.92
C LEU B 20 30.79 29.67 -35.62
N VAL B 21 30.23 29.04 -34.60
CA VAL B 21 30.73 29.15 -33.24
C VAL B 21 31.93 28.24 -32.94
N PRO B 22 32.03 27.01 -33.51
CA PRO B 22 32.48 25.87 -32.71
C PRO B 22 33.75 26.11 -31.90
N ALA B 23 33.57 26.22 -30.58
CA ALA B 23 34.67 26.35 -29.65
C ALA B 23 34.38 25.68 -28.31
N ALA B 24 33.64 24.57 -28.33
CA ALA B 24 33.01 23.99 -27.14
C ALA B 24 33.91 24.02 -25.92
N VAL B 25 35.05 23.33 -26.00
CA VAL B 25 36.24 23.51 -25.15
C VAL B 25 35.96 23.87 -23.69
N GLU B 26 35.14 24.90 -23.47
CA GLU B 26 35.05 25.62 -22.20
C GLU B 26 34.29 24.86 -21.13
N GLN B 27 34.11 23.54 -21.27
CA GLN B 27 33.30 22.77 -20.34
C GLN B 27 33.57 23.15 -18.89
N ALA B 28 34.78 22.88 -18.41
CA ALA B 28 35.24 23.26 -17.08
C ALA B 28 34.18 22.95 -16.02
N VAL B 29 33.61 21.75 -16.11
CA VAL B 29 32.52 21.38 -15.21
C VAL B 29 33.06 21.21 -13.80
N PRO B 30 32.49 21.88 -12.80
CA PRO B 30 32.97 21.78 -11.41
C PRO B 30 32.52 20.51 -10.68
N ILE B 31 33.26 19.42 -10.90
CA ILE B 31 32.95 18.16 -10.26
C ILE B 31 34.24 17.33 -10.17
N GLN B 32 34.37 16.58 -9.08
CA GLN B 32 35.55 15.78 -8.84
C GLN B 32 35.47 14.44 -9.58
N PRO B 33 36.60 13.81 -9.83
CA PRO B 33 36.57 12.46 -10.41
C PRO B 33 35.95 11.47 -9.43
N VAL B 34 35.32 10.43 -9.99
CA VAL B 34 34.58 9.44 -9.22
C VAL B 34 35.10 8.05 -9.55
N ALA B 35 35.39 7.27 -8.52
CA ALA B 35 35.88 5.91 -8.72
C ALA B 35 34.76 5.01 -9.22
N GLY B 36 35.11 4.10 -10.14
CA GLY B 36 34.12 3.24 -10.76
C GLY B 36 34.11 1.83 -10.21
N ALA B 37 34.74 0.90 -10.93
CA ALA B 37 34.75 -0.50 -10.53
C ALA B 37 35.85 -0.82 -9.53
N ALA B 38 36.66 0.16 -9.14
CA ALA B 38 37.67 -0.08 -8.13
C ALA B 38 37.07 -0.25 -6.74
N LEU B 39 35.78 0.01 -6.57
CA LEU B 39 35.13 -0.12 -5.28
C LEU B 39 34.36 -1.44 -5.14
N ALA B 40 33.63 -1.84 -6.18
CA ALA B 40 32.80 -3.03 -6.12
C ALA B 40 33.56 -4.31 -6.43
N ALA B 41 34.85 -4.21 -6.74
CA ALA B 41 35.62 -5.42 -7.07
C ALA B 41 35.71 -6.39 -5.90
N PRO B 42 36.09 -6.00 -4.68
CA PRO B 42 36.21 -6.98 -3.60
C PRO B 42 34.90 -7.39 -2.97
N ALA B 43 33.76 -6.94 -3.49
CA ALA B 43 32.46 -7.32 -2.94
C ALA B 43 31.59 -8.03 -3.96
N ALA B 44 32.19 -8.51 -5.05
CA ALA B 44 31.49 -9.30 -6.05
C ALA B 44 32.17 -10.67 -6.16
N GLY B 45 31.38 -11.70 -6.35
CA GLY B 45 31.91 -13.05 -6.28
C GLY B 45 32.76 -13.50 -7.44
N GLN B 46 32.77 -12.78 -8.55
CA GLN B 46 33.46 -13.21 -9.75
C GLN B 46 34.29 -12.06 -10.30
N ILE B 47 34.98 -12.32 -11.40
CA ILE B 47 35.69 -11.30 -12.15
C ILE B 47 35.10 -11.25 -13.55
N ASN B 48 34.97 -10.03 -14.09
CA ASN B 48 34.34 -9.84 -15.39
C ASN B 48 34.99 -8.68 -16.10
N GLN B 49 34.81 -8.65 -17.41
CA GLN B 49 35.24 -7.52 -18.22
C GLN B 49 34.39 -7.46 -19.47
N ILE B 50 34.44 -6.32 -20.13
CA ILE B 50 33.67 -6.10 -21.35
C ILE B 50 34.64 -6.18 -22.53
N ASP B 51 34.09 -6.53 -23.69
CA ASP B 51 34.90 -6.63 -24.90
C ASP B 51 35.63 -5.30 -25.15
N PRO B 52 36.96 -5.31 -25.23
CA PRO B 52 37.69 -4.04 -25.32
C PRO B 52 37.34 -3.19 -26.54
N TRP B 53 36.73 -3.77 -27.57
CA TRP B 53 36.39 -2.99 -28.74
C TRP B 53 35.09 -2.20 -28.58
N ILE B 54 34.41 -2.34 -27.44
CA ILE B 54 33.23 -1.53 -27.19
C ILE B 54 33.62 -0.15 -26.68
N PHE B 55 34.74 -0.05 -25.97
CA PHE B 55 35.19 1.20 -25.37
C PHE B 55 35.76 2.18 -26.39
N GLN B 56 35.61 1.94 -27.69
CA GLN B 56 36.39 2.68 -28.67
C GLN B 56 35.56 3.58 -29.59
N ASN B 57 34.35 3.20 -29.96
CA ASN B 57 33.61 3.97 -30.96
C ASN B 57 32.26 4.40 -30.40
N PHE B 58 31.92 5.64 -30.68
CA PHE B 58 30.65 6.23 -30.23
C PHE B 58 29.50 5.69 -31.09
N VAL B 59 28.41 5.30 -30.44
CA VAL B 59 27.23 4.82 -31.15
C VAL B 59 26.01 5.56 -30.63
N GLN B 60 24.95 5.55 -31.44
CA GLN B 60 23.74 6.29 -31.10
C GLN B 60 22.98 5.60 -29.97
N CYS B 61 22.51 6.39 -29.02
CA CYS B 61 21.68 5.89 -27.95
C CYS B 61 20.33 5.46 -28.50
N PRO B 62 19.63 4.55 -27.80
CA PRO B 62 18.27 4.21 -28.21
C PRO B 62 17.25 5.31 -27.97
N LEU B 63 17.65 6.40 -27.31
CA LEU B 63 16.82 7.57 -27.08
C LEU B 63 17.61 8.82 -27.46
N GLY B 64 18.18 8.82 -28.65
CA GLY B 64 19.08 9.87 -29.05
C GLY B 64 18.59 10.74 -30.19
N GLU B 65 17.31 11.08 -30.18
CA GLU B 65 16.73 11.96 -31.19
C GLU B 65 16.00 13.09 -30.49
N PHE B 66 16.24 14.32 -30.92
CA PHE B 66 15.42 15.42 -30.44
C PHE B 66 15.37 16.51 -31.50
N SER B 67 14.36 17.37 -31.38
CA SER B 67 14.15 18.41 -32.38
C SER B 67 13.75 19.70 -31.69
N ILE B 68 14.39 20.79 -32.10
CA ILE B 68 14.09 22.14 -31.61
C ILE B 68 13.37 22.89 -32.73
N SER B 69 12.21 23.43 -32.42
CA SER B 69 11.37 24.12 -33.39
C SER B 69 11.00 25.50 -32.88
N PRO B 70 10.79 26.47 -33.77
CA PRO B 70 10.45 27.83 -33.31
C PRO B 70 9.15 27.91 -32.54
N ARG B 71 8.28 26.91 -32.64
CA ARG B 71 7.03 26.93 -31.90
C ARG B 71 7.22 26.67 -30.40
N ASN B 72 8.41 26.29 -29.97
CA ASN B 72 8.65 26.04 -28.56
C ASN B 72 8.82 27.35 -27.81
N THR B 73 8.87 27.26 -26.49
CA THR B 73 9.07 28.37 -25.58
C THR B 73 10.16 28.02 -24.58
N PRO B 74 10.83 29.01 -23.99
CA PRO B 74 11.82 28.71 -22.97
C PRO B 74 11.20 27.94 -21.81
N GLY B 75 11.94 26.99 -21.27
CA GLY B 75 11.46 26.16 -20.20
C GLY B 75 10.98 24.78 -20.61
N GLU B 76 10.88 24.50 -21.90
CA GLU B 76 10.50 23.17 -22.36
C GLU B 76 11.69 22.22 -22.24
N ILE B 77 11.43 21.04 -21.67
CA ILE B 77 12.49 20.06 -21.45
C ILE B 77 12.75 19.34 -22.77
N LEU B 78 13.91 19.60 -23.37
CA LEU B 78 14.25 18.94 -24.63
C LEU B 78 14.43 17.44 -24.43
N PHE B 79 15.25 17.05 -23.44
CA PHE B 79 15.37 15.62 -23.16
C PHE B 79 15.93 15.42 -21.76
N ASP B 80 15.77 14.18 -21.28
CA ASP B 80 16.41 13.74 -20.06
C ASP B 80 16.89 12.31 -20.24
N LEU B 81 17.95 11.98 -19.53
CA LEU B 81 18.57 10.66 -19.60
C LEU B 81 18.97 10.23 -18.21
N ALA B 82 18.70 8.97 -17.88
CA ALA B 82 19.11 8.39 -16.61
C ALA B 82 20.31 7.49 -16.85
N LEU B 83 21.38 7.71 -16.10
CA LEU B 83 22.58 6.90 -16.24
C LEU B 83 22.26 5.43 -16.01
N GLY B 84 22.77 4.57 -16.88
CA GLY B 84 22.55 3.15 -16.79
C GLY B 84 22.90 2.44 -18.07
N PRO B 85 22.54 1.15 -18.16
CA PRO B 85 22.78 0.39 -19.38
C PRO B 85 21.81 0.71 -20.49
N GLY B 86 20.84 1.59 -20.26
CA GLY B 86 19.84 1.89 -21.26
C GLY B 86 20.27 2.98 -22.22
N LEU B 87 21.53 3.40 -22.13
CA LEU B 87 22.06 4.46 -22.97
C LEU B 87 23.03 3.94 -24.02
N ASN B 88 22.97 2.65 -24.34
CA ASN B 88 23.88 2.09 -25.32
C ASN B 88 23.34 0.75 -25.79
N PRO B 89 23.16 0.54 -27.10
CA PRO B 89 22.63 -0.75 -27.55
C PRO B 89 23.50 -1.94 -27.15
N TYR B 90 24.83 -1.78 -27.16
CA TYR B 90 25.69 -2.84 -26.66
C TYR B 90 25.40 -3.14 -25.20
N LEU B 91 25.39 -2.11 -24.36
CA LEU B 91 25.14 -2.31 -22.94
C LEU B 91 23.70 -2.74 -22.70
N ALA B 92 22.76 -2.23 -23.49
CA ALA B 92 21.37 -2.67 -23.34
C ALA B 92 21.23 -4.15 -23.64
N HIS B 93 21.93 -4.65 -24.66
CA HIS B 93 21.89 -6.08 -24.95
C HIS B 93 22.60 -6.88 -23.87
N LEU B 94 23.74 -6.38 -23.39
CA LEU B 94 24.50 -7.13 -22.39
C LEU B 94 23.82 -7.15 -21.04
N SER B 95 22.94 -6.19 -20.78
CA SER B 95 22.30 -6.09 -19.46
C SER B 95 21.38 -7.27 -19.17
N ALA B 96 21.03 -8.08 -20.16
CA ALA B 96 20.20 -9.24 -19.89
C ALA B 96 20.98 -10.41 -19.33
N MET B 97 22.31 -10.38 -19.40
CA MET B 97 23.13 -11.49 -18.94
C MET B 97 23.78 -11.25 -17.60
N TYR B 98 23.72 -10.05 -17.05
CA TYR B 98 24.39 -9.72 -15.80
C TYR B 98 23.38 -9.19 -14.78
N THR B 99 23.90 -8.83 -13.61
CA THR B 99 23.09 -8.30 -12.51
C THR B 99 23.92 -7.25 -11.79
N GLY B 100 23.70 -5.99 -12.15
CA GLY B 100 24.41 -4.89 -11.50
C GLY B 100 25.46 -4.24 -12.37
N TRP B 101 25.73 -2.97 -12.12
CA TRP B 101 26.68 -2.22 -12.93
C TRP B 101 27.20 -1.04 -12.13
N VAL B 102 28.42 -0.61 -12.46
CA VAL B 102 29.00 0.60 -11.90
C VAL B 102 29.69 1.34 -13.04
N GLY B 103 30.11 2.57 -12.77
CA GLY B 103 31.02 3.27 -13.64
C GLY B 103 30.37 4.50 -14.26
N ASN B 104 31.19 5.23 -15.02
CA ASN B 104 30.81 6.47 -15.65
C ASN B 104 30.62 6.27 -17.16
N MET B 105 30.26 7.34 -17.86
CA MET B 105 30.06 7.26 -19.30
C MET B 105 30.46 8.57 -19.94
N GLU B 106 30.76 8.51 -21.25
CA GLU B 106 31.01 9.70 -22.06
C GLU B 106 29.84 9.86 -23.01
N VAL B 107 29.36 11.10 -23.15
CA VAL B 107 28.21 11.39 -24.01
C VAL B 107 28.59 12.49 -24.99
N GLN B 108 28.35 12.23 -26.26
CA GLN B 108 28.54 13.21 -27.33
C GLN B 108 27.19 13.73 -27.77
N LEU B 109 27.06 15.04 -27.87
CA LEU B 109 25.84 15.69 -28.32
C LEU B 109 26.13 16.36 -29.65
N VAL B 110 25.29 16.09 -30.65
CA VAL B 110 25.52 16.56 -32.01
C VAL B 110 24.41 17.54 -32.36
N LEU B 111 24.77 18.81 -32.48
CA LEU B 111 23.91 19.86 -33.02
C LEU B 111 24.63 20.47 -34.22
N ALA B 112 23.93 20.58 -35.34
CA ALA B 112 24.51 21.11 -36.57
C ALA B 112 23.52 22.01 -37.28
N GLY B 113 22.94 22.95 -36.54
CA GLY B 113 21.95 23.83 -37.12
C GLY B 113 22.52 24.70 -38.23
N ASN B 114 21.62 25.28 -38.99
CA ASN B 114 22.01 26.11 -40.12
C ASN B 114 22.68 27.39 -39.63
N ALA B 115 23.34 28.09 -40.55
CA ALA B 115 24.02 29.33 -40.22
C ALA B 115 23.07 30.51 -40.10
N PHE B 116 21.78 30.32 -40.34
CA PHE B 116 20.79 31.37 -40.25
C PHE B 116 19.95 31.29 -38.98
N THR B 117 20.34 30.46 -38.02
CA THR B 117 19.56 30.26 -36.80
C THR B 117 20.20 30.99 -35.63
N ALA B 118 19.55 30.90 -34.47
CA ALA B 118 20.05 31.53 -33.26
C ALA B 118 19.33 30.92 -32.06
N GLY B 119 20.06 30.75 -30.97
CA GLY B 119 19.48 30.17 -29.76
C GLY B 119 20.56 29.58 -28.89
N LYS B 120 20.16 29.25 -27.66
CA LYS B 120 21.09 28.70 -26.69
C LYS B 120 20.37 27.66 -25.83
N VAL B 121 21.07 26.57 -25.52
CA VAL B 121 20.54 25.49 -24.70
C VAL B 121 21.50 25.20 -23.56
N VAL B 122 20.99 24.55 -22.53
CA VAL B 122 21.72 24.30 -21.30
C VAL B 122 21.69 22.80 -21.01
N VAL B 123 22.84 22.25 -20.61
CA VAL B 123 22.92 20.85 -20.20
C VAL B 123 23.32 20.81 -18.73
N ALA B 124 22.51 20.13 -17.92
CA ALA B 124 22.71 20.09 -16.48
C ALA B 124 23.07 18.69 -16.03
N LEU B 125 23.49 18.57 -14.77
CA LEU B 125 23.83 17.30 -14.15
C LEU B 125 23.04 17.17 -12.86
N VAL B 126 21.82 16.69 -12.97
CA VAL B 126 20.94 16.59 -11.79
C VAL B 126 21.43 15.47 -10.89
N PRO B 127 21.65 15.72 -9.60
CA PRO B 127 22.13 14.67 -8.71
C PRO B 127 21.02 13.72 -8.34
N PRO B 128 21.34 12.56 -7.77
CA PRO B 128 20.29 11.63 -7.37
C PRO B 128 19.48 12.16 -6.20
N TYR B 129 18.30 11.58 -6.02
CA TYR B 129 17.35 11.87 -4.95
C TYR B 129 16.67 13.22 -5.08
N PHE B 130 17.02 14.02 -6.09
CA PHE B 130 16.30 15.28 -6.30
C PHE B 130 14.89 14.97 -6.78
N PRO B 131 13.87 15.58 -6.19
CA PRO B 131 12.49 15.25 -6.58
C PRO B 131 12.22 15.57 -8.03
N LYS B 132 11.50 14.69 -8.70
CA LYS B 132 11.15 14.90 -10.10
C LYS B 132 9.92 15.79 -10.21
N GLY B 133 9.85 16.57 -11.28
CA GLY B 133 8.74 17.47 -11.47
C GLY B 133 9.02 18.62 -12.42
N SER B 134 8.74 19.83 -11.97
CA SER B 134 8.82 21.01 -12.83
C SER B 134 10.25 21.27 -13.33
N LEU B 135 11.16 21.59 -12.42
CA LEU B 135 12.53 21.98 -12.77
C LEU B 135 12.52 23.16 -13.75
N THR B 136 12.03 24.29 -13.27
CA THR B 136 11.91 25.48 -14.10
C THR B 136 13.27 26.00 -14.52
N THR B 137 13.26 27.03 -15.37
CA THR B 137 14.48 27.59 -15.92
C THR B 137 15.36 28.25 -14.87
N ALA B 138 14.79 28.74 -13.77
CA ALA B 138 15.59 29.41 -12.76
C ALA B 138 16.46 28.45 -11.98
N GLN B 139 16.06 27.18 -11.87
CA GLN B 139 16.80 26.22 -11.07
C GLN B 139 17.87 25.48 -11.86
N ILE B 140 17.73 25.37 -13.18
CA ILE B 140 18.62 24.53 -13.95
C ILE B 140 20.05 25.03 -13.95
N THR B 141 20.25 26.34 -13.76
CA THR B 141 21.59 26.89 -13.78
C THR B 141 22.34 26.71 -12.47
N CYS B 142 21.66 26.32 -11.40
CA CYS B 142 22.32 26.12 -10.12
C CYS B 142 23.15 24.85 -10.07
N PHE B 143 22.76 23.82 -10.79
CA PHE B 143 23.54 22.60 -10.92
C PHE B 143 24.74 22.86 -11.81
N PRO B 144 25.78 22.01 -11.73
CA PRO B 144 26.88 22.13 -12.70
C PRO B 144 26.37 22.00 -14.12
N HIS B 145 26.50 23.06 -14.91
CA HIS B 145 25.84 23.13 -16.21
C HIS B 145 26.84 23.54 -17.28
N VAL B 146 26.45 23.32 -18.53
CA VAL B 146 27.24 23.67 -19.70
C VAL B 146 26.36 24.39 -20.69
N MET B 147 26.84 25.52 -21.20
CA MET B 147 26.17 26.30 -22.23
C MET B 147 26.44 25.68 -23.60
N CYS B 148 25.45 25.73 -24.49
CA CYS B 148 25.65 25.27 -25.85
C CYS B 148 24.88 26.15 -26.82
N ASP B 149 25.42 26.30 -28.02
CA ASP B 149 24.80 27.07 -29.08
C ASP B 149 24.32 26.13 -30.18
N VAL B 150 23.18 26.46 -30.78
CA VAL B 150 22.57 25.58 -31.78
C VAL B 150 23.29 25.71 -33.11
N ARG B 151 24.37 26.49 -33.15
CA ARG B 151 25.16 26.64 -34.36
C ARG B 151 26.54 26.00 -34.24
N THR B 152 26.80 25.26 -33.18
CA THR B 152 28.11 24.63 -33.02
C THR B 152 28.32 23.59 -34.12
N LEU B 153 29.58 23.42 -34.53
CA LEU B 153 29.92 22.50 -35.60
C LEU B 153 30.42 21.16 -35.08
N GLU B 154 31.49 21.18 -34.30
CA GLU B 154 32.01 19.93 -33.77
C GLU B 154 31.11 19.40 -32.65
N PRO B 155 31.05 18.09 -32.46
CA PRO B 155 30.22 17.54 -31.38
C PRO B 155 30.71 18.01 -30.01
N ILE B 156 29.76 18.18 -29.10
CA ILE B 156 30.06 18.64 -27.75
C ILE B 156 30.16 17.41 -26.84
N GLN B 157 31.26 17.30 -26.11
CA GLN B 157 31.52 16.15 -25.26
C GLN B 157 31.19 16.48 -23.81
N LEU B 158 30.53 15.56 -23.13
CA LEU B 158 30.19 15.70 -21.72
C LEU B 158 30.51 14.42 -20.98
N PRO B 159 30.92 14.53 -19.72
CA PRO B 159 31.02 13.33 -18.87
C PRO B 159 29.74 13.14 -18.07
N LEU B 160 29.31 11.89 -17.98
CA LEU B 160 28.16 11.52 -17.17
C LEU B 160 28.69 10.61 -16.07
N LEU B 161 28.94 11.18 -14.90
CA LEU B 161 29.52 10.43 -13.80
C LEU B 161 28.43 9.68 -13.04
N ASP B 162 28.86 8.88 -12.07
CA ASP B 162 27.97 8.07 -11.25
C ASP B 162 28.18 8.46 -9.79
N VAL B 163 27.15 9.06 -9.20
CA VAL B 163 27.17 9.45 -7.80
C VAL B 163 26.20 8.55 -7.05
N ARG B 164 26.67 7.92 -5.99
CA ARG B 164 25.87 6.89 -5.33
C ARG B 164 26.33 6.76 -3.88
N ARG B 165 25.64 5.88 -3.15
CA ARG B 165 26.04 5.50 -1.82
C ARG B 165 26.16 4.00 -1.62
N VAL B 166 25.59 3.19 -2.51
CA VAL B 166 25.74 1.76 -2.46
C VAL B 166 26.83 1.35 -3.45
N LEU B 167 27.40 0.17 -3.24
CA LEU B 167 28.56 -0.25 -4.04
C LEU B 167 28.18 -0.45 -5.50
N TRP B 168 27.06 -1.12 -5.77
CA TRP B 168 26.59 -1.25 -7.14
C TRP B 168 25.08 -1.33 -7.16
N HIS B 169 24.49 -0.83 -8.23
CA HIS B 169 23.04 -0.86 -8.40
C HIS B 169 22.61 -2.20 -8.97
N ALA B 170 21.32 -2.34 -9.26
CA ALA B 170 20.77 -3.58 -9.79
C ALA B 170 20.14 -3.29 -11.15
N THR B 171 20.44 -4.14 -12.14
CA THR B 171 19.91 -3.92 -13.48
C THR B 171 18.39 -3.98 -13.49
N GLN B 172 17.81 -4.97 -12.82
CA GLN B 172 16.37 -4.99 -12.67
C GLN B 172 15.93 -3.88 -11.71
N ASP B 173 14.65 -3.51 -11.83
CA ASP B 173 14.05 -2.36 -11.15
C ASP B 173 14.80 -1.07 -11.48
N GLN B 174 14.38 0.04 -10.89
CA GLN B 174 14.94 1.35 -11.21
C GLN B 174 15.43 2.01 -9.93
N GLU B 175 16.74 2.19 -9.84
CA GLU B 175 17.36 2.85 -8.70
C GLU B 175 17.41 4.36 -8.95
N GLU B 176 18.16 5.08 -8.14
CA GLU B 176 18.33 6.52 -8.29
C GLU B 176 19.78 6.79 -8.66
N SER B 177 19.98 7.43 -9.82
CA SER B 177 21.32 7.73 -10.31
C SER B 177 21.31 9.10 -10.98
N MET B 178 22.52 9.63 -11.18
CA MET B 178 22.64 10.97 -11.73
C MET B 178 22.02 11.06 -13.12
N ARG B 179 21.25 12.10 -13.34
CA ARG B 179 20.53 12.33 -14.58
C ARG B 179 21.22 13.39 -15.42
N LEU B 180 20.81 13.49 -16.68
CA LEU B 180 21.27 14.52 -17.59
C LEU B 180 20.05 15.14 -18.24
N VAL B 181 19.78 16.41 -17.95
CA VAL B 181 18.59 17.09 -18.41
C VAL B 181 19.00 18.29 -19.25
N CYS B 182 18.43 18.40 -20.44
CA CYS B 182 18.71 19.51 -21.34
C CYS B 182 17.40 20.17 -21.72
N MET B 183 17.33 21.48 -21.54
CA MET B 183 16.14 22.28 -21.78
C MET B 183 16.50 23.50 -22.60
N LEU B 184 15.51 23.97 -23.37
CA LEU B 184 15.72 25.09 -24.29
C LEU B 184 15.73 26.39 -23.51
N TYR B 185 16.89 27.05 -23.47
CA TYR B 185 17.01 28.29 -22.71
C TYR B 185 16.49 29.48 -23.50
N THR B 186 17.07 29.74 -24.67
CA THR B 186 16.69 30.89 -25.47
C THR B 186 15.93 30.44 -26.71
N PRO B 187 14.78 31.03 -27.03
CA PRO B 187 13.98 30.53 -28.15
C PRO B 187 14.74 30.61 -29.46
N LEU B 188 14.45 29.67 -30.34
CA LEU B 188 15.13 29.55 -31.62
C LEU B 188 14.39 30.35 -32.68
N ARG B 189 15.10 31.24 -33.36
CA ARG B 189 14.53 32.04 -34.44
C ARG B 189 15.56 32.17 -35.56
N THR B 190 15.07 32.48 -36.75
CA THR B 190 15.90 32.51 -37.95
C THR B 190 15.81 33.87 -38.63
N ASN B 191 16.85 34.20 -39.40
CA ASN B 191 16.88 35.40 -40.23
C ASN B 191 16.79 35.08 -41.71
N SER B 192 16.42 33.85 -42.07
CA SER B 192 16.32 33.47 -43.47
C SER B 192 15.23 34.30 -44.14
N PRO B 193 15.55 35.01 -45.23
CA PRO B 193 14.56 35.93 -45.81
C PRO B 193 13.30 35.27 -46.35
N GLY B 194 13.32 33.96 -46.62
CA GLY B 194 12.19 33.39 -47.33
C GLY B 194 11.37 32.31 -46.66
N ASP B 195 10.15 32.68 -46.26
CA ASP B 195 8.98 31.80 -46.27
C ASP B 195 9.02 30.72 -45.18
N GLU B 196 10.18 30.47 -44.58
CA GLU B 196 10.24 29.31 -43.70
C GLU B 196 11.17 29.58 -42.52
N SER B 197 10.99 28.75 -41.49
CA SER B 197 11.86 28.73 -40.31
C SER B 197 12.41 27.33 -40.14
N PHE B 198 13.72 27.23 -39.95
CA PHE B 198 14.36 25.93 -39.89
C PHE B 198 14.12 25.26 -38.54
N VAL B 199 14.11 23.94 -38.56
CA VAL B 199 13.96 23.11 -37.37
C VAL B 199 15.24 22.32 -37.19
N VAL B 200 15.84 22.41 -36.00
CA VAL B 200 17.14 21.82 -35.76
C VAL B 200 16.95 20.41 -35.21
N SER B 201 17.57 19.43 -35.86
CA SER B 201 17.53 18.05 -35.41
C SER B 201 18.85 17.71 -34.74
N GLY B 202 18.78 17.26 -33.49
CA GLY B 202 19.95 16.97 -32.69
C GLY B 202 20.00 15.50 -32.31
N ARG B 203 21.21 14.97 -32.27
CA ARG B 203 21.43 13.55 -32.03
C ARG B 203 22.32 13.34 -30.81
N LEU B 204 22.26 12.13 -30.26
CA LEU B 204 23.00 11.77 -29.07
C LEU B 204 23.79 10.50 -29.33
N LEU B 205 24.99 10.43 -28.77
CA LEU B 205 25.84 9.25 -28.84
C LEU B 205 26.47 9.04 -27.47
N SER B 206 26.85 7.81 -27.17
CA SER B 206 27.41 7.55 -25.85
C SER B 206 28.28 6.30 -25.87
N LYS B 207 29.28 6.29 -25.00
CA LYS B 207 30.13 5.12 -24.84
C LYS B 207 30.49 4.95 -23.38
N PRO B 208 30.78 3.74 -22.93
CA PRO B 208 31.21 3.56 -21.54
C PRO B 208 32.57 4.19 -21.29
N ALA B 209 32.78 4.60 -20.05
CA ALA B 209 34.04 5.22 -19.66
C ALA B 209 35.09 4.14 -19.48
N ALA B 210 36.22 4.50 -18.88
CA ALA B 210 37.31 3.55 -18.70
C ALA B 210 37.11 2.61 -17.52
N ASP B 211 36.06 2.81 -16.72
CA ASP B 211 35.87 2.02 -15.50
C ASP B 211 34.44 1.52 -15.39
N PHE B 212 33.91 0.97 -16.48
CA PHE B 212 32.58 0.37 -16.44
C PHE B 212 32.73 -1.15 -16.31
N ASN B 213 31.80 -1.76 -15.57
CA ASN B 213 31.88 -3.19 -15.33
C ASN B 213 30.56 -3.70 -14.80
N PHE B 214 30.20 -4.91 -15.21
CA PHE B 214 29.06 -5.61 -14.66
C PHE B 214 29.53 -6.46 -13.47
N VAL B 215 28.60 -7.19 -12.86
CA VAL B 215 28.95 -7.83 -11.59
C VAL B 215 28.80 -9.34 -11.62
N TYR B 216 27.57 -9.84 -11.81
CA TYR B 216 27.30 -11.27 -11.61
C TYR B 216 26.62 -11.85 -12.85
N LEU B 217 26.96 -13.11 -13.15
CA LEU B 217 26.39 -13.78 -14.31
C LEU B 217 25.07 -14.43 -13.97
N THR B 218 24.08 -14.27 -14.85
CA THR B 218 22.73 -14.77 -14.66
C THR B 218 22.23 -15.32 -15.99
N PRO B 219 21.29 -16.26 -15.97
CA PRO B 219 20.76 -16.80 -17.22
C PRO B 219 20.16 -15.72 -18.09
N PRO B 220 20.38 -15.76 -19.40
CA PRO B 220 19.84 -14.72 -20.26
C PRO B 220 18.33 -14.85 -20.42
N ILE B 221 17.57 -13.99 -19.76
CA ILE B 221 16.13 -13.96 -19.89
C ILE B 221 15.78 -12.91 -20.93
N GLU B 222 15.05 -13.32 -21.97
CA GLU B 222 14.83 -12.43 -23.10
C GLU B 222 13.89 -11.29 -22.70
N ARG B 223 12.89 -11.58 -21.87
CA ARG B 223 11.93 -10.56 -21.43
C ARG B 223 12.57 -9.74 -20.32
N THR B 224 13.39 -8.77 -20.73
CA THR B 224 14.12 -7.91 -19.82
C THR B 224 13.44 -6.54 -19.73
N ILE B 225 13.71 -5.83 -18.64
CA ILE B 225 13.06 -4.54 -18.42
C ILE B 225 13.41 -3.55 -19.53
N TYR B 226 14.64 -3.61 -20.04
CA TYR B 226 15.02 -2.67 -21.09
C TYR B 226 14.48 -3.09 -22.44
N ARG B 227 14.96 -4.23 -22.95
CA ARG B 227 14.52 -4.79 -24.22
C ARG B 227 14.51 -3.70 -25.30
N MET B 228 13.62 -3.81 -26.28
CA MET B 228 13.38 -2.77 -27.28
C MET B 228 12.11 -3.14 -28.05
N VAL B 229 11.18 -2.20 -28.17
CA VAL B 229 9.92 -2.50 -28.82
C VAL B 229 10.15 -2.78 -30.30
N ASP B 230 9.55 -3.87 -30.79
CA ASP B 230 9.62 -4.23 -32.19
C ASP B 230 8.23 -4.61 -32.67
N LEU B 231 7.99 -4.41 -33.96
CA LEU B 231 6.66 -4.57 -34.52
C LEU B 231 6.61 -5.82 -35.40
N PRO B 232 5.46 -6.49 -35.50
CA PRO B 232 5.37 -7.65 -36.39
C PRO B 232 5.59 -7.26 -37.84
N VAL B 233 6.31 -8.09 -38.57
CA VAL B 233 6.65 -7.81 -39.97
C VAL B 233 5.56 -8.46 -40.82
N ILE B 234 4.47 -7.74 -40.98
CA ILE B 234 3.36 -8.15 -41.84
C ILE B 234 2.76 -6.91 -42.47
N GLN B 235 2.36 -7.02 -43.73
CA GLN B 235 1.75 -5.90 -44.42
C GLN B 235 0.36 -5.62 -43.87
N PRO B 236 -0.05 -4.34 -43.86
CA PRO B 236 -1.41 -4.03 -43.40
C PRO B 236 -2.51 -4.63 -44.26
N ARG B 237 -2.21 -4.97 -45.52
CA ARG B 237 -3.23 -5.49 -46.41
C ARG B 237 -3.68 -6.90 -46.02
N LEU B 238 -2.87 -7.64 -45.27
CA LEU B 238 -3.22 -8.97 -44.80
C LEU B 238 -3.76 -8.97 -43.38
N CYS B 239 -3.90 -7.79 -42.77
CA CYS B 239 -4.35 -7.70 -41.39
C CYS B 239 -5.86 -7.95 -41.32
N THR B 240 -6.37 -8.10 -40.09
CA THR B 240 -7.80 -8.23 -39.85
C THR B 240 -8.27 -7.06 -39.00
N HIS B 241 -9.43 -6.52 -39.34
CA HIS B 241 -9.91 -5.32 -38.70
C HIS B 241 -10.22 -5.58 -37.23
N ALA B 242 -10.10 -4.54 -36.41
CA ALA B 242 -10.34 -4.64 -34.97
C ALA B 242 -11.72 -4.17 -34.56
N ARG B 243 -12.58 -3.81 -35.53
CA ARG B 243 -13.93 -3.39 -35.22
C ARG B 243 -14.99 -4.10 -36.05
N TRP B 244 -14.60 -4.94 -37.00
CA TRP B 244 -15.55 -5.64 -37.85
C TRP B 244 -14.84 -6.85 -38.48
N PRO B 245 -15.51 -7.98 -38.63
CA PRO B 245 -14.86 -9.15 -39.22
C PRO B 245 -14.61 -8.99 -40.71
N ALA B 246 -13.57 -8.24 -41.07
CA ALA B 246 -13.24 -7.99 -42.46
C ALA B 246 -11.78 -7.58 -42.53
N PRO B 247 -11.12 -7.75 -43.68
CA PRO B 247 -9.73 -7.33 -43.82
C PRO B 247 -9.60 -5.82 -43.93
N VAL B 248 -8.40 -5.34 -43.59
CA VAL B 248 -8.07 -3.93 -43.74
C VAL B 248 -7.84 -3.64 -45.22
N TYR B 249 -8.44 -2.55 -45.72
CA TYR B 249 -8.40 -2.25 -47.14
C TYR B 249 -7.70 -0.96 -47.51
N GLY B 250 -7.46 -0.05 -46.57
CA GLY B 250 -6.80 1.19 -46.93
C GLY B 250 -6.17 1.87 -45.73
N LEU B 251 -5.17 2.71 -46.04
CA LEU B 251 -4.53 3.56 -45.06
C LEU B 251 -4.86 5.01 -45.40
N LEU B 252 -5.50 5.72 -44.45
CA LEU B 252 -6.07 7.01 -44.79
C LEU B 252 -5.69 8.05 -43.74
N VAL B 253 -5.57 9.29 -44.20
CA VAL B 253 -5.42 10.46 -43.35
C VAL B 253 -6.44 11.49 -43.79
N ASP B 254 -7.25 11.96 -42.83
CA ASP B 254 -8.34 12.87 -43.19
C ASP B 254 -8.51 13.95 -42.12
N PRO B 255 -8.35 15.23 -42.46
CA PRO B 255 -8.51 16.29 -41.46
C PRO B 255 -9.95 16.76 -41.33
N SER B 256 -10.77 16.51 -42.35
CA SER B 256 -12.14 17.00 -42.33
C SER B 256 -12.97 16.35 -41.22
N LEU B 257 -12.82 15.04 -41.03
CA LEU B 257 -13.60 14.32 -40.05
C LEU B 257 -13.13 14.66 -38.64
N PRO B 258 -13.99 14.45 -37.62
CA PRO B 258 -13.60 14.77 -36.25
C PRO B 258 -12.36 13.97 -35.83
N SER B 259 -11.46 14.65 -35.11
CA SER B 259 -10.16 14.08 -34.79
C SER B 259 -10.06 13.56 -33.36
N ASN B 260 -11.14 13.61 -32.59
CA ASN B 260 -11.15 13.11 -31.22
C ASN B 260 -12.35 12.21 -30.99
N PRO B 261 -12.32 10.99 -31.53
CA PRO B 261 -13.42 10.05 -31.29
C PRO B 261 -13.28 9.42 -29.91
N GLN B 262 -14.26 8.57 -29.58
CA GLN B 262 -14.32 7.88 -28.31
C GLN B 262 -14.56 6.39 -28.51
N TRP B 263 -13.85 5.82 -29.49
CA TRP B 263 -14.04 4.43 -29.84
C TRP B 263 -13.69 3.51 -28.68
N GLN B 264 -14.46 2.43 -28.53
CA GLN B 264 -14.29 1.50 -27.44
C GLN B 264 -13.68 0.17 -27.87
N ASN B 265 -13.21 0.05 -29.11
CA ASN B 265 -12.55 -1.15 -29.60
C ASN B 265 -11.21 -0.77 -30.22
N GLY B 266 -10.31 -1.75 -30.29
CA GLY B 266 -9.00 -1.51 -30.85
C GLY B 266 -8.18 -0.50 -30.07
N ARG B 267 -8.27 -0.51 -28.75
CA ARG B 267 -7.53 0.41 -27.90
C ARG B 267 -6.76 -0.40 -26.88
N VAL B 268 -5.44 -0.22 -26.86
CA VAL B 268 -4.58 -1.01 -25.99
C VAL B 268 -3.28 -0.26 -25.79
N HIS B 269 -2.85 -0.16 -24.53
CA HIS B 269 -1.55 0.41 -24.21
C HIS B 269 -0.44 -0.47 -24.75
N VAL B 270 0.70 0.16 -25.07
CA VAL B 270 1.84 -0.60 -25.58
C VAL B 270 2.58 -1.37 -24.51
N ASP B 271 2.22 -1.19 -23.24
CA ASP B 271 2.83 -1.94 -22.15
C ASP B 271 2.06 -3.19 -21.77
N GLY B 272 0.94 -3.47 -22.43
CA GLY B 272 0.17 -4.69 -22.21
C GLY B 272 -1.24 -4.45 -21.74
N THR B 273 -1.48 -3.34 -21.03
CA THR B 273 -2.80 -3.07 -20.49
C THR B 273 -3.81 -2.87 -21.60
N LEU B 274 -5.01 -3.41 -21.41
CA LEU B 274 -6.11 -3.27 -22.36
C LEU B 274 -7.15 -2.32 -21.80
N LEU B 275 -7.70 -1.47 -22.65
CA LEU B 275 -8.73 -0.52 -22.28
C LEU B 275 -10.01 -0.81 -23.06
N GLY B 276 -11.14 -0.45 -22.47
CA GLY B 276 -12.40 -0.64 -23.15
C GLY B 276 -12.79 -2.10 -23.28
N THR B 277 -13.44 -2.45 -24.39
CA THR B 277 -13.96 -3.78 -24.62
C THR B 277 -13.26 -4.46 -25.79
N THR B 278 -11.94 -4.29 -25.87
CA THR B 278 -11.18 -4.88 -26.97
C THR B 278 -10.86 -6.33 -26.65
N PRO B 279 -11.32 -7.28 -27.47
CA PRO B 279 -11.01 -8.69 -27.22
C PRO B 279 -9.61 -9.05 -27.68
N ILE B 280 -9.04 -10.06 -27.01
CA ILE B 280 -7.69 -10.51 -27.37
C ILE B 280 -7.72 -11.24 -28.71
N SER B 281 -8.69 -12.11 -28.91
CA SER B 281 -8.80 -12.84 -30.16
C SER B 281 -9.35 -11.94 -31.26
N GLY B 282 -9.24 -12.42 -32.50
CA GLY B 282 -9.75 -11.66 -33.63
C GLY B 282 -11.15 -11.99 -34.06
N SER B 283 -11.73 -13.08 -33.57
CA SER B 283 -13.07 -13.49 -33.96
C SER B 283 -14.13 -13.14 -32.92
N TRP B 284 -13.76 -12.41 -31.87
CA TRP B 284 -14.72 -11.98 -30.86
C TRP B 284 -15.38 -10.65 -31.17
N VAL B 285 -14.94 -9.95 -32.20
CA VAL B 285 -15.37 -8.58 -32.44
C VAL B 285 -16.84 -8.58 -32.88
N SER B 286 -17.62 -7.67 -32.30
CA SER B 286 -19.04 -7.48 -32.65
C SER B 286 -19.84 -8.78 -32.51
N CYS B 287 -19.33 -9.73 -31.73
CA CYS B 287 -19.97 -11.02 -31.55
C CYS B 287 -20.22 -11.23 -30.06
N PHE B 288 -21.29 -11.94 -29.73
CA PHE B 288 -21.57 -12.12 -28.31
C PHE B 288 -22.29 -13.43 -28.05
N ALA B 289 -21.96 -14.05 -26.92
CA ALA B 289 -22.60 -15.28 -26.48
C ALA B 289 -23.56 -14.97 -25.34
N ALA B 290 -24.73 -15.59 -25.39
CA ALA B 290 -25.76 -15.27 -24.41
C ALA B 290 -26.69 -16.46 -24.21
N GLU B 291 -27.49 -16.37 -23.16
CA GLU B 291 -28.59 -17.28 -22.92
C GLU B 291 -29.88 -16.58 -23.37
N ALA B 292 -30.62 -17.23 -24.26
CA ALA B 292 -31.73 -16.60 -24.97
C ALA B 292 -33.02 -17.37 -24.71
N ALA B 293 -34.06 -16.63 -24.37
CA ALA B 293 -35.40 -17.17 -24.16
C ALA B 293 -36.35 -16.54 -25.18
N TYR B 294 -37.14 -17.36 -25.85
CA TYR B 294 -37.97 -16.94 -26.97
C TYR B 294 -39.45 -16.94 -26.60
N GLU B 295 -40.20 -16.04 -27.23
CA GLU B 295 -41.65 -15.98 -27.05
C GLU B 295 -42.26 -15.28 -28.25
N PHE B 296 -43.59 -15.38 -28.34
CA PHE B 296 -44.33 -14.86 -29.49
C PHE B 296 -45.26 -13.73 -29.06
N GLN B 297 -45.21 -12.63 -29.80
CA GLN B 297 -46.16 -11.54 -29.66
C GLN B 297 -46.80 -11.29 -31.02
N SER B 298 -48.14 -11.19 -31.05
CA SER B 298 -48.91 -11.01 -32.27
C SER B 298 -48.61 -9.69 -32.98
N GLY B 299 -47.68 -8.91 -32.45
CA GLY B 299 -47.23 -7.67 -33.07
C GLY B 299 -45.93 -7.90 -33.82
N THR B 300 -44.81 -7.61 -33.15
CA THR B 300 -43.50 -7.73 -33.78
C THR B 300 -43.19 -9.14 -34.25
N GLY B 301 -43.91 -10.15 -33.76
CA GLY B 301 -43.62 -11.51 -34.18
C GLY B 301 -42.99 -12.36 -33.10
N GLU B 302 -41.69 -12.61 -33.18
CA GLU B 302 -41.00 -13.38 -32.16
C GLU B 302 -39.98 -12.49 -31.46
N VAL B 303 -40.10 -12.41 -30.13
CA VAL B 303 -39.21 -11.58 -29.33
C VAL B 303 -38.39 -12.49 -28.42
N ALA B 304 -37.13 -12.14 -28.24
CA ALA B 304 -36.19 -12.97 -27.49
C ALA B 304 -35.43 -12.10 -26.50
N THR B 305 -35.30 -12.62 -25.28
CA THR B 305 -34.58 -11.97 -24.20
C THR B 305 -33.23 -12.65 -24.05
N PHE B 306 -32.16 -11.86 -24.08
CA PHE B 306 -30.79 -12.33 -24.01
C PHE B 306 -30.15 -11.87 -22.71
N THR B 307 -29.51 -12.79 -22.01
CA THR B 307 -28.62 -12.47 -20.89
C THR B 307 -27.22 -12.86 -21.33
N LEU B 308 -26.34 -11.88 -21.48
CA LEU B 308 -25.04 -12.10 -22.10
C LEU B 308 -24.02 -12.64 -21.10
N ILE B 309 -23.05 -13.40 -21.62
CA ILE B 309 -21.85 -13.78 -20.90
C ILE B 309 -20.67 -13.75 -21.87
N GLU B 310 -19.47 -13.72 -21.32
CA GLU B 310 -18.28 -13.68 -22.17
C GLU B 310 -18.17 -14.98 -22.96
N GLN B 311 -17.44 -14.90 -24.08
CA GLN B 311 -17.45 -15.98 -25.05
C GLN B 311 -16.83 -17.26 -24.50
N ASP B 312 -15.84 -17.13 -23.61
CA ASP B 312 -15.17 -18.32 -23.08
C ASP B 312 -16.14 -19.19 -22.28
N GLY B 313 -17.00 -18.58 -21.48
CA GLY B 313 -17.96 -19.33 -20.69
C GLY B 313 -18.14 -18.81 -19.28
N SER B 314 -17.40 -17.75 -18.93
CA SER B 314 -17.45 -17.21 -17.59
C SER B 314 -18.77 -16.47 -17.34
N ALA B 315 -19.02 -16.15 -16.08
CA ALA B 315 -20.19 -15.38 -15.69
C ALA B 315 -19.93 -13.88 -15.90
N TYR B 316 -21.02 -13.12 -15.98
CA TYR B 316 -20.95 -11.68 -16.12
C TYR B 316 -21.19 -11.00 -14.78
N VAL B 317 -20.28 -10.12 -14.39
CA VAL B 317 -20.48 -9.24 -13.25
C VAL B 317 -20.13 -7.83 -13.70
N PRO B 318 -21.06 -6.87 -13.61
CA PRO B 318 -20.76 -5.51 -14.07
C PRO B 318 -19.67 -4.84 -13.24
N GLY B 319 -18.51 -4.60 -13.85
CA GLY B 319 -17.40 -4.01 -13.13
C GLY B 319 -17.00 -2.65 -13.65
N ASP B 320 -15.73 -2.47 -13.97
CA ASP B 320 -15.21 -1.21 -14.50
C ASP B 320 -15.26 -1.15 -16.01
N ARG B 321 -15.87 -2.14 -16.66
CA ARG B 321 -15.99 -2.18 -18.11
C ARG B 321 -17.42 -1.85 -18.51
N ALA B 322 -17.57 -1.15 -19.64
CA ALA B 322 -18.88 -0.71 -20.07
C ALA B 322 -19.72 -1.84 -20.61
N ALA B 323 -19.10 -2.87 -21.17
CA ALA B 323 -19.82 -3.95 -21.83
C ALA B 323 -18.94 -5.19 -21.86
N PRO B 324 -19.52 -6.37 -22.09
CA PRO B 324 -18.69 -7.56 -22.26
C PRO B 324 -17.75 -7.41 -23.44
N LEU B 325 -16.59 -8.06 -23.34
CA LEU B 325 -15.56 -7.93 -24.36
C LEU B 325 -16.09 -8.32 -25.73
N GLY B 326 -15.81 -7.49 -26.73
CA GLY B 326 -16.24 -7.75 -28.08
C GLY B 326 -17.57 -7.13 -28.48
N TYR B 327 -18.28 -6.51 -27.56
CA TYR B 327 -19.56 -5.91 -27.89
C TYR B 327 -19.37 -4.75 -28.86
N PRO B 328 -20.28 -4.57 -29.83
CA PRO B 328 -20.15 -3.45 -30.77
C PRO B 328 -20.28 -2.11 -30.06
N ASP B 329 -19.60 -1.11 -30.61
CA ASP B 329 -19.59 0.23 -30.03
C ASP B 329 -19.99 1.30 -31.04
N PHE B 330 -20.90 0.96 -31.96
CA PHE B 330 -21.46 1.93 -32.89
C PHE B 330 -22.97 2.00 -32.70
N SER B 331 -23.62 2.78 -33.57
CA SER B 331 -25.06 2.97 -33.50
C SER B 331 -25.68 2.65 -34.85
N GLY B 332 -26.92 2.17 -34.82
CA GLY B 332 -27.66 1.86 -36.02
C GLY B 332 -28.54 0.65 -35.81
N GLN B 333 -28.95 0.05 -36.93
CA GLN B 333 -29.75 -1.17 -36.91
C GLN B 333 -28.88 -2.31 -37.39
N LEU B 334 -28.75 -3.36 -36.58
CA LEU B 334 -27.83 -4.45 -36.81
C LEU B 334 -28.58 -5.76 -36.88
N GLU B 335 -28.32 -6.54 -37.94
CA GLU B 335 -28.96 -7.83 -38.15
C GLU B 335 -27.93 -8.94 -38.02
N ILE B 336 -28.24 -9.93 -37.19
CA ILE B 336 -27.35 -11.03 -36.84
C ILE B 336 -27.94 -12.34 -37.35
N GLU B 337 -27.07 -13.35 -37.46
CA GLU B 337 -27.46 -14.71 -37.77
C GLU B 337 -27.35 -15.55 -36.50
N ILE B 338 -28.40 -16.31 -36.20
CA ILE B 338 -28.46 -17.10 -34.97
C ILE B 338 -28.90 -18.52 -35.31
N GLN B 339 -28.54 -19.45 -34.43
CA GLN B 339 -28.88 -20.86 -34.60
C GLN B 339 -29.94 -21.24 -33.58
N THR B 340 -31.02 -21.86 -34.05
CA THR B 340 -32.14 -22.22 -33.20
C THR B 340 -32.55 -23.66 -33.45
N GLU B 341 -33.11 -24.28 -32.42
CA GLU B 341 -33.61 -25.64 -32.47
C GLU B 341 -35.14 -25.61 -32.43
N THR B 342 -35.78 -26.31 -33.35
CA THR B 342 -37.21 -26.23 -33.55
C THR B 342 -37.88 -27.54 -33.13
N THR B 343 -39.04 -27.44 -32.48
CA THR B 343 -39.73 -28.63 -31.99
C THR B 343 -40.47 -29.39 -33.08
N LYS B 344 -41.00 -28.71 -34.09
CA LYS B 344 -41.85 -29.38 -35.07
C LYS B 344 -41.07 -30.39 -35.88
N THR B 345 -41.78 -31.41 -36.37
CA THR B 345 -41.15 -32.51 -37.09
C THR B 345 -40.55 -32.05 -38.40
N GLY B 346 -39.55 -32.79 -38.86
CA GLY B 346 -38.83 -32.50 -40.09
C GLY B 346 -37.65 -31.57 -39.93
N ASP B 347 -37.87 -30.40 -39.33
CA ASP B 347 -36.83 -29.41 -39.13
C ASP B 347 -36.52 -29.33 -37.64
N LYS B 348 -35.28 -29.63 -37.27
CA LYS B 348 -34.85 -29.63 -35.88
C LYS B 348 -33.82 -28.56 -35.59
N LEU B 349 -32.92 -28.28 -36.53
CA LEU B 349 -31.91 -27.23 -36.39
C LEU B 349 -32.03 -26.30 -37.60
N LYS B 350 -32.04 -25.00 -37.34
CA LYS B 350 -32.30 -24.03 -38.40
C LYS B 350 -31.64 -22.70 -38.03
N VAL B 351 -31.05 -22.03 -39.03
CA VAL B 351 -30.43 -20.73 -38.85
C VAL B 351 -31.44 -19.65 -39.24
N THR B 352 -31.45 -18.56 -38.46
CA THR B 352 -32.42 -17.49 -38.66
C THR B 352 -31.70 -16.15 -38.61
N THR B 353 -32.34 -15.14 -39.18
CA THR B 353 -31.80 -13.79 -39.23
C THR B 353 -32.60 -12.90 -38.28
N PHE B 354 -32.01 -12.59 -37.14
CA PHE B 354 -32.62 -11.66 -36.20
C PHE B 354 -32.07 -10.26 -36.43
N GLU B 355 -32.72 -9.27 -35.81
CA GLU B 355 -32.28 -7.89 -35.99
C GLU B 355 -32.68 -7.07 -34.77
N MET B 356 -31.82 -6.13 -34.40
CA MET B 356 -32.12 -5.22 -33.29
C MET B 356 -31.56 -3.83 -33.61
N ILE B 357 -32.19 -2.82 -33.03
CA ILE B 357 -31.72 -1.45 -33.12
C ILE B 357 -30.96 -1.08 -31.86
N LEU B 358 -30.25 0.05 -31.92
CA LEU B 358 -29.42 0.46 -30.79
C LEU B 358 -30.16 1.39 -29.84
N GLY B 359 -30.64 2.54 -30.34
CA GLY B 359 -31.41 3.45 -29.51
C GLY B 359 -32.88 3.48 -29.85
N PRO B 360 -33.69 2.76 -29.08
CA PRO B 360 -35.15 2.88 -29.17
C PRO B 360 -35.78 3.76 -28.08
N THR B 361 -34.98 4.54 -27.36
CA THR B 361 -35.14 4.75 -25.93
C THR B 361 -36.59 4.79 -25.48
N THR B 362 -36.93 3.85 -24.61
CA THR B 362 -38.23 3.64 -23.97
C THR B 362 -37.93 3.00 -22.62
N ASN B 363 -38.92 2.32 -22.03
CA ASN B 363 -38.58 1.41 -20.95
C ASN B 363 -38.06 0.11 -21.55
N ALA B 364 -37.15 0.24 -22.53
CA ALA B 364 -36.41 -0.87 -23.10
C ALA B 364 -35.17 -0.22 -23.71
N ASP B 365 -34.04 -0.31 -23.01
CA ASP B 365 -32.98 0.67 -23.24
C ASP B 365 -32.17 0.39 -24.51
N GLN B 366 -31.62 -0.82 -24.70
CA GLN B 366 -31.48 -1.90 -23.74
C GLN B 366 -30.20 -1.64 -22.95
N ALA B 367 -29.88 -2.50 -21.99
CA ALA B 367 -28.80 -2.25 -21.04
C ALA B 367 -27.78 -3.39 -21.12
N PRO B 368 -26.87 -3.34 -22.08
CA PRO B 368 -25.75 -4.31 -22.07
C PRO B 368 -24.89 -4.20 -20.83
N TYR B 369 -24.82 -3.01 -20.22
CA TYR B 369 -24.12 -2.88 -18.96
C TYR B 369 -24.76 -3.71 -17.86
N GLN B 370 -26.07 -3.96 -17.97
CA GLN B 370 -26.81 -4.76 -17.01
C GLN B 370 -27.00 -6.20 -17.47
N GLY B 371 -26.36 -6.60 -18.56
CA GLY B 371 -26.48 -7.96 -19.07
C GLY B 371 -27.87 -8.33 -19.54
N ARG B 372 -28.59 -7.38 -20.14
CA ARG B 372 -29.95 -7.62 -20.61
C ARG B 372 -30.10 -7.03 -22.00
N VAL B 373 -30.65 -7.81 -22.92
CA VAL B 373 -30.74 -7.44 -24.33
C VAL B 373 -32.05 -7.98 -24.89
N PHE B 374 -32.65 -7.24 -25.82
CA PHE B 374 -33.86 -7.69 -26.50
C PHE B 374 -33.61 -7.78 -28.00
N ALA B 375 -34.17 -8.82 -28.62
CA ALA B 375 -34.11 -8.98 -30.07
C ALA B 375 -35.51 -9.30 -30.58
N SER B 376 -35.80 -8.86 -31.81
CA SER B 376 -37.12 -9.07 -32.39
C SER B 376 -36.96 -9.51 -33.84
N VAL B 377 -37.86 -10.39 -34.27
CA VAL B 377 -37.89 -10.86 -35.65
C VAL B 377 -39.34 -10.89 -36.11
N THR B 378 -39.59 -10.38 -37.31
CA THR B 378 -40.93 -10.35 -37.88
C THR B 378 -41.35 -11.75 -38.30
N ALA B 379 -42.54 -12.16 -37.85
CA ALA B 379 -43.09 -13.47 -38.21
C ALA B 379 -44.58 -13.45 -37.95
N ALA B 380 -45.39 -13.55 -39.02
CA ALA B 380 -46.84 -13.63 -38.84
C ALA B 380 -47.23 -14.90 -38.11
N ALA B 381 -46.62 -16.02 -38.47
CA ALA B 381 -46.93 -17.31 -37.87
C ALA B 381 -45.96 -17.63 -36.73
N SER B 382 -46.51 -18.11 -35.63
CA SER B 382 -45.68 -18.43 -34.46
C SER B 382 -44.75 -19.60 -34.77
N LEU B 383 -43.51 -19.49 -34.31
CA LEU B 383 -42.52 -20.54 -34.49
C LEU B 383 -42.29 -21.25 -33.16
N ASP B 384 -42.44 -22.57 -33.15
CA ASP B 384 -42.27 -23.36 -31.94
C ASP B 384 -40.79 -23.42 -31.60
N LEU B 385 -40.38 -22.63 -30.62
CA LEU B 385 -38.99 -22.50 -30.23
C LEU B 385 -38.82 -22.85 -28.76
N VAL B 386 -37.55 -23.05 -28.36
CA VAL B 386 -37.22 -23.47 -27.01
C VAL B 386 -36.13 -22.58 -26.44
N ASP B 387 -36.04 -22.57 -25.12
CA ASP B 387 -34.99 -21.85 -24.42
C ASP B 387 -33.63 -22.41 -24.79
N GLY B 388 -32.63 -21.55 -24.87
CA GLY B 388 -31.33 -22.06 -25.27
C GLY B 388 -30.19 -21.12 -24.95
N ARG B 389 -29.00 -21.53 -25.38
CA ARG B 389 -27.78 -20.73 -25.28
C ARG B 389 -27.17 -20.59 -26.67
N VAL B 390 -26.95 -19.36 -27.11
CA VAL B 390 -26.61 -19.09 -28.50
C VAL B 390 -25.45 -18.11 -28.59
N ARG B 391 -24.88 -18.01 -29.79
CA ARG B 391 -23.82 -17.08 -30.13
C ARG B 391 -24.25 -16.27 -31.34
N ALA B 392 -24.05 -14.96 -31.28
CA ALA B 392 -24.52 -14.05 -32.32
C ALA B 392 -23.36 -13.38 -33.02
N VAL B 393 -23.42 -13.38 -34.35
CA VAL B 393 -22.41 -12.85 -35.26
C VAL B 393 -23.11 -11.93 -36.25
N PRO B 394 -22.58 -10.74 -36.52
CA PRO B 394 -23.30 -9.78 -37.37
C PRO B 394 -23.44 -10.26 -38.81
N ARG B 395 -24.51 -9.82 -39.45
CA ARG B 395 -24.79 -10.13 -40.85
C ARG B 395 -25.01 -8.90 -41.70
N SER B 396 -25.70 -7.88 -41.18
CA SER B 396 -25.99 -6.70 -41.98
C SER B 396 -26.15 -5.48 -41.08
N ILE B 397 -25.99 -4.30 -41.69
CA ILE B 397 -26.12 -3.03 -40.99
C ILE B 397 -26.99 -2.09 -41.81
N TYR B 398 -27.70 -1.21 -41.11
CA TYR B 398 -28.55 -0.20 -41.76
C TYR B 398 -28.56 1.05 -40.91
N GLY B 399 -28.29 2.19 -41.53
CA GLY B 399 -28.24 3.45 -40.83
C GLY B 399 -27.12 3.51 -39.81
N PHE B 400 -25.88 3.50 -40.28
CA PHE B 400 -24.74 3.40 -39.39
C PHE B 400 -24.20 4.78 -39.04
N GLN B 401 -24.23 5.11 -37.74
CA GLN B 401 -23.65 6.35 -37.23
C GLN B 401 -22.48 5.98 -36.34
N ASP B 402 -21.32 6.56 -36.61
CA ASP B 402 -20.10 6.28 -35.87
C ASP B 402 -20.02 7.15 -34.60
N THR B 403 -21.05 7.01 -33.77
CA THR B 403 -21.12 7.71 -32.50
C THR B 403 -21.35 6.68 -31.39
N ILE B 404 -20.86 6.99 -30.21
CA ILE B 404 -20.94 6.02 -29.10
C ILE B 404 -22.40 5.91 -28.65
N PRO B 405 -22.96 4.71 -28.59
CA PRO B 405 -24.37 4.58 -28.19
C PRO B 405 -24.52 4.53 -26.68
N GLU B 406 -25.76 4.56 -26.21
CA GLU B 406 -26.03 4.44 -24.78
C GLU B 406 -25.80 3.01 -24.32
N TYR B 407 -25.29 2.87 -23.10
CA TYR B 407 -25.06 1.56 -22.49
C TYR B 407 -26.01 1.30 -21.34
N ASN B 408 -26.07 2.20 -20.36
CA ASN B 408 -27.01 2.11 -19.27
C ASN B 408 -28.32 2.79 -19.67
N ASP B 409 -29.22 3.00 -18.72
CA ASP B 409 -30.46 3.70 -18.99
C ASP B 409 -30.18 5.13 -19.44
N GLY B 410 -29.69 5.95 -18.51
CA GLY B 410 -29.23 7.29 -18.83
C GLY B 410 -28.07 7.71 -17.96
N LEU B 411 -27.55 6.78 -17.17
CA LEU B 411 -26.53 7.08 -16.19
C LEU B 411 -25.16 7.16 -16.86
N LEU B 412 -24.12 7.34 -16.06
CA LEU B 412 -22.75 7.37 -16.55
C LEU B 412 -22.08 6.04 -16.25
N VAL B 413 -21.32 5.55 -17.23
CA VAL B 413 -20.62 4.27 -17.10
C VAL B 413 -19.14 4.51 -17.40
N PRO B 414 -18.24 3.70 -16.86
CA PRO B 414 -16.82 3.89 -17.19
C PRO B 414 -16.58 3.75 -18.67
N LEU B 415 -15.69 4.59 -19.20
CA LEU B 415 -15.45 4.66 -20.63
C LEU B 415 -13.99 4.99 -20.88
N ALA B 416 -13.49 4.57 -22.03
CA ALA B 416 -12.13 4.90 -22.42
C ALA B 416 -12.04 6.37 -22.76
N PRO B 417 -10.97 7.07 -22.35
CA PRO B 417 -10.86 8.49 -22.66
C PRO B 417 -10.74 8.69 -24.16
N PRO B 418 -11.19 9.84 -24.68
CA PRO B 418 -11.11 10.08 -26.12
C PRO B 418 -9.67 10.18 -26.59
N ILE B 419 -9.46 9.83 -27.86
CA ILE B 419 -8.13 9.79 -28.44
C ILE B 419 -7.57 11.21 -28.49
N GLY B 420 -6.51 11.46 -27.72
CA GLY B 420 -5.88 12.75 -27.69
C GLY B 420 -4.90 12.87 -26.54
N PRO B 421 -4.30 14.06 -26.38
CA PRO B 421 -4.42 15.25 -27.21
C PRO B 421 -3.40 15.26 -28.35
N PHE B 422 -3.57 16.12 -29.34
CA PHE B 422 -2.67 16.18 -30.48
C PHE B 422 -1.95 17.53 -30.52
N LEU B 423 -0.71 17.50 -31.00
CA LEU B 423 0.02 18.73 -31.27
C LEU B 423 -0.63 19.46 -32.44
N PRO B 424 -0.45 20.79 -32.53
CA PRO B 424 -0.99 21.52 -33.68
C PRO B 424 -0.41 20.99 -34.98
N GLY B 425 -1.29 20.84 -35.97
CA GLY B 425 -0.89 20.35 -37.27
C GLY B 425 -0.76 18.85 -37.39
N GLU B 426 -1.16 18.11 -36.37
CA GLU B 426 -1.05 16.65 -36.37
C GLU B 426 -2.41 16.02 -36.64
N VAL B 427 -2.41 14.93 -37.40
CA VAL B 427 -3.64 14.24 -37.79
C VAL B 427 -3.47 12.75 -37.49
N LEU B 428 -4.59 12.12 -37.14
CA LEU B 428 -4.62 10.73 -36.71
C LEU B 428 -4.74 9.80 -37.92
N LEU B 429 -3.83 8.82 -38.00
CA LEU B 429 -3.87 7.81 -39.04
C LEU B 429 -5.06 6.88 -38.85
N ARG B 430 -5.63 6.39 -39.95
CA ARG B 430 -6.78 5.50 -39.88
C ARG B 430 -6.56 4.28 -40.74
N PHE B 431 -6.78 3.09 -40.17
CA PHE B 431 -6.88 1.86 -40.94
C PHE B 431 -8.33 1.74 -41.35
N ARG B 432 -8.64 2.06 -42.60
CA ARG B 432 -9.99 2.38 -43.00
C ARG B 432 -10.24 1.93 -44.43
N THR B 433 -11.51 1.71 -44.74
CA THR B 433 -11.94 1.49 -46.10
C THR B 433 -13.22 2.27 -46.38
N TYR B 434 -13.16 3.07 -47.45
CA TYR B 434 -14.32 3.56 -48.19
C TYR B 434 -14.34 2.80 -49.52
N MET B 435 -15.37 2.00 -49.73
CA MET B 435 -15.68 1.50 -51.06
C MET B 435 -16.95 2.18 -51.55
N ARG B 436 -16.87 2.87 -52.68
CA ARG B 436 -17.99 3.66 -53.15
C ARG B 436 -19.18 2.75 -53.46
N GLN B 437 -20.37 3.22 -53.12
CA GLN B 437 -21.58 2.41 -53.23
C GLN B 437 -22.79 3.31 -53.26
N ILE B 438 -23.89 2.77 -53.78
CA ILE B 438 -25.16 3.48 -53.77
C ILE B 438 -25.85 3.20 -52.43
N ASP B 439 -26.06 4.25 -51.65
CA ASP B 439 -26.68 4.13 -50.34
C ASP B 439 -28.20 4.25 -50.46
N THR B 440 -28.89 3.74 -49.44
CA THR B 440 -30.34 3.71 -49.42
C THR B 440 -30.93 4.77 -48.50
N ALA B 441 -30.39 4.92 -47.29
CA ALA B 441 -30.96 5.85 -46.31
C ALA B 441 -29.92 6.71 -45.61
N ASP B 442 -28.65 6.66 -45.99
CA ASP B 442 -27.61 7.43 -45.32
C ASP B 442 -27.20 8.62 -46.18
N ALA B 443 -27.22 9.81 -45.57
CA ALA B 443 -26.74 11.02 -46.22
C ALA B 443 -25.31 11.36 -45.84
N ALA B 444 -24.83 10.89 -44.69
CA ALA B 444 -23.43 11.04 -44.26
C ALA B 444 -22.82 9.65 -44.35
N ALA B 445 -22.17 9.37 -45.48
CA ALA B 445 -21.63 8.04 -45.75
C ALA B 445 -20.44 7.77 -44.83
N GLU B 446 -20.66 6.99 -43.78
CA GLU B 446 -19.60 6.54 -42.89
C GLU B 446 -19.24 5.10 -43.26
N ALA B 447 -17.97 4.88 -43.59
CA ALA B 447 -17.48 3.57 -43.98
C ALA B 447 -16.55 3.04 -42.88
N ILE B 448 -15.92 1.91 -43.15
CA ILE B 448 -15.35 1.11 -42.06
C ILE B 448 -14.01 1.69 -41.65
N ASP B 449 -13.74 1.72 -40.34
CA ASP B 449 -12.56 2.40 -39.82
C ASP B 449 -12.11 1.77 -38.51
N CYS B 450 -10.82 1.93 -38.22
CA CYS B 450 -10.25 1.60 -36.91
C CYS B 450 -8.91 2.31 -36.74
N ALA B 451 -8.39 2.22 -35.52
CA ALA B 451 -7.13 2.86 -35.14
C ALA B 451 -5.94 1.93 -35.26
N LEU B 452 -6.11 0.66 -34.91
CA LEU B 452 -5.07 -0.35 -35.04
C LEU B 452 -5.66 -1.67 -35.48
N PRO B 453 -4.90 -2.50 -36.18
CA PRO B 453 -5.38 -3.84 -36.52
C PRO B 453 -5.29 -4.78 -35.33
N GLN B 454 -5.94 -5.94 -35.48
CA GLN B 454 -6.00 -6.89 -34.37
C GLN B 454 -4.64 -7.53 -34.09
N GLU B 455 -3.81 -7.70 -35.12
CA GLU B 455 -2.50 -8.32 -34.90
C GLU B 455 -1.66 -7.48 -33.95
N PHE B 456 -1.70 -6.15 -34.10
CA PHE B 456 -0.96 -5.28 -33.20
C PHE B 456 -1.48 -5.41 -31.78
N VAL B 457 -2.80 -5.51 -31.61
CA VAL B 457 -3.39 -5.66 -30.28
C VAL B 457 -2.91 -6.96 -29.64
N SER B 458 -2.96 -8.06 -30.39
CA SER B 458 -2.49 -9.33 -29.86
C SER B 458 -1.01 -9.26 -29.51
N TRP B 459 -0.20 -8.65 -30.37
CA TRP B 459 1.23 -8.54 -30.12
C TRP B 459 1.50 -7.77 -28.83
N PHE B 460 0.84 -6.63 -28.67
CA PHE B 460 1.09 -5.81 -27.48
C PHE B 460 0.54 -6.46 -26.22
N ALA B 461 -0.55 -7.23 -26.34
CA ALA B 461 -1.10 -7.91 -25.17
C ALA B 461 -0.22 -9.07 -24.75
N SER B 462 0.35 -9.79 -25.71
CA SER B 462 1.12 -10.99 -25.39
C SER B 462 2.62 -10.74 -25.24
N ASN B 463 3.09 -9.52 -25.48
CA ASN B 463 4.51 -9.22 -25.31
C ASN B 463 4.81 -8.44 -24.04
N ALA B 464 3.97 -7.48 -23.67
CA ALA B 464 4.10 -6.71 -22.43
C ALA B 464 5.46 -6.00 -22.37
N PHE B 465 5.64 -5.06 -23.29
CA PHE B 465 6.86 -4.27 -23.33
C PHE B 465 6.89 -3.28 -22.17
N THR B 466 8.02 -2.58 -22.05
CA THR B 466 8.20 -1.54 -21.04
C THR B 466 8.46 -0.22 -21.75
N VAL B 467 7.59 0.76 -21.50
CA VAL B 467 7.75 2.06 -22.15
C VAL B 467 8.97 2.78 -21.57
N GLN B 468 9.51 3.72 -22.35
CA GLN B 468 10.71 4.43 -21.92
C GLN B 468 10.47 5.92 -21.66
N SER B 469 10.05 6.71 -22.66
CA SER B 469 9.80 8.12 -22.39
C SER B 469 8.37 8.54 -22.68
N GLU B 470 7.95 8.63 -23.95
CA GLU B 470 6.55 8.97 -24.17
C GLU B 470 6.03 8.29 -25.43
N ALA B 471 6.88 8.08 -26.43
CA ALA B 471 6.35 7.67 -27.72
C ALA B 471 7.46 7.04 -28.56
N LEU B 472 7.06 6.46 -29.68
CA LEU B 472 7.97 5.80 -30.61
C LEU B 472 7.95 6.51 -31.95
N LEU B 473 9.06 6.40 -32.68
CA LEU B 473 9.19 6.99 -34.01
C LEU B 473 9.21 5.89 -35.05
N LEU B 474 8.16 5.79 -35.86
CA LEU B 474 8.02 4.71 -36.82
C LEU B 474 8.19 5.24 -38.24
N ARG B 475 8.68 4.37 -39.12
CA ARG B 475 8.84 4.68 -40.54
C ARG B 475 8.15 3.61 -41.37
N TYR B 476 7.33 4.03 -42.33
CA TYR B 476 6.56 3.12 -43.17
C TYR B 476 7.32 2.92 -44.48
N ARG B 477 8.11 1.86 -44.55
CA ARG B 477 9.00 1.60 -45.68
C ARG B 477 8.35 0.63 -46.64
N ASN B 478 8.20 1.04 -47.89
CA ASN B 478 7.72 0.14 -48.93
C ASN B 478 8.73 -0.96 -49.18
N THR B 479 8.23 -2.17 -49.42
CA THR B 479 9.10 -3.34 -49.54
C THR B 479 9.46 -3.68 -50.98
N LEU B 480 8.70 -3.18 -51.96
CA LEU B 480 9.01 -3.51 -53.35
C LEU B 480 10.27 -2.80 -53.83
N THR B 481 10.39 -1.50 -53.55
CA THR B 481 11.53 -0.72 -54.00
C THR B 481 12.42 -0.24 -52.87
N GLY B 482 11.98 -0.34 -51.63
CA GLY B 482 12.81 0.01 -50.49
C GLY B 482 13.10 1.48 -50.30
N GLN B 483 12.08 2.33 -50.43
CA GLN B 483 12.21 3.74 -50.11
C GLN B 483 11.17 4.13 -49.07
N LEU B 484 11.54 5.02 -48.16
CA LEU B 484 10.62 5.46 -47.12
C LEU B 484 9.48 6.26 -47.73
N LEU B 485 8.30 6.16 -47.11
CA LEU B 485 7.13 6.91 -47.55
C LEU B 485 6.83 8.10 -46.65
N PHE B 486 6.96 7.92 -45.34
CA PHE B 486 6.77 9.00 -44.37
C PHE B 486 7.31 8.51 -43.03
N GLU B 487 7.18 9.34 -42.01
CA GLU B 487 7.47 8.94 -40.64
C GLU B 487 6.35 9.43 -39.73
N CYS B 488 6.02 8.61 -38.74
CA CYS B 488 4.88 8.86 -37.88
C CYS B 488 5.28 8.67 -36.42
N LYS B 489 4.50 9.28 -35.53
CA LYS B 489 4.73 9.20 -34.10
C LYS B 489 3.67 8.29 -33.50
N LEU B 490 4.10 7.22 -32.84
CA LEU B 490 3.20 6.31 -32.17
C LEU B 490 3.17 6.69 -30.69
N TYR B 491 2.05 7.24 -30.25
CA TYR B 491 1.90 7.56 -28.83
C TYR B 491 1.67 6.28 -28.04
N ASN B 492 2.33 6.17 -26.91
CA ASN B 492 2.22 4.93 -26.15
C ASN B 492 0.85 4.72 -25.53
N GLU B 493 -0.10 5.62 -25.75
CA GLU B 493 -1.47 5.45 -25.29
C GLU B 493 -2.31 4.66 -26.28
N GLY B 494 -1.77 4.35 -27.46
CA GLY B 494 -2.48 3.50 -28.39
C GLY B 494 -3.06 4.18 -29.61
N TYR B 495 -2.29 5.10 -30.22
CA TYR B 495 -2.69 5.69 -31.49
C TYR B 495 -1.45 6.20 -32.21
N ILE B 496 -1.63 6.50 -33.50
CA ILE B 496 -0.55 6.96 -34.37
C ILE B 496 -0.95 8.30 -34.97
N ALA B 497 -0.02 9.24 -34.96
CA ALA B 497 -0.24 10.57 -35.52
C ALA B 497 0.85 10.91 -36.52
N LEU B 498 0.55 11.84 -37.41
CA LEU B 498 1.55 12.31 -38.37
C LEU B 498 1.22 13.74 -38.78
N SER B 499 2.25 14.45 -39.24
CA SER B 499 2.10 15.85 -39.61
C SER B 499 1.41 15.96 -40.97
N TYR B 500 0.40 16.81 -41.05
CA TYR B 500 -0.33 17.02 -42.29
C TYR B 500 -1.10 18.33 -42.20
N SER B 501 -0.96 19.16 -43.23
CA SER B 501 -1.62 20.46 -43.27
C SER B 501 -2.46 20.62 -44.53
N GLY B 502 -2.88 19.51 -45.11
CA GLY B 502 -3.64 19.53 -46.34
C GLY B 502 -5.11 19.84 -46.12
N SER B 503 -5.89 19.66 -47.18
CA SER B 503 -7.32 19.91 -47.15
C SER B 503 -8.14 18.65 -47.37
N GLY B 504 -7.85 17.90 -48.42
CA GLY B 504 -8.59 16.69 -48.72
C GLY B 504 -7.95 15.45 -48.13
N PRO B 505 -8.64 14.33 -48.20
CA PRO B 505 -8.08 13.07 -47.68
C PRO B 505 -6.87 12.63 -48.49
N LEU B 506 -5.96 11.95 -47.82
CA LEU B 506 -4.77 11.40 -48.44
C LEU B 506 -4.69 9.91 -48.16
N THR B 507 -4.47 9.12 -49.21
CA THR B 507 -4.42 7.67 -49.12
C THR B 507 -2.99 7.18 -49.28
N PHE B 508 -2.73 6.00 -48.73
CA PHE B 508 -1.40 5.41 -48.80
C PHE B 508 -1.47 4.01 -49.35
N PRO B 509 -0.41 3.53 -49.99
CA PRO B 509 -0.37 2.12 -50.41
C PRO B 509 -0.27 1.20 -49.20
N THR B 510 -0.66 -0.04 -49.41
CA THR B 510 -0.71 -1.05 -48.35
C THR B 510 0.30 -2.17 -48.60
N ASP B 511 1.52 -1.81 -48.99
CA ASP B 511 2.56 -2.78 -49.22
C ASP B 511 3.76 -2.63 -48.28
N GLY B 512 3.83 -1.55 -47.51
CA GLY B 512 4.95 -1.33 -46.63
C GLY B 512 4.83 -2.11 -45.33
N ILE B 513 5.93 -2.10 -44.58
CA ILE B 513 5.99 -2.75 -43.27
C ILE B 513 6.56 -1.76 -42.27
N PHE B 514 5.90 -1.64 -41.12
CA PHE B 514 6.30 -0.65 -40.14
C PHE B 514 7.61 -1.04 -39.47
N GLU B 515 8.42 -0.03 -39.17
CA GLU B 515 9.68 -0.19 -38.46
C GLU B 515 9.65 0.63 -37.18
N VAL B 516 10.60 0.36 -36.30
CA VAL B 516 10.76 1.11 -35.06
C VAL B 516 12.17 1.70 -35.06
N VAL B 517 12.25 3.01 -34.87
CA VAL B 517 13.52 3.73 -34.90
C VAL B 517 14.03 4.02 -33.49
N SER B 518 13.27 4.79 -32.71
CA SER B 518 13.74 5.18 -31.38
C SER B 518 12.59 5.76 -30.58
N TRP B 519 12.84 5.85 -29.26
CA TRP B 519 11.93 6.54 -28.36
C TRP B 519 12.02 8.04 -28.60
N VAL B 520 10.97 8.75 -28.16
CA VAL B 520 10.89 10.18 -28.42
C VAL B 520 9.90 10.81 -27.45
N PRO B 521 10.14 12.03 -27.00
CA PRO B 521 9.17 12.73 -26.16
C PRO B 521 8.00 13.24 -26.99
N ARG B 522 7.00 13.77 -26.27
CA ARG B 522 5.75 14.14 -26.91
C ARG B 522 5.92 15.32 -27.86
N LEU B 523 6.78 16.27 -27.52
CA LEU B 523 6.89 17.52 -28.27
C LEU B 523 7.83 17.40 -29.48
N TYR B 524 8.08 16.20 -29.99
CA TYR B 524 8.86 16.06 -31.21
C TYR B 524 8.08 16.59 -32.40
N GLN B 525 8.77 17.29 -33.29
CA GLN B 525 8.17 17.88 -34.48
C GLN B 525 8.47 17.02 -35.70
N LEU B 526 7.47 16.31 -36.18
CA LEU B 526 7.63 15.43 -37.32
C LEU B 526 7.76 16.23 -38.61
N ALA B 527 8.41 15.62 -39.60
CA ALA B 527 8.51 16.24 -40.91
C ALA B 527 7.14 16.24 -41.60
N SER B 528 6.89 17.29 -42.37
CA SER B 528 5.62 17.42 -43.07
C SER B 528 5.49 16.38 -44.17
N VAL B 529 4.27 16.18 -44.63
CA VAL B 529 3.99 15.26 -45.72
C VAL B 529 2.87 15.80 -46.60
N GLU C 26 37.92 14.40 26.51
CA GLU C 26 36.81 13.46 26.48
C GLU C 26 36.97 12.39 27.55
N GLN C 27 36.33 11.24 27.33
CA GLN C 27 36.41 10.13 28.28
C GLN C 27 36.61 8.84 27.51
N ALA C 28 37.21 7.86 28.20
CA ALA C 28 37.48 6.57 27.58
C ALA C 28 36.19 5.77 27.42
N VAL C 29 35.98 5.25 26.22
CA VAL C 29 34.78 4.48 25.91
C VAL C 29 35.19 3.29 25.04
N PRO C 30 34.67 2.09 25.30
CA PRO C 30 35.09 0.93 24.50
C PRO C 30 34.52 0.94 23.10
N ILE C 31 35.16 1.70 22.21
CA ILE C 31 34.73 1.81 20.82
C ILE C 31 35.91 2.23 19.98
N GLN C 32 35.88 1.88 18.70
CA GLN C 32 36.96 2.20 17.76
C GLN C 32 36.68 3.51 17.05
N PRO C 33 37.72 4.20 16.60
CA PRO C 33 37.50 5.40 15.80
C PRO C 33 36.77 5.06 14.50
N VAL C 34 35.94 5.98 14.04
CA VAL C 34 35.09 5.76 12.88
C VAL C 34 35.42 6.83 11.84
N ALA C 35 35.68 6.40 10.61
CA ALA C 35 36.02 7.31 9.53
C ALA C 35 34.81 8.12 9.11
N GLY C 36 35.05 9.37 8.72
CA GLY C 36 33.99 10.25 8.28
C GLY C 36 34.00 10.46 6.78
N ALA C 37 34.57 11.58 6.33
CA ALA C 37 34.61 11.89 4.91
C ALA C 37 35.70 11.14 4.17
N ALA C 38 36.58 10.43 4.87
CA ALA C 38 37.63 9.67 4.21
C ALA C 38 37.10 8.44 3.48
N LEU C 39 35.83 8.11 3.67
CA LEU C 39 35.21 6.96 3.01
C LEU C 39 34.27 7.34 1.89
N ALA C 40 33.57 8.47 2.01
CA ALA C 40 32.58 8.87 1.02
C ALA C 40 33.14 9.79 -0.05
N ALA C 41 34.43 10.12 0.01
CA ALA C 41 35.02 10.95 -1.05
C ALA C 41 34.99 10.28 -2.41
N PRO C 42 35.37 9.01 -2.57
CA PRO C 42 35.39 8.43 -3.93
C PRO C 42 34.04 8.40 -4.62
N ALA C 43 32.94 8.25 -3.88
CA ALA C 43 31.64 8.04 -4.48
C ALA C 43 30.72 9.25 -4.35
N ALA C 44 31.27 10.43 -4.10
CA ALA C 44 30.50 11.66 -4.04
C ALA C 44 31.12 12.69 -4.96
N GLY C 45 30.25 13.42 -5.67
CA GLY C 45 30.75 14.39 -6.64
C GLY C 45 31.58 15.49 -5.98
N GLN C 46 31.08 16.06 -4.89
CA GLN C 46 31.77 17.14 -4.21
C GLN C 46 31.84 16.83 -2.72
N ILE C 47 32.72 17.55 -2.03
CA ILE C 47 32.78 17.55 -0.58
C ILE C 47 32.83 19.00 -0.13
N ASN C 48 31.82 19.45 0.59
CA ASN C 48 31.67 20.85 0.95
C ASN C 48 32.08 21.09 2.40
N GLN C 49 32.79 22.18 2.63
CA GLN C 49 33.20 22.56 3.96
C GLN C 49 32.09 23.37 4.63
N ILE C 50 32.36 23.84 5.84
CA ILE C 50 31.41 24.63 6.62
C ILE C 50 32.13 25.85 7.17
N ASP C 51 31.36 26.85 7.54
CA ASP C 51 31.91 28.03 8.19
C ASP C 51 32.69 27.61 9.44
N PRO C 52 33.96 27.98 9.55
CA PRO C 52 34.75 27.52 10.72
C PRO C 52 34.24 28.04 12.05
N TRP C 53 33.45 29.10 12.07
CA TRP C 53 32.95 29.64 13.33
C TRP C 53 31.78 28.85 13.89
N ILE C 54 31.38 27.76 13.25
CA ILE C 54 30.37 26.87 13.82
C ILE C 54 31.00 25.79 14.70
N PHE C 55 32.25 25.43 14.47
CA PHE C 55 32.92 24.39 15.23
C PHE C 55 33.36 24.86 16.62
N GLN C 56 32.96 26.06 17.04
CA GLN C 56 33.43 26.60 18.31
C GLN C 56 32.28 26.99 19.25
N ASN C 57 31.06 26.61 18.95
CA ASN C 57 29.91 27.01 19.75
C ASN C 57 29.05 25.81 20.08
N PHE C 58 28.57 25.76 21.32
CA PHE C 58 27.73 24.68 21.81
C PHE C 58 26.29 25.16 21.80
N VAL C 59 25.48 24.59 20.91
CA VAL C 59 24.09 25.01 20.75
C VAL C 59 23.18 23.93 21.32
N GLN C 60 22.16 24.35 22.06
CA GLN C 60 21.28 23.39 22.72
C GLN C 60 20.47 22.60 21.69
N CYS C 61 20.44 21.28 21.88
CA CYS C 61 19.63 20.42 21.03
C CYS C 61 18.16 20.49 21.44
N PRO C 62 17.25 20.38 20.49
CA PRO C 62 15.83 20.31 20.85
C PRO C 62 15.53 19.06 21.64
N LEU C 63 14.60 19.20 22.59
CA LEU C 63 14.20 18.10 23.48
C LEU C 63 15.39 17.53 24.24
N GLY C 64 16.32 18.41 24.61
CA GLY C 64 17.50 17.99 25.32
C GLY C 64 17.54 18.44 26.76
N GLU C 65 16.40 18.36 27.43
CA GLU C 65 16.27 18.80 28.82
C GLU C 65 15.55 17.75 29.64
N PHE C 66 15.91 17.67 30.92
CA PHE C 66 15.23 16.75 31.82
C PHE C 66 15.27 17.29 33.24
N SER C 67 14.33 16.82 34.06
CA SER C 67 14.22 17.25 35.44
C SER C 67 13.99 16.03 36.33
N ILE C 68 14.94 15.78 37.22
CA ILE C 68 14.88 14.66 38.15
C ILE C 68 14.29 15.16 39.47
N SER C 69 13.37 14.38 40.03
CA SER C 69 12.69 14.72 41.26
C SER C 69 12.75 13.55 42.22
N PRO C 70 12.67 13.79 43.53
CA PRO C 70 12.81 12.69 44.50
C PRO C 70 11.77 11.60 44.37
N ARG C 71 10.62 11.87 43.74
CA ARG C 71 9.58 10.87 43.60
C ARG C 71 9.81 9.93 42.41
N ASN C 72 10.75 10.24 41.53
CA ASN C 72 11.01 9.37 40.39
C ASN C 72 11.63 8.06 40.84
N THR C 73 11.38 7.01 40.07
CA THR C 73 11.93 5.69 40.33
C THR C 73 12.99 5.33 39.29
N PRO C 74 13.98 4.52 39.65
CA PRO C 74 15.03 4.17 38.68
C PRO C 74 14.44 3.44 37.48
N GLY C 75 15.05 3.67 36.32
CA GLY C 75 14.58 3.10 35.08
C GLY C 75 13.79 4.03 34.20
N GLU C 76 13.48 5.25 34.67
CA GLU C 76 12.78 6.21 33.84
C GLU C 76 13.72 6.72 32.74
N ILE C 77 13.21 6.78 31.52
CA ILE C 77 14.00 7.28 30.39
C ILE C 77 14.02 8.80 30.46
N LEU C 78 15.15 9.36 30.87
CA LEU C 78 15.26 10.82 30.92
C LEU C 78 15.16 11.42 29.53
N PHE C 79 15.97 10.93 28.59
CA PHE C 79 15.85 11.42 27.22
C PHE C 79 16.52 10.46 26.25
N ASP C 80 16.18 10.63 24.98
CA ASP C 80 16.86 9.94 23.90
C ASP C 80 16.75 10.76 22.63
N LEU C 81 17.80 10.71 21.81
CA LEU C 81 17.80 11.50 20.59
C LEU C 81 18.75 10.87 19.58
N ALA C 82 18.45 11.08 18.30
CA ALA C 82 19.16 10.44 17.21
C ALA C 82 20.13 11.41 16.56
N LEU C 83 21.30 10.92 16.20
CA LEU C 83 22.28 11.75 15.51
C LEU C 83 21.75 12.16 14.14
N GLY C 84 21.97 13.43 13.79
CA GLY C 84 21.56 13.96 12.53
C GLY C 84 21.77 15.45 12.44
N PRO C 85 21.32 16.08 11.36
CA PRO C 85 21.41 17.54 11.25
C PRO C 85 20.35 18.29 12.05
N GLY C 86 19.44 17.58 12.70
CA GLY C 86 18.44 18.22 13.52
C GLY C 86 18.89 18.59 14.91
N LEU C 87 20.12 18.26 15.27
CA LEU C 87 20.64 18.55 16.60
C LEU C 87 21.30 19.92 16.69
N ASN C 88 21.22 20.72 15.65
CA ASN C 88 21.86 22.03 15.65
C ASN C 88 21.13 22.94 14.68
N PRO C 89 20.60 24.07 15.15
CA PRO C 89 19.88 24.97 14.24
C PRO C 89 20.72 25.43 13.06
N TYR C 90 22.00 25.70 13.27
CA TYR C 90 22.86 26.08 12.15
C TYR C 90 22.93 24.99 11.09
N LEU C 91 23.19 23.75 11.52
CA LEU C 91 23.24 22.64 10.57
C LEU C 91 21.86 22.34 9.99
N ALA C 92 20.82 22.40 10.82
CA ALA C 92 19.47 22.13 10.33
C ALA C 92 19.05 23.14 9.27
N HIS C 93 19.54 24.37 9.34
CA HIS C 93 19.28 25.33 8.27
C HIS C 93 20.20 25.15 7.07
N LEU C 94 21.48 24.87 7.32
CA LEU C 94 22.43 24.68 6.22
C LEU C 94 22.10 23.46 5.39
N SER C 95 21.37 22.50 5.94
CA SER C 95 21.08 21.26 5.23
C SER C 95 19.90 21.40 4.29
N ALA C 96 19.56 22.61 3.86
CA ALA C 96 18.53 22.79 2.86
C ALA C 96 19.08 22.86 1.45
N MET C 97 20.31 23.35 1.27
CA MET C 97 20.90 23.46 -0.06
C MET C 97 21.87 22.33 -0.38
N TYR C 98 21.93 21.29 0.45
CA TYR C 98 22.81 20.16 0.19
C TYR C 98 21.99 18.88 0.04
N THR C 99 22.67 17.77 -0.19
CA THR C 99 22.03 16.48 -0.41
C THR C 99 22.34 15.47 0.68
N GLY C 100 23.62 15.32 1.07
CA GLY C 100 24.01 14.33 2.04
C GLY C 100 24.87 14.93 3.14
N TRP C 101 25.20 14.09 4.12
CA TRP C 101 26.01 14.50 5.24
C TRP C 101 26.66 13.29 5.88
N VAL C 102 27.91 13.43 6.30
CA VAL C 102 28.63 12.40 7.04
C VAL C 102 29.37 13.06 8.19
N GLY C 103 29.75 12.25 9.17
CA GLY C 103 30.64 12.70 10.22
C GLY C 103 30.06 12.50 11.60
N ASN C 104 30.90 12.78 12.59
CA ASN C 104 30.58 12.62 14.01
C ASN C 104 30.33 13.99 14.65
N MET C 105 29.84 13.96 15.89
CA MET C 105 29.60 15.18 16.64
C MET C 105 30.09 15.03 18.07
N GLU C 106 30.12 16.14 18.79
CA GLU C 106 30.48 16.17 20.20
C GLU C 106 29.29 16.67 21.01
N VAL C 107 29.07 16.07 22.17
CA VAL C 107 27.92 16.37 23.00
C VAL C 107 28.39 16.67 24.42
N GLN C 108 27.74 17.63 25.05
CA GLN C 108 28.05 18.07 26.41
C GLN C 108 26.80 17.98 27.26
N LEU C 109 26.93 17.36 28.43
CA LEU C 109 25.83 17.23 29.38
C LEU C 109 26.11 18.12 30.58
N VAL C 110 25.11 18.90 30.98
CA VAL C 110 25.24 19.84 32.09
C VAL C 110 24.18 19.51 33.13
N LEU C 111 24.62 19.35 34.38
CA LEU C 111 23.73 19.01 35.49
C LEU C 111 23.80 20.08 36.56
N ALA C 112 22.68 20.37 37.19
CA ALA C 112 22.61 21.37 38.25
C ALA C 112 22.39 20.65 39.58
N GLY C 113 23.32 20.80 40.51
CA GLY C 113 23.18 20.20 41.82
C GLY C 113 24.27 20.62 42.78
N ASN C 114 23.93 20.81 44.05
CA ASN C 114 24.89 21.22 45.05
C ASN C 114 25.56 19.98 45.65
N ALA C 115 26.31 20.18 46.73
CA ALA C 115 27.14 19.13 47.30
C ALA C 115 26.43 18.28 48.35
N PHE C 116 25.14 18.50 48.58
CA PHE C 116 24.36 17.69 49.51
C PHE C 116 23.37 16.80 48.78
N THR C 117 23.80 16.22 47.65
CA THR C 117 22.93 15.44 46.79
C THR C 117 23.56 14.08 46.53
N ALA C 118 22.70 13.09 46.28
CA ALA C 118 23.14 11.75 45.96
C ALA C 118 22.30 11.22 44.80
N GLY C 119 22.87 10.28 44.06
CA GLY C 119 22.21 9.70 42.92
C GLY C 119 23.18 9.57 41.76
N LYS C 120 22.79 8.77 40.76
CA LYS C 120 23.67 8.53 39.62
C LYS C 120 22.84 8.36 38.36
N VAL C 121 23.44 8.75 37.23
CA VAL C 121 22.78 8.72 35.93
C VAL C 121 23.71 8.05 34.93
N VAL C 122 23.16 7.21 34.06
CA VAL C 122 23.94 6.44 33.10
C VAL C 122 23.64 6.96 31.70
N VAL C 123 24.70 7.21 30.92
CA VAL C 123 24.57 7.71 29.55
C VAL C 123 25.20 6.67 28.62
N ALA C 124 24.44 6.25 27.61
CA ALA C 124 24.83 5.13 26.76
C ALA C 124 24.89 5.54 25.30
N LEU C 125 25.31 4.61 24.45
CA LEU C 125 25.43 4.81 23.00
C LEU C 125 24.77 3.63 22.31
N VAL C 126 23.47 3.75 22.05
CA VAL C 126 22.74 2.64 21.42
C VAL C 126 23.14 2.52 19.96
N PRO C 127 23.41 1.31 19.46
CA PRO C 127 23.70 1.13 18.04
C PRO C 127 22.45 1.36 17.19
N PRO C 128 22.61 1.65 15.90
CA PRO C 128 21.46 2.09 15.09
C PRO C 128 20.31 1.10 15.00
N TYR C 129 20.56 -0.10 14.47
CA TYR C 129 19.49 -1.06 14.21
C TYR C 129 19.22 -1.87 15.47
N PHE C 130 18.46 -1.26 16.38
CA PHE C 130 18.12 -1.85 17.65
C PHE C 130 16.60 -1.90 17.80
N PRO C 131 16.07 -2.97 18.38
CA PRO C 131 14.61 -3.06 18.53
C PRO C 131 14.07 -1.92 19.38
N LYS C 132 12.88 -1.45 19.03
CA LYS C 132 12.23 -0.36 19.75
C LYS C 132 11.38 -0.95 20.86
N GLY C 133 11.66 -0.55 22.09
CA GLY C 133 10.93 -1.07 23.22
C GLY C 133 11.30 -0.35 24.49
N SER C 134 11.13 -1.04 25.61
CA SER C 134 11.44 -0.50 26.93
C SER C 134 12.70 -1.16 27.46
N LEU C 135 13.63 -0.35 27.95
CA LEU C 135 14.90 -0.83 28.48
C LEU C 135 14.84 -0.79 30.01
N THR C 136 15.01 -1.95 30.64
CA THR C 136 15.13 -1.99 32.09
C THR C 136 16.52 -1.56 32.51
N THR C 137 16.64 -1.13 33.77
CA THR C 137 17.92 -0.63 34.27
C THR C 137 19.02 -1.68 34.24
N ALA C 138 18.66 -2.96 34.24
CA ALA C 138 19.66 -4.01 34.21
C ALA C 138 20.29 -4.20 32.84
N GLN C 139 19.69 -3.64 31.79
CA GLN C 139 20.19 -3.81 30.43
C GLN C 139 20.95 -2.60 29.91
N ILE C 140 20.69 -1.41 30.45
CA ILE C 140 21.27 -0.19 29.88
C ILE C 140 22.78 -0.17 30.02
N THR C 141 23.33 -0.89 30.99
CA THR C 141 24.76 -0.82 31.26
C THR C 141 25.61 -1.64 30.29
N CYS C 142 25.00 -2.52 29.51
CA CYS C 142 25.79 -3.35 28.60
C CYS C 142 26.34 -2.58 27.41
N PHE C 143 25.66 -1.54 26.97
CA PHE C 143 26.18 -0.70 25.90
C PHE C 143 27.41 0.06 26.38
N PRO C 144 28.27 0.52 25.47
CA PRO C 144 29.33 1.44 25.86
C PRO C 144 28.76 2.67 26.55
N HIS C 145 29.08 2.87 27.82
CA HIS C 145 28.36 3.82 28.65
C HIS C 145 29.32 4.53 29.59
N VAL C 146 28.84 5.65 30.15
CA VAL C 146 29.51 6.35 31.22
C VAL C 146 28.52 6.58 32.35
N MET C 147 29.05 6.74 33.55
CA MET C 147 28.26 6.93 34.76
C MET C 147 28.61 8.28 35.36
N CYS C 148 27.60 9.08 35.67
CA CYS C 148 27.78 10.45 36.12
C CYS C 148 27.05 10.66 37.44
N ASP C 149 27.75 11.26 38.40
CA ASP C 149 27.11 11.64 39.65
C ASP C 149 26.23 12.87 39.44
N VAL C 150 25.44 13.19 40.45
CA VAL C 150 24.66 14.42 40.46
C VAL C 150 25.42 15.56 41.11
N ARG C 151 26.56 15.29 41.73
CA ARG C 151 27.39 16.33 42.32
C ARG C 151 28.48 16.82 41.37
N THR C 152 28.45 16.39 40.11
CA THR C 152 29.51 16.74 39.18
C THR C 152 29.51 18.24 38.92
N LEU C 153 30.71 18.81 38.87
CA LEU C 153 30.88 20.25 38.70
C LEU C 153 31.10 20.61 37.23
N GLU C 154 32.14 20.05 36.62
CA GLU C 154 32.42 20.33 35.22
C GLU C 154 31.39 19.63 34.32
N PRO C 155 31.12 20.19 33.15
CA PRO C 155 30.25 19.50 32.20
C PRO C 155 30.90 18.22 31.69
N ILE C 156 30.06 17.25 31.34
CA ILE C 156 30.53 15.94 30.93
C ILE C 156 30.52 15.84 29.41
N GLN C 157 31.66 15.48 28.83
CA GLN C 157 31.84 15.46 27.38
C GLN C 157 31.73 14.04 26.86
N LEU C 158 31.03 13.86 25.74
CA LEU C 158 30.91 12.57 25.10
C LEU C 158 31.03 12.72 23.59
N PRO C 159 31.56 11.71 22.91
CA PRO C 159 31.52 11.69 21.45
C PRO C 159 30.28 10.99 20.93
N LEU C 160 29.93 11.33 19.70
CA LEU C 160 28.77 10.71 19.04
C LEU C 160 29.26 10.38 17.63
N LEU C 161 29.75 9.15 17.45
CA LEU C 161 30.26 8.75 16.16
C LEU C 161 29.11 8.50 15.19
N ASP C 162 29.46 8.09 13.98
CA ASP C 162 28.49 7.80 12.95
C ASP C 162 28.73 6.37 12.48
N VAL C 163 27.89 5.45 12.93
CA VAL C 163 27.97 4.05 12.54
C VAL C 163 26.91 3.79 11.49
N ARG C 164 27.33 3.32 10.32
CA ARG C 164 26.43 3.21 9.17
C ARG C 164 26.81 1.98 8.35
N ARG C 165 26.01 1.72 7.33
CA ARG C 165 26.32 0.69 6.34
C ARG C 165 26.39 1.25 4.93
N VAL C 166 25.95 2.49 4.72
CA VAL C 166 26.00 3.13 3.41
C VAL C 166 27.05 4.24 3.48
N LEU C 167 27.55 4.63 2.32
CA LEU C 167 28.65 5.59 2.28
C LEU C 167 28.25 6.93 2.86
N TRP C 168 27.07 7.44 2.51
CA TRP C 168 26.57 8.67 3.12
C TRP C 168 25.05 8.63 3.15
N HIS C 169 24.50 9.40 4.09
CA HIS C 169 23.05 9.49 4.25
C HIS C 169 22.48 10.56 3.33
N ALA C 170 21.16 10.61 3.25
CA ALA C 170 20.45 11.59 2.45
C ALA C 170 19.68 12.53 3.38
N THR C 171 19.72 13.83 3.08
CA THR C 171 19.16 14.81 3.99
C THR C 171 17.64 14.84 3.98
N GLN C 172 17.00 14.26 2.97
CA GLN C 172 15.55 14.29 2.86
C GLN C 172 14.90 12.97 3.28
N ASP C 173 15.67 12.02 3.81
CA ASP C 173 15.15 10.76 4.28
C ASP C 173 15.55 10.54 5.73
N GLN C 174 14.64 9.97 6.51
CA GLN C 174 14.90 9.68 7.92
C GLN C 174 15.50 8.28 8.01
N GLU C 175 16.83 8.21 7.94
CA GLU C 175 17.52 6.93 7.99
C GLU C 175 17.72 6.51 9.45
N GLU C 176 18.46 5.43 9.66
CA GLU C 176 18.77 4.93 11.00
C GLU C 176 20.17 5.36 11.38
N SER C 177 20.31 5.98 12.54
CA SER C 177 21.61 6.46 13.01
C SER C 177 21.74 6.16 14.49
N MET C 178 22.99 6.11 14.96
CA MET C 178 23.23 5.73 16.34
C MET C 178 22.66 6.78 17.29
N ARG C 179 21.97 6.29 18.32
CA ARG C 179 21.18 7.11 19.22
C ARG C 179 21.95 7.39 20.51
N LEU C 180 21.40 8.31 21.30
CA LEU C 180 21.89 8.56 22.65
C LEU C 180 20.71 8.44 23.60
N VAL C 181 20.85 7.61 24.63
CA VAL C 181 19.79 7.33 25.58
C VAL C 181 20.35 7.52 26.98
N CYS C 182 19.65 8.31 27.79
CA CYS C 182 20.04 8.57 29.17
C CYS C 182 18.85 8.31 30.07
N MET C 183 19.05 7.47 31.09
CA MET C 183 18.02 7.08 32.04
C MET C 183 18.57 7.12 33.45
N LEU C 184 17.66 7.35 34.41
CA LEU C 184 18.05 7.48 35.80
C LEU C 184 18.50 6.13 36.35
N TYR C 185 19.65 6.12 37.01
CA TYR C 185 20.26 4.88 37.50
C TYR C 185 20.04 4.68 39.00
N THR C 186 20.51 5.62 39.81
CA THR C 186 20.41 5.53 41.26
C THR C 186 19.64 6.74 41.79
N PRO C 187 18.56 6.54 42.53
CA PRO C 187 17.62 7.64 42.81
C PRO C 187 18.25 8.74 43.65
N LEU C 188 17.50 9.83 43.77
CA LEU C 188 17.96 11.05 44.40
C LEU C 188 17.56 11.07 45.87
N ARG C 189 18.47 11.52 46.73
CA ARG C 189 18.23 11.59 48.17
C ARG C 189 18.66 12.95 48.67
N THR C 190 17.68 13.82 48.95
CA THR C 190 17.94 15.14 49.49
C THR C 190 16.80 15.54 50.41
N ASN C 191 17.06 16.54 51.25
CA ASN C 191 15.99 17.15 52.04
C ASN C 191 15.18 18.09 51.16
N SER C 192 14.14 18.69 51.73
CA SER C 192 13.29 19.54 50.93
C SER C 192 12.64 20.61 51.80
N PRO C 193 12.60 21.86 51.36
CA PRO C 193 11.84 22.87 52.10
C PRO C 193 10.35 22.70 51.88
N GLY C 194 9.55 23.66 52.36
CA GLY C 194 8.11 23.55 52.25
C GLY C 194 7.49 24.09 50.98
N ASP C 195 8.27 24.72 50.08
CA ASP C 195 7.70 25.39 48.92
C ASP C 195 8.08 24.72 47.60
N GLU C 196 9.36 24.62 47.29
CA GLU C 196 9.86 23.91 46.12
C GLU C 196 10.70 22.75 46.61
N SER C 197 10.25 21.53 46.34
CA SER C 197 10.84 20.38 47.02
C SER C 197 12.29 20.18 46.56
N PHE C 198 12.48 19.81 45.29
CA PHE C 198 13.78 19.83 44.65
C PHE C 198 13.63 19.37 43.20
N VAL C 199 14.43 19.92 42.30
CA VAL C 199 14.48 19.47 40.92
C VAL C 199 15.91 19.60 40.43
N VAL C 200 16.53 18.47 40.13
CA VAL C 200 17.86 18.47 39.53
C VAL C 200 17.66 18.61 38.03
N SER C 201 18.12 19.71 37.45
CA SER C 201 17.88 20.01 36.05
C SER C 201 19.10 19.66 35.22
N GLY C 202 18.86 19.00 34.10
CA GLY C 202 19.93 18.64 33.18
C GLY C 202 19.62 19.11 31.77
N ARG C 203 20.66 19.59 31.10
CA ARG C 203 20.54 20.13 29.75
C ARG C 203 21.63 19.53 28.87
N LEU C 204 21.35 19.54 27.56
CA LEU C 204 22.23 18.95 26.57
C LEU C 204 22.65 19.99 25.55
N LEU C 205 23.92 19.96 25.16
CA LEU C 205 24.43 20.83 24.11
C LEU C 205 25.25 19.99 23.14
N SER C 206 25.43 20.48 21.92
CA SER C 206 26.14 19.70 20.92
C SER C 206 26.78 20.61 19.89
N LYS C 207 27.74 20.06 19.16
CA LYS C 207 28.38 20.77 18.07
C LYS C 207 28.97 19.74 17.11
N PRO C 208 29.17 20.12 15.85
CA PRO C 208 29.83 19.20 14.92
C PRO C 208 31.30 19.04 15.28
N ALA C 209 31.82 17.85 15.04
CA ALA C 209 33.23 17.57 15.27
C ALA C 209 34.03 18.17 14.12
N ALA C 210 35.32 17.85 14.06
CA ALA C 210 36.17 18.34 12.98
C ALA C 210 36.09 17.47 11.74
N ASP C 211 35.06 16.63 11.62
CA ASP C 211 34.97 15.68 10.52
C ASP C 211 33.57 15.66 9.91
N PHE C 212 32.91 16.80 9.85
CA PHE C 212 31.55 16.90 9.32
C PHE C 212 31.58 17.58 7.97
N ASN C 213 30.92 16.99 6.98
CA ASN C 213 30.91 17.54 5.64
C ASN C 213 29.59 17.25 4.96
N PHE C 214 29.13 18.19 4.15
CA PHE C 214 27.99 18.00 3.28
C PHE C 214 28.49 17.57 1.90
N VAL C 215 27.58 17.12 1.05
CA VAL C 215 28.00 16.37 -0.13
C VAL C 215 27.82 17.13 -1.44
N TYR C 216 26.58 17.41 -1.82
CA TYR C 216 26.29 17.92 -3.16
C TYR C 216 25.44 19.17 -3.06
N LEU C 217 25.80 20.19 -3.85
CA LEU C 217 25.11 21.48 -3.78
C LEU C 217 23.95 21.49 -4.76
N THR C 218 22.76 21.80 -4.27
CA THR C 218 21.54 21.87 -5.05
C THR C 218 20.83 23.16 -4.75
N PRO C 219 19.94 23.61 -5.64
CA PRO C 219 19.16 24.83 -5.35
C PRO C 219 18.33 24.66 -4.09
N PRO C 220 18.17 25.72 -3.31
CA PRO C 220 17.46 25.60 -2.04
C PRO C 220 16.03 25.14 -2.20
N ILE C 221 15.58 24.31 -1.26
CA ILE C 221 14.21 23.85 -1.19
C ILE C 221 13.62 24.36 0.11
N GLU C 222 12.50 25.08 0.02
CA GLU C 222 11.90 25.66 1.21
C GLU C 222 11.16 24.63 2.05
N ARG C 223 10.35 23.79 1.41
CA ARG C 223 9.50 22.83 2.12
C ARG C 223 10.32 21.58 2.45
N THR C 224 11.27 21.75 3.36
CA THR C 224 12.14 20.68 3.81
C THR C 224 11.51 19.99 5.01
N ILE C 225 12.17 18.91 5.46
CA ILE C 225 11.64 18.14 6.57
C ILE C 225 11.85 18.87 7.90
N TYR C 226 13.00 19.55 8.05
CA TYR C 226 13.30 20.28 9.28
C TYR C 226 12.76 21.71 9.18
N ARG C 227 11.46 21.83 9.37
CA ARG C 227 10.79 23.13 9.34
C ARG C 227 10.04 23.33 10.65
N MET C 228 10.36 24.39 11.36
CA MET C 228 9.65 24.70 12.61
C MET C 228 8.23 25.11 12.28
N VAL C 229 7.29 24.62 13.09
CA VAL C 229 5.88 24.90 12.86
C VAL C 229 5.57 26.34 13.29
N ASP C 230 4.85 27.06 12.45
CA ASP C 230 4.42 28.42 12.76
C ASP C 230 2.91 28.52 12.58
N LEU C 231 2.36 29.64 13.03
CA LEU C 231 0.92 29.83 12.98
C LEU C 231 0.58 31.16 12.32
N PRO C 232 -0.59 31.25 11.68
CA PRO C 232 -0.97 32.51 11.03
C PRO C 232 -1.11 33.64 12.03
N VAL C 233 -0.77 34.85 11.60
CA VAL C 233 -0.84 36.04 12.44
C VAL C 233 -2.24 36.63 12.24
N ILE C 234 -3.18 36.15 13.04
CA ILE C 234 -4.56 36.60 12.98
C ILE C 234 -5.13 36.58 14.40
N GLN C 235 -5.72 37.70 14.81
CA GLN C 235 -6.27 37.78 16.15
C GLN C 235 -7.53 36.91 16.25
N PRO C 236 -7.82 36.36 17.43
CA PRO C 236 -9.01 35.51 17.58
C PRO C 236 -10.32 36.23 17.31
N ARG C 237 -10.35 37.57 17.39
CA ARG C 237 -11.61 38.29 17.18
C ARG C 237 -12.08 38.21 15.74
N LEU C 238 -11.18 37.91 14.81
CA LEU C 238 -11.50 37.92 13.39
C LEU C 238 -11.59 36.53 12.77
N CYS C 239 -11.49 35.48 13.56
CA CYS C 239 -11.49 34.12 13.03
C CYS C 239 -12.90 33.68 12.66
N THR C 240 -13.03 32.45 12.17
CA THR C 240 -14.31 31.89 11.76
C THR C 240 -14.52 30.54 12.42
N HIS C 241 -15.67 30.36 13.05
CA HIS C 241 -15.98 29.14 13.77
C HIS C 241 -16.17 27.98 12.80
N ALA C 242 -15.80 26.78 13.24
CA ALA C 242 -15.83 25.60 12.39
C ALA C 242 -17.07 24.74 12.60
N ARG C 243 -17.87 25.00 13.63
CA ARG C 243 -19.10 24.25 13.86
C ARG C 243 -20.35 24.98 13.41
N TRP C 244 -20.27 26.28 13.17
CA TRP C 244 -21.37 27.08 12.70
C TRP C 244 -20.84 28.29 11.95
N PRO C 245 -21.44 28.65 10.81
CA PRO C 245 -20.91 29.78 10.03
C PRO C 245 -21.17 31.12 10.71
N ALA C 246 -20.34 31.46 11.69
CA ALA C 246 -20.45 32.71 12.41
C ALA C 246 -19.09 33.04 13.01
N PRO C 247 -18.74 34.31 13.14
CA PRO C 247 -17.42 34.66 13.68
C PRO C 247 -17.30 34.31 15.15
N VAL C 248 -16.04 34.17 15.58
CA VAL C 248 -15.73 33.85 16.97
C VAL C 248 -16.01 35.06 17.84
N TYR C 249 -16.70 34.84 18.96
CA TYR C 249 -17.11 35.90 19.86
C TYR C 249 -16.52 35.69 21.26
N GLY C 250 -15.24 35.34 21.33
CA GLY C 250 -14.59 35.17 22.61
C GLY C 250 -14.23 33.75 22.94
N LEU C 251 -13.17 33.55 23.73
CA LEU C 251 -12.69 32.22 24.09
C LEU C 251 -12.57 32.12 25.60
N LEU C 252 -12.71 30.90 26.11
CA LEU C 252 -12.75 30.72 27.56
C LEU C 252 -12.28 29.31 27.92
N VAL C 253 -12.32 29.02 29.21
CA VAL C 253 -11.97 27.71 29.76
C VAL C 253 -12.66 27.54 31.11
N ASP C 254 -13.25 26.37 31.34
CA ASP C 254 -13.92 26.04 32.59
C ASP C 254 -14.07 24.54 32.71
N PRO C 255 -14.19 24.01 33.94
CA PRO C 255 -14.31 22.56 34.12
C PRO C 255 -15.73 22.03 34.19
N SER C 256 -16.74 22.89 34.12
CA SER C 256 -18.11 22.43 34.31
C SER C 256 -18.54 21.45 33.23
N LEU C 257 -18.22 21.75 31.97
CA LEU C 257 -18.67 20.92 30.87
C LEU C 257 -17.89 19.60 30.84
N PRO C 258 -18.41 18.59 30.14
CA PRO C 258 -17.72 17.29 30.09
C PRO C 258 -16.30 17.42 29.57
N SER C 259 -15.39 16.65 30.18
CA SER C 259 -13.98 16.75 29.82
C SER C 259 -13.71 16.25 28.41
N ASN C 260 -14.38 15.17 28.01
CA ASN C 260 -14.11 14.54 26.72
C ASN C 260 -15.33 14.59 25.84
N PRO C 261 -15.49 15.61 25.00
CA PRO C 261 -16.60 15.65 24.05
C PRO C 261 -16.27 14.79 22.82
N GLN C 262 -17.20 14.76 21.87
CA GLN C 262 -17.06 13.96 20.66
C GLN C 262 -17.51 14.75 19.44
N TRP C 263 -17.02 15.99 19.32
CA TRP C 263 -17.34 16.81 18.17
C TRP C 263 -16.76 16.21 16.90
N GLN C 264 -17.57 16.20 15.84
CA GLN C 264 -17.14 15.69 14.54
C GLN C 264 -16.70 16.77 13.57
N ASN C 265 -16.69 18.03 14.00
CA ASN C 265 -16.26 19.14 13.16
C ASN C 265 -15.19 19.95 13.90
N GLY C 266 -14.18 20.37 13.17
CA GLY C 266 -13.07 21.09 13.78
C GLY C 266 -11.97 20.21 14.33
N ARG C 267 -11.86 18.97 13.87
CA ARG C 267 -10.79 18.07 14.28
C ARG C 267 -9.80 17.92 13.14
N VAL C 268 -8.52 18.08 13.44
CA VAL C 268 -7.48 17.93 12.43
C VAL C 268 -6.18 17.58 13.13
N HIS C 269 -5.36 16.78 12.46
CA HIS C 269 -4.01 16.49 12.92
C HIS C 269 -3.10 17.67 12.60
N VAL C 270 -2.01 17.77 13.35
CA VAL C 270 -1.01 18.81 13.07
C VAL C 270 -0.30 18.51 11.76
N ASP C 271 0.00 17.24 11.50
CA ASP C 271 0.73 16.88 10.29
C ASP C 271 -0.05 17.13 9.01
N GLY C 272 -1.37 17.31 9.09
CA GLY C 272 -2.14 17.68 7.93
C GLY C 272 -3.09 16.62 7.42
N THR C 273 -3.66 15.82 8.31
CA THR C 273 -4.66 14.83 7.97
C THR C 273 -5.96 15.16 8.70
N LEU C 274 -7.07 15.15 7.97
CA LEU C 274 -8.36 15.53 8.52
C LEU C 274 -9.09 14.30 9.04
N LEU C 275 -9.60 14.39 10.27
CA LEU C 275 -10.42 13.35 10.86
C LEU C 275 -11.88 13.78 10.87
N GLY C 276 -12.75 12.84 11.23
CA GLY C 276 -14.17 13.13 11.32
C GLY C 276 -14.72 13.56 9.97
N THR C 277 -15.48 14.65 9.97
CA THR C 277 -16.13 15.15 8.78
C THR C 277 -15.83 16.63 8.55
N THR C 278 -14.67 17.08 9.01
CA THR C 278 -14.32 18.49 8.93
C THR C 278 -14.02 18.90 7.49
N PRO C 279 -14.62 19.95 6.96
CA PRO C 279 -14.35 20.36 5.59
C PRO C 279 -13.11 21.23 5.49
N ILE C 280 -12.60 21.33 4.27
CA ILE C 280 -11.42 22.16 4.03
C ILE C 280 -11.75 23.64 4.14
N SER C 281 -12.86 24.07 3.54
CA SER C 281 -13.24 25.47 3.54
C SER C 281 -14.21 25.75 4.69
N GLY C 282 -14.37 27.04 5.00
CA GLY C 282 -15.21 27.44 6.10
C GLY C 282 -16.65 27.72 5.73
N SER C 283 -17.01 27.41 4.48
CA SER C 283 -18.36 27.64 3.99
C SER C 283 -19.17 26.35 3.86
N TRP C 284 -18.53 25.19 3.99
CA TRP C 284 -19.22 23.91 3.91
C TRP C 284 -19.81 23.46 5.23
N VAL C 285 -19.56 24.19 6.32
CA VAL C 285 -19.98 23.73 7.64
C VAL C 285 -21.49 23.83 7.77
N SER C 286 -22.11 22.77 8.27
CA SER C 286 -23.54 22.74 8.58
C SER C 286 -24.40 22.95 7.32
N CYS C 287 -23.83 22.67 6.16
CA CYS C 287 -24.55 22.75 4.90
C CYS C 287 -24.32 21.46 4.11
N PHE C 288 -25.31 21.09 3.31
CA PHE C 288 -25.24 19.85 2.56
C PHE C 288 -25.85 20.04 1.18
N ALA C 289 -25.38 19.24 0.23
CA ALA C 289 -25.89 19.22 -1.13
C ALA C 289 -26.54 17.86 -1.39
N ALA C 290 -27.71 17.88 -2.02
CA ALA C 290 -28.44 16.65 -2.26
C ALA C 290 -29.33 16.79 -3.48
N GLU C 291 -29.71 15.64 -4.04
CA GLU C 291 -30.73 15.58 -5.07
C GLU C 291 -32.09 15.39 -4.40
N ALA C 292 -33.05 16.22 -4.78
CA ALA C 292 -34.33 16.30 -4.08
C ALA C 292 -35.42 15.59 -4.86
N ALA C 293 -36.39 15.05 -4.12
CA ALA C 293 -37.59 14.45 -4.69
C ALA C 293 -38.78 14.92 -3.86
N TYR C 294 -39.69 15.65 -4.49
CA TYR C 294 -40.83 16.24 -3.80
C TYR C 294 -42.09 15.42 -4.09
N GLU C 295 -42.83 15.09 -3.04
CA GLU C 295 -44.08 14.35 -3.16
C GLU C 295 -45.04 14.87 -2.11
N PHE C 296 -46.17 15.42 -2.55
CA PHE C 296 -47.15 15.98 -1.61
C PHE C 296 -47.77 14.88 -0.78
N GLN C 297 -47.91 15.13 0.52
CA GLN C 297 -48.56 14.21 1.44
C GLN C 297 -49.76 14.92 2.05
N SER C 298 -50.90 14.23 2.09
CA SER C 298 -52.20 14.82 2.41
C SER C 298 -52.36 15.23 3.87
N GLY C 299 -51.32 15.20 4.70
CA GLY C 299 -51.45 15.59 6.08
C GLY C 299 -50.81 16.93 6.40
N THR C 300 -49.61 16.89 6.99
CA THR C 300 -48.92 18.11 7.35
C THR C 300 -48.57 18.94 6.12
N GLY C 301 -48.10 18.30 5.07
CA GLY C 301 -47.72 19.00 3.86
C GLY C 301 -46.92 18.10 2.95
N GLU C 302 -46.29 18.72 1.96
CA GLU C 302 -45.45 17.98 1.04
C GLU C 302 -44.20 17.48 1.75
N VAL C 303 -43.64 16.39 1.22
CA VAL C 303 -42.47 15.74 1.80
C VAL C 303 -41.37 15.67 0.75
N ALA C 304 -40.16 16.07 1.12
CA ALA C 304 -39.01 16.05 0.24
C ALA C 304 -38.01 15.04 0.75
N THR C 305 -37.58 14.13 -0.12
CA THR C 305 -36.53 13.17 0.19
C THR C 305 -35.24 13.60 -0.51
N PHE C 306 -34.16 13.66 0.25
CA PHE C 306 -32.87 14.14 -0.25
C PHE C 306 -31.89 12.97 -0.25
N THR C 307 -31.28 12.73 -1.41
CA THR C 307 -30.17 11.80 -1.54
C THR C 307 -28.89 12.62 -1.59
N LEU C 308 -28.03 12.44 -0.59
CA LEU C 308 -26.89 13.33 -0.41
C LEU C 308 -25.85 13.13 -1.49
N ILE C 309 -25.02 14.16 -1.68
CA ILE C 309 -23.94 14.13 -2.65
C ILE C 309 -22.90 15.15 -2.20
N GLU C 310 -21.63 14.86 -2.47
CA GLU C 310 -20.55 15.70 -2.01
C GLU C 310 -20.69 17.12 -2.56
N GLN C 311 -20.23 18.10 -1.77
CA GLN C 311 -20.46 19.50 -2.10
C GLN C 311 -19.82 19.87 -3.43
N ASP C 312 -18.58 19.42 -3.67
CA ASP C 312 -17.92 19.67 -4.94
C ASP C 312 -18.68 19.05 -6.10
N GLY C 313 -19.39 17.95 -5.84
CA GLY C 313 -20.10 17.23 -6.87
C GLY C 313 -19.39 15.95 -7.22
N SER C 314 -19.83 14.84 -6.63
CA SER C 314 -19.19 13.55 -6.77
C SER C 314 -20.04 12.52 -6.05
N ALA C 315 -19.93 11.27 -6.48
CA ALA C 315 -20.70 10.20 -5.86
C ALA C 315 -20.29 10.03 -4.40
N TYR C 316 -21.28 9.81 -3.54
CA TYR C 316 -21.05 9.58 -2.12
C TYR C 316 -21.23 8.09 -1.84
N VAL C 317 -20.20 7.46 -1.29
CA VAL C 317 -20.22 6.05 -0.92
C VAL C 317 -19.92 5.94 0.56
N PRO C 318 -20.59 5.08 1.31
CA PRO C 318 -20.27 4.93 2.73
C PRO C 318 -18.85 4.43 2.92
N GLY C 319 -18.20 4.92 3.97
CA GLY C 319 -16.84 4.53 4.28
C GLY C 319 -16.52 4.77 5.73
N ASP C 320 -15.29 5.20 6.01
CA ASP C 320 -14.85 5.45 7.37
C ASP C 320 -15.34 6.79 7.92
N ARG C 321 -15.94 7.62 7.08
CA ARG C 321 -16.47 8.90 7.53
C ARG C 321 -17.92 8.75 7.96
N ALA C 322 -18.27 9.36 9.10
CA ALA C 322 -19.60 9.21 9.65
C ALA C 322 -20.68 9.86 8.77
N ALA C 323 -20.30 10.79 7.90
CA ALA C 323 -21.26 11.51 7.08
C ALA C 323 -20.53 12.24 5.95
N PRO C 324 -21.22 12.76 4.95
CA PRO C 324 -20.54 13.60 3.96
C PRO C 324 -19.99 14.86 4.60
N LEU C 325 -18.93 15.39 3.99
CA LEU C 325 -18.18 16.50 4.57
C LEU C 325 -19.10 17.68 4.84
N GLY C 326 -18.97 18.27 6.02
CA GLY C 326 -19.73 19.44 6.39
C GLY C 326 -21.07 19.17 7.04
N TYR C 327 -21.47 17.91 7.16
CA TYR C 327 -22.77 17.60 7.76
C TYR C 327 -22.78 18.04 9.22
N PRO C 328 -23.92 18.52 9.73
CA PRO C 328 -23.97 18.97 11.12
C PRO C 328 -23.69 17.82 12.08
N ASP C 329 -23.06 18.17 13.20
CA ASP C 329 -22.68 17.20 14.23
C ASP C 329 -23.26 17.55 15.58
N PHE C 330 -24.39 18.26 15.60
CA PHE C 330 -25.08 18.61 16.83
C PHE C 330 -26.53 18.19 16.72
N SER C 331 -27.10 17.75 17.84
CA SER C 331 -28.45 17.19 17.87
C SER C 331 -29.46 18.26 18.24
N GLY C 332 -30.54 18.35 17.47
CA GLY C 332 -31.58 19.31 17.73
C GLY C 332 -32.57 19.35 16.58
N GLN C 333 -33.43 20.36 16.60
CA GLN C 333 -34.42 20.59 15.55
C GLN C 333 -33.98 21.78 14.72
N LEU C 334 -33.81 21.56 13.41
CA LEU C 334 -33.21 22.57 12.54
C LEU C 334 -34.04 22.70 11.28
N GLU C 335 -33.88 23.85 10.61
CA GLU C 335 -34.56 24.12 9.36
C GLU C 335 -33.58 24.78 8.40
N ILE C 336 -33.83 24.61 7.10
CA ILE C 336 -32.93 25.10 6.05
C ILE C 336 -33.74 25.72 4.92
N GLU C 337 -33.03 26.42 4.04
CA GLU C 337 -33.60 27.00 2.82
C GLU C 337 -32.96 26.30 1.63
N ILE C 338 -33.80 25.86 0.68
CA ILE C 338 -33.31 24.96 -0.36
C ILE C 338 -33.68 25.41 -1.77
N GLN C 339 -33.94 26.70 -1.96
CA GLN C 339 -34.17 27.29 -3.28
C GLN C 339 -35.24 26.50 -4.06
N THR C 340 -36.47 26.67 -3.60
CA THR C 340 -37.59 25.96 -4.18
C THR C 340 -37.84 26.43 -5.61
N GLU C 341 -38.53 25.59 -6.37
CA GLU C 341 -39.01 25.94 -7.70
C GLU C 341 -40.50 25.61 -7.78
N THR C 342 -41.23 26.42 -8.53
CA THR C 342 -42.67 26.25 -8.70
C THR C 342 -43.00 26.24 -10.19
N THR C 343 -43.77 25.25 -10.63
CA THR C 343 -44.21 25.16 -12.00
C THR C 343 -45.54 25.86 -12.26
N LYS C 344 -46.21 26.31 -11.20
CA LYS C 344 -47.44 27.09 -11.37
C LYS C 344 -47.09 28.47 -11.93
N THR C 345 -48.10 29.16 -12.46
CA THR C 345 -47.90 30.45 -13.08
C THR C 345 -48.48 31.54 -12.18
N GLY C 346 -47.70 31.92 -11.18
CA GLY C 346 -47.87 33.19 -10.49
C GLY C 346 -46.50 33.70 -10.11
N ASP C 347 -45.49 32.89 -10.41
CA ASP C 347 -44.08 33.11 -10.08
C ASP C 347 -43.33 31.92 -10.65
N LYS C 348 -42.00 31.99 -10.57
CA LYS C 348 -41.19 30.88 -11.06
C LYS C 348 -40.27 30.29 -10.00
N LEU C 349 -39.59 31.13 -9.21
CA LEU C 349 -38.66 30.66 -8.20
C LEU C 349 -38.94 31.36 -6.88
N LYS C 350 -38.93 30.58 -5.79
CA LYS C 350 -39.07 31.13 -4.46
C LYS C 350 -38.12 30.38 -3.53
N VAL C 351 -38.02 30.89 -2.30
CA VAL C 351 -37.25 30.26 -1.23
C VAL C 351 -38.11 30.24 0.01
N THR C 352 -38.35 29.05 0.56
CA THR C 352 -39.12 28.93 1.79
C THR C 352 -38.43 27.94 2.72
N THR C 353 -38.78 28.06 4.01
CA THR C 353 -38.15 27.29 5.06
C THR C 353 -38.77 25.89 5.14
N PHE C 354 -37.91 24.87 5.18
CA PHE C 354 -38.35 23.50 5.37
C PHE C 354 -38.20 23.13 6.84
N GLU C 355 -38.30 21.83 7.15
CA GLU C 355 -38.16 21.36 8.53
C GLU C 355 -37.28 20.13 8.57
N MET C 356 -36.46 20.03 9.61
CA MET C 356 -35.55 18.90 9.79
C MET C 356 -35.52 18.53 11.28
N ILE C 357 -35.33 17.24 11.54
CA ILE C 357 -35.21 16.72 12.90
C ILE C 357 -33.91 15.93 13.02
N LEU C 358 -33.09 16.30 14.00
CA LEU C 358 -31.81 15.65 14.23
C LEU C 358 -31.58 15.25 15.67
N GLY C 359 -32.57 15.41 16.54
CA GLY C 359 -32.39 15.12 17.95
C GLY C 359 -32.43 13.64 18.24
N PRO C 360 -32.37 13.31 19.53
CA PRO C 360 -32.40 11.90 19.93
C PRO C 360 -33.78 11.28 19.76
N THR C 361 -33.94 10.06 20.27
CA THR C 361 -35.17 9.27 20.27
C THR C 361 -35.60 8.84 18.87
N THR C 362 -34.85 9.19 17.82
CA THR C 362 -35.09 8.74 16.45
C THR C 362 -36.51 9.09 16.05
N ASN C 363 -37.44 8.13 15.94
CA ASN C 363 -38.79 8.36 15.44
C ASN C 363 -38.77 8.95 14.04
N ALA C 364 -37.81 8.50 13.23
CA ALA C 364 -37.66 8.97 11.87
C ALA C 364 -36.82 7.96 11.10
N ASP C 365 -36.73 8.17 9.79
CA ASP C 365 -35.96 7.30 8.90
C ASP C 365 -34.86 8.08 8.22
N GLN C 366 -34.16 8.91 9.00
CA GLN C 366 -33.04 9.70 8.51
C GLN C 366 -31.77 8.87 8.62
N ALA C 367 -31.14 8.62 7.47
CA ALA C 367 -29.92 7.82 7.39
C ALA C 367 -28.87 8.59 6.60
N PRO C 368 -28.24 9.59 7.21
CA PRO C 368 -27.15 10.29 6.51
C PRO C 368 -26.02 9.38 6.12
N TYR C 369 -25.72 8.34 6.90
CA TYR C 369 -24.65 7.43 6.55
C TYR C 369 -24.94 6.73 5.23
N GLN C 370 -26.19 6.31 5.02
CA GLN C 370 -26.58 5.69 3.77
C GLN C 370 -26.95 6.70 2.69
N GLY C 371 -27.04 7.99 3.03
CA GLY C 371 -27.41 9.00 2.06
C GLY C 371 -28.91 9.08 1.81
N ARG C 372 -29.67 9.41 2.85
CA ARG C 372 -31.12 9.51 2.74
C ARG C 372 -31.64 10.38 3.87
N VAL C 373 -32.25 11.51 3.55
CA VAL C 373 -32.79 12.43 4.54
C VAL C 373 -34.20 12.81 4.12
N PHE C 374 -35.03 13.15 5.11
CA PHE C 374 -36.41 13.54 4.86
C PHE C 374 -36.69 14.91 5.46
N ALA C 375 -37.53 15.68 4.77
CA ALA C 375 -37.92 17.00 5.24
C ALA C 375 -39.36 17.25 4.85
N SER C 376 -39.99 18.20 5.56
CA SER C 376 -41.40 18.48 5.35
C SER C 376 -41.68 19.93 5.73
N VAL C 377 -42.80 20.44 5.24
CA VAL C 377 -43.29 21.77 5.58
C VAL C 377 -44.76 21.65 6.00
N THR C 378 -45.11 22.26 7.13
CA THR C 378 -46.47 22.20 7.64
C THR C 378 -47.32 23.26 6.94
N ALA C 379 -47.95 22.87 5.84
CA ALA C 379 -48.80 23.78 5.09
C ALA C 379 -49.75 22.98 4.22
N ALA C 380 -50.99 23.46 4.13
CA ALA C 380 -52.01 22.84 3.30
C ALA C 380 -51.94 23.44 1.89
N ALA C 381 -52.96 23.20 1.07
CA ALA C 381 -53.04 23.74 -0.27
C ALA C 381 -51.83 23.31 -1.10
N SER C 382 -51.78 22.01 -1.36
CA SER C 382 -50.64 21.32 -1.96
C SER C 382 -49.95 22.16 -3.03
N LEU C 383 -48.63 22.30 -2.88
CA LEU C 383 -47.82 23.12 -3.76
C LEU C 383 -47.43 22.35 -5.02
N ASP C 384 -46.89 23.09 -5.99
CA ASP C 384 -46.35 22.51 -7.21
C ASP C 384 -44.84 22.71 -7.21
N LEU C 385 -44.10 21.62 -7.15
CA LEU C 385 -42.65 21.68 -7.00
C LEU C 385 -41.99 20.86 -8.09
N VAL C 386 -40.76 21.26 -8.43
CA VAL C 386 -39.95 20.56 -9.43
C VAL C 386 -38.61 20.22 -8.79
N ASP C 387 -38.15 18.98 -9.00
CA ASP C 387 -36.92 18.52 -8.40
C ASP C 387 -35.72 19.13 -9.10
N GLY C 388 -34.83 19.76 -8.34
CA GLY C 388 -33.77 20.55 -8.94
C GLY C 388 -32.39 20.46 -8.29
N ARG C 389 -32.03 19.31 -7.73
CA ARG C 389 -30.72 19.05 -7.14
C ARG C 389 -30.22 20.24 -6.32
N VAL C 390 -30.98 20.54 -5.27
CA VAL C 390 -30.82 21.79 -4.54
C VAL C 390 -29.69 21.70 -3.53
N ARG C 391 -29.20 22.87 -3.12
CA ARG C 391 -28.27 23.01 -2.01
C ARG C 391 -29.07 23.21 -0.72
N ALA C 392 -28.40 23.60 0.36
CA ALA C 392 -29.09 23.81 1.63
C ALA C 392 -28.23 24.70 2.52
N VAL C 393 -28.86 25.68 3.15
CA VAL C 393 -28.17 26.58 4.09
C VAL C 393 -28.98 26.66 5.39
N PRO C 394 -28.37 26.49 6.55
CA PRO C 394 -29.13 26.51 7.80
C PRO C 394 -29.62 27.89 8.16
N ARG C 395 -30.72 27.93 8.92
CA ARG C 395 -31.30 29.18 9.39
C ARG C 395 -31.28 29.31 10.91
N SER C 396 -31.84 28.35 11.63
CA SER C 396 -31.86 28.41 13.08
C SER C 396 -32.14 27.02 13.63
N ILE C 397 -32.04 26.88 14.95
CA ILE C 397 -32.20 25.59 15.60
C ILE C 397 -33.29 25.67 16.67
N TYR C 398 -33.75 24.50 17.09
CA TYR C 398 -34.74 24.38 18.15
C TYR C 398 -34.27 23.28 19.09
N GLY C 399 -34.07 23.62 20.36
CA GLY C 399 -33.71 22.63 21.36
C GLY C 399 -32.35 22.00 21.12
N PHE C 400 -31.31 22.80 21.29
CA PHE C 400 -29.95 22.30 21.07
C PHE C 400 -29.55 21.35 22.18
N GLN C 401 -28.94 20.22 21.80
CA GLN C 401 -28.38 19.28 22.75
C GLN C 401 -26.97 18.92 22.28
N ASP C 402 -26.02 18.92 23.21
CA ASP C 402 -24.62 18.73 22.85
C ASP C 402 -24.26 17.24 22.76
N THR C 403 -25.03 16.50 21.97
CA THR C 403 -24.73 15.10 21.69
C THR C 403 -24.79 14.88 20.18
N ILE C 404 -24.20 13.78 19.74
CA ILE C 404 -24.17 13.46 18.31
C ILE C 404 -25.59 13.14 17.83
N PRO C 405 -25.90 13.38 16.56
CA PRO C 405 -27.21 13.03 16.04
C PRO C 405 -27.25 11.56 15.61
N GLU C 406 -28.37 11.17 15.00
CA GLU C 406 -28.58 9.80 14.55
C GLU C 406 -28.01 9.65 13.15
N TYR C 407 -26.72 9.31 13.07
CA TYR C 407 -26.08 9.10 11.77
C TYR C 407 -26.73 7.94 11.02
N ASN C 408 -27.07 6.88 11.74
CA ASN C 408 -27.84 5.78 11.21
C ASN C 408 -29.18 5.71 11.93
N ASP C 409 -29.95 4.67 11.64
CA ASP C 409 -31.25 4.49 12.29
C ASP C 409 -31.09 4.35 13.80
N GLY C 410 -30.44 3.27 14.23
CA GLY C 410 -30.11 3.10 15.63
C GLY C 410 -28.78 2.39 15.79
N LEU C 411 -28.05 2.24 14.69
CA LEU C 411 -26.86 1.42 14.66
C LEU C 411 -25.65 2.25 15.06
N LEU C 412 -24.46 1.70 14.88
CA LEU C 412 -23.21 2.38 15.17
C LEU C 412 -22.46 2.67 13.88
N VAL C 413 -21.78 3.81 13.83
CA VAL C 413 -21.04 4.22 12.65
C VAL C 413 -19.64 4.65 13.07
N PRO C 414 -18.64 4.51 12.21
CA PRO C 414 -17.28 4.95 12.58
C PRO C 414 -17.25 6.46 12.77
N LEU C 415 -16.45 6.90 13.73
CA LEU C 415 -16.35 8.32 14.04
C LEU C 415 -15.05 8.58 14.78
N ALA C 416 -14.70 9.86 14.89
CA ALA C 416 -13.45 10.25 15.52
C ALA C 416 -13.49 9.94 17.01
N PRO C 417 -12.35 9.58 17.59
CA PRO C 417 -12.28 9.31 19.02
C PRO C 417 -12.53 10.57 19.83
N PRO C 418 -13.00 10.44 21.06
CA PRO C 418 -13.21 11.62 21.90
C PRO C 418 -11.89 12.28 22.25
N ILE C 419 -11.97 13.57 22.57
CA ILE C 419 -10.76 14.37 22.82
C ILE C 419 -10.16 13.94 24.15
N GLY C 420 -8.89 13.58 24.13
CA GLY C 420 -8.18 13.16 25.32
C GLY C 420 -6.99 12.29 24.98
N PRO C 421 -6.25 11.83 26.01
CA PRO C 421 -6.41 12.13 27.44
C PRO C 421 -5.66 13.38 27.84
N PHE C 422 -5.90 13.89 29.05
CA PHE C 422 -5.23 15.08 29.55
C PHE C 422 -4.43 14.74 30.79
N LEU C 423 -3.34 15.47 31.00
CA LEU C 423 -2.58 15.36 32.24
C LEU C 423 -3.44 15.87 33.40
N PRO C 424 -3.19 15.37 34.61
CA PRO C 424 -3.99 15.84 35.75
C PRO C 424 -3.85 17.34 35.96
N GLY C 425 -4.97 17.98 36.27
CA GLY C 425 -4.99 19.41 36.44
C GLY C 425 -5.00 20.21 35.16
N GLU C 426 -5.30 19.59 34.02
CA GLU C 426 -5.33 20.26 32.73
C GLU C 426 -6.75 20.27 32.19
N VAL C 427 -7.09 21.33 31.47
CA VAL C 427 -8.45 21.53 30.99
C VAL C 427 -8.42 22.15 29.59
N LEU C 428 -9.37 21.74 28.76
CA LEU C 428 -9.43 22.18 27.37
C LEU C 428 -9.81 23.66 27.26
N LEU C 429 -9.28 24.31 26.23
CA LEU C 429 -9.60 25.70 25.90
C LEU C 429 -10.64 25.69 24.78
N ARG C 430 -11.71 26.47 24.95
CA ARG C 430 -12.84 26.41 24.04
C ARG C 430 -13.08 27.76 23.39
N PHE C 431 -13.18 27.75 22.06
CA PHE C 431 -13.61 28.91 21.29
C PHE C 431 -15.13 28.87 21.22
N ARG C 432 -15.78 29.97 21.61
CA ARG C 432 -17.21 29.98 21.83
C ARG C 432 -17.93 30.94 20.89
N THR C 433 -19.14 30.55 20.49
CA THR C 433 -20.02 31.41 19.70
C THR C 433 -21.44 31.24 20.18
N TYR C 434 -22.33 32.07 19.64
CA TYR C 434 -23.74 32.08 20.01
C TYR C 434 -24.59 31.87 18.76
N MET C 435 -25.75 31.26 18.97
CA MET C 435 -26.63 30.77 17.92
C MET C 435 -27.86 31.66 17.78
N ARG C 436 -28.73 31.30 16.86
CA ARG C 436 -30.09 31.82 16.83
C ARG C 436 -31.03 30.82 17.50
N GLN C 437 -31.99 31.34 18.24
CA GLN C 437 -32.81 30.51 19.12
C GLN C 437 -34.29 30.71 18.83
N ILE C 438 -35.05 29.63 19.05
CA ILE C 438 -36.51 29.69 19.00
C ILE C 438 -37.13 29.53 20.38
N ASP C 439 -36.32 29.28 21.42
CA ASP C 439 -36.84 29.04 22.75
C ASP C 439 -37.64 30.23 23.25
N THR C 440 -38.74 29.93 23.95
CA THR C 440 -39.66 30.95 24.45
C THR C 440 -39.47 31.24 25.93
N ALA C 441 -38.37 30.78 26.52
CA ALA C 441 -38.10 30.99 27.94
C ALA C 441 -36.99 31.99 28.19
N ASP C 442 -35.86 31.86 27.49
CA ASP C 442 -34.73 32.76 27.69
C ASP C 442 -33.95 32.86 26.39
N ALA C 443 -33.18 33.95 26.28
CA ALA C 443 -32.36 34.20 25.10
C ALA C 443 -30.97 34.63 25.52
N ALA C 444 -30.38 33.91 26.47
CA ALA C 444 -29.08 34.29 27.00
C ALA C 444 -27.95 33.90 26.06
N ALA C 445 -27.79 32.60 25.81
CA ALA C 445 -26.69 32.07 25.02
C ALA C 445 -27.05 30.64 24.65
N GLU C 446 -26.10 29.89 24.09
CA GLU C 446 -26.31 28.48 23.82
C GLU C 446 -25.37 27.57 24.61
N ALA C 447 -24.04 27.71 24.53
CA ALA C 447 -23.27 28.49 23.55
C ALA C 447 -22.25 27.52 22.94
N ILE C 448 -22.12 27.52 21.62
CA ILE C 448 -21.42 26.45 20.90
C ILE C 448 -19.92 26.61 21.08
N ASP C 449 -19.25 25.54 21.48
CA ASP C 449 -17.80 25.52 21.65
C ASP C 449 -17.14 24.73 20.53
N CYS C 450 -15.85 25.00 20.35
CA CYS C 450 -15.03 24.21 19.44
C CYS C 450 -13.58 24.29 19.88
N ALA C 451 -12.76 23.40 19.32
CA ALA C 451 -11.36 23.28 19.69
C ALA C 451 -10.45 24.22 18.89
N LEU C 452 -10.74 24.44 17.60
CA LEU C 452 -9.89 25.26 16.77
C LEU C 452 -10.73 26.01 15.75
N PRO C 453 -10.37 27.26 15.45
CA PRO C 453 -11.06 28.00 14.40
C PRO C 453 -10.71 27.45 13.03
N GLN C 454 -11.48 27.89 12.03
CA GLN C 454 -11.37 27.30 10.69
C GLN C 454 -10.04 27.61 10.02
N GLU C 455 -9.53 28.83 10.16
CA GLU C 455 -8.29 29.18 9.46
C GLU C 455 -7.12 28.37 9.96
N PHE C 456 -7.11 28.00 11.24
CA PHE C 456 -6.07 27.10 11.73
C PHE C 456 -6.15 25.75 11.03
N VAL C 457 -7.38 25.23 10.85
CA VAL C 457 -7.55 23.96 10.16
C VAL C 457 -7.05 24.05 8.73
N SER C 458 -7.40 25.13 8.03
CA SER C 458 -6.96 25.30 6.66
C SER C 458 -5.45 25.42 6.57
N TRP C 459 -4.84 26.16 7.50
CA TRP C 459 -3.40 26.33 7.53
C TRP C 459 -2.70 24.98 7.71
N PHE C 460 -3.14 24.21 8.69
CA PHE C 460 -2.50 22.93 8.98
C PHE C 460 -2.72 21.94 7.84
N ALA C 461 -3.88 21.99 7.20
CA ALA C 461 -4.13 21.09 6.08
C ALA C 461 -3.27 21.46 4.87
N SER C 462 -3.10 22.76 4.62
CA SER C 462 -2.35 23.17 3.44
C SER C 462 -0.86 22.98 3.61
N ASN C 463 -0.30 23.34 4.77
CA ASN C 463 1.15 23.33 4.89
C ASN C 463 1.72 21.93 5.02
N ALA C 464 1.04 21.06 5.77
CA ALA C 464 1.47 19.67 5.97
C ALA C 464 2.88 19.62 6.58
N PHE C 465 2.98 20.09 7.81
CA PHE C 465 4.23 20.07 8.53
C PHE C 465 4.64 18.64 8.89
N THR C 466 5.77 18.52 9.59
CA THR C 466 6.27 17.24 10.05
C THR C 466 6.39 17.30 11.57
N VAL C 467 5.54 16.52 12.27
CA VAL C 467 5.54 16.52 13.72
C VAL C 467 6.83 15.89 14.24
N GLN C 468 7.44 16.51 15.25
CA GLN C 468 8.75 16.08 15.71
C GLN C 468 8.66 15.07 16.86
N SER C 469 8.15 15.49 18.02
CA SER C 469 8.00 14.55 19.13
C SER C 469 6.57 14.41 19.63
N GLU C 470 6.01 15.42 20.29
CA GLU C 470 4.68 15.21 20.85
C GLU C 470 3.74 16.40 20.69
N ALA C 471 4.22 17.61 20.94
CA ALA C 471 3.32 18.72 21.14
C ALA C 471 4.09 20.03 21.06
N LEU C 472 3.34 21.12 20.92
CA LEU C 472 3.90 22.46 20.78
C LEU C 472 3.63 23.29 22.02
N LEU C 473 4.56 24.19 22.34
CA LEU C 473 4.42 25.11 23.46
C LEU C 473 4.07 26.48 22.90
N LEU C 474 2.86 26.96 23.19
CA LEU C 474 2.38 28.21 22.64
C LEU C 474 2.55 29.34 23.65
N ARG C 475 2.19 30.56 23.23
CA ARG C 475 2.28 31.73 24.09
C ARG C 475 1.34 32.80 23.54
N TYR C 476 0.36 33.19 24.35
CA TYR C 476 -0.68 34.13 23.94
C TYR C 476 -0.33 35.51 24.48
N ARG C 477 0.53 36.22 23.76
CA ARG C 477 1.01 37.53 24.17
C ARG C 477 0.23 38.64 23.48
N ASN C 478 0.08 39.77 24.16
CA ASN C 478 -0.59 40.92 23.57
C ASN C 478 0.30 41.58 22.52
N THR C 479 -0.35 42.20 21.54
CA THR C 479 0.38 42.76 20.40
C THR C 479 1.14 44.03 20.79
N LEU C 480 0.49 44.93 21.52
CA LEU C 480 1.05 46.26 21.75
C LEU C 480 1.90 46.33 23.02
N THR C 481 1.29 46.05 24.18
CA THR C 481 2.00 46.15 25.43
C THR C 481 3.14 45.13 25.51
N GLY C 482 2.91 43.94 24.97
CA GLY C 482 3.90 42.89 25.01
C GLY C 482 3.84 41.98 26.22
N GLN C 483 2.92 42.23 27.15
CA GLN C 483 2.79 41.37 28.31
C GLN C 483 2.18 40.03 27.90
N LEU C 484 2.49 39.00 28.69
CA LEU C 484 2.09 37.63 28.40
C LEU C 484 0.85 37.28 29.20
N LEU C 485 -0.14 36.69 28.55
CA LEU C 485 -1.38 36.32 29.24
C LEU C 485 -1.28 34.95 29.88
N PHE C 486 -1.02 33.92 29.08
CA PHE C 486 -0.89 32.56 29.62
C PHE C 486 -0.07 31.72 28.66
N GLU C 487 0.37 30.57 29.17
CA GLU C 487 1.10 29.58 28.38
C GLU C 487 0.24 28.33 28.22
N CYS C 488 0.11 27.86 26.98
CA CYS C 488 -0.74 26.72 26.68
C CYS C 488 0.04 25.71 25.85
N LYS C 489 -0.44 24.47 25.88
CA LYS C 489 0.18 23.37 25.16
C LYS C 489 -0.77 22.88 24.08
N LEU C 490 -0.28 22.77 22.86
CA LEU C 490 -1.05 22.27 21.73
C LEU C 490 -0.64 20.83 21.47
N TYR C 491 -1.54 19.90 21.74
CA TYR C 491 -1.26 18.49 21.52
C TYR C 491 -1.30 18.15 20.03
N ASN C 492 -0.64 17.05 19.68
CA ASN C 492 -0.57 16.67 18.27
C ASN C 492 -1.93 16.28 17.72
N GLU C 493 -2.84 15.81 18.57
CA GLU C 493 -4.13 15.36 18.09
C GLU C 493 -5.06 16.51 17.70
N GLY C 494 -4.71 17.74 18.03
CA GLY C 494 -5.50 18.87 17.60
C GLY C 494 -6.40 19.51 18.65
N TYR C 495 -5.86 19.72 19.86
CA TYR C 495 -6.57 20.47 20.87
C TYR C 495 -5.56 21.16 21.77
N ILE C 496 -6.03 22.17 22.49
CA ILE C 496 -5.19 23.02 23.33
C ILE C 496 -5.63 22.87 24.78
N ALA C 497 -4.66 22.68 25.67
CA ALA C 497 -4.94 22.45 27.08
C ALA C 497 -4.20 23.47 27.94
N LEU C 498 -4.77 23.77 29.11
CA LEU C 498 -4.21 24.72 30.05
C LEU C 498 -4.11 24.08 31.43
N SER C 499 -3.12 24.55 32.20
CA SER C 499 -2.94 24.10 33.58
C SER C 499 -3.72 25.02 34.51
N TYR C 500 -5.02 24.76 34.58
CA TYR C 500 -5.95 25.57 35.36
C TYR C 500 -6.53 24.73 36.50
N SER C 501 -6.60 25.32 37.69
CA SER C 501 -7.05 24.63 38.89
C SER C 501 -8.04 25.49 39.66
N GLY C 502 -8.96 26.11 38.94
CA GLY C 502 -10.00 26.93 39.54
C GLY C 502 -11.31 26.18 39.70
N SER C 503 -12.39 26.93 39.83
CA SER C 503 -13.72 26.35 40.01
C SER C 503 -14.79 26.94 39.12
N GLY C 504 -14.62 28.14 38.59
CA GLY C 504 -15.62 28.78 37.77
C GLY C 504 -15.12 29.12 36.38
N PRO C 505 -16.03 29.51 35.50
CA PRO C 505 -15.64 29.83 34.12
C PRO C 505 -14.68 31.02 34.08
N LEU C 506 -13.72 30.95 33.17
CA LEU C 506 -12.73 32.01 33.01
C LEU C 506 -12.57 32.32 31.54
N THR C 507 -12.95 33.53 31.14
CA THR C 507 -12.81 33.98 29.76
C THR C 507 -11.52 34.75 29.56
N PHE C 508 -11.16 34.97 28.31
CA PHE C 508 -9.96 35.72 27.99
C PHE C 508 -10.24 36.73 26.90
N PRO C 509 -9.43 37.78 26.80
CA PRO C 509 -9.61 38.75 25.71
C PRO C 509 -9.30 38.12 24.36
N THR C 510 -9.71 38.83 23.31
CA THR C 510 -9.60 38.35 21.93
C THR C 510 -8.66 39.23 21.11
N ASP C 511 -7.51 39.58 21.68
CA ASP C 511 -6.57 40.49 21.04
C ASP C 511 -5.21 39.86 20.77
N GLY C 512 -4.71 39.02 21.68
CA GLY C 512 -3.35 38.52 21.56
C GLY C 512 -3.14 37.63 20.35
N ILE C 513 -1.88 37.36 20.06
CA ILE C 513 -1.46 36.59 18.89
C ILE C 513 -0.70 35.36 19.37
N PHE C 514 -1.08 34.19 18.85
CA PHE C 514 -0.41 32.95 19.21
C PHE C 514 1.00 32.91 18.61
N GLU C 515 1.92 32.31 19.35
CA GLU C 515 3.29 32.10 18.89
C GLU C 515 3.72 30.69 19.23
N VAL C 516 4.79 30.23 18.57
CA VAL C 516 5.32 28.89 18.76
C VAL C 516 6.68 29.01 19.44
N VAL C 517 6.88 28.25 20.52
CA VAL C 517 8.14 28.29 21.25
C VAL C 517 9.04 27.15 20.81
N SER C 518 8.63 25.91 21.07
CA SER C 518 9.42 24.74 20.72
C SER C 518 8.58 23.49 20.98
N TRP C 519 9.15 22.34 20.64
CA TRP C 519 8.54 21.06 20.95
C TRP C 519 8.83 20.67 22.39
N VAL C 520 7.84 20.09 23.05
CA VAL C 520 8.01 19.63 24.43
C VAL C 520 7.53 18.19 24.56
N PRO C 521 8.05 17.42 25.51
CA PRO C 521 7.52 16.07 25.73
C PRO C 521 6.12 16.14 26.35
N ARG C 522 5.42 15.01 26.30
CA ARG C 522 4.06 14.96 26.82
C ARG C 522 4.00 15.28 28.30
N LEU C 523 4.93 14.74 29.08
CA LEU C 523 4.92 14.89 30.53
C LEU C 523 5.60 16.21 30.92
N TYR C 524 5.05 17.30 30.40
CA TYR C 524 5.55 18.64 30.67
C TYR C 524 4.53 19.40 31.52
N GLN C 525 5.00 19.98 32.61
CA GLN C 525 4.13 20.71 33.53
C GLN C 525 4.18 22.19 33.19
N LEU C 526 3.02 22.77 32.88
CA LEU C 526 2.93 24.16 32.50
C LEU C 526 2.97 25.05 33.73
N ALA C 527 2.85 26.36 33.51
CA ALA C 527 2.78 27.34 34.59
C ALA C 527 1.31 27.62 34.88
N SER C 528 0.91 27.46 36.14
CA SER C 528 -0.48 27.61 36.51
C SER C 528 -0.96 29.04 36.26
N VAL C 529 -2.23 29.17 35.89
CA VAL C 529 -2.82 30.48 35.64
C VAL C 529 -3.90 30.77 36.68
C1 CHO D . -14.74 -0.64 34.87
C2 CHO D . -13.65 0.42 34.98
C3 CHO D . -14.13 1.73 35.60
O3 CHO D . -13.51 2.87 35.04
C4 CHO D . -15.63 1.88 35.41
C5 CHO D . -16.41 0.78 36.16
C6 CHO D . -17.91 0.91 35.87
C7 CHO D . -18.83 -0.14 36.49
O7 CHO D . -20.06 -0.20 35.79
C8 CHO D . -18.18 -1.53 36.52
C9 CHO D . -16.99 -1.63 35.53
C10 CHO D . -15.85 -0.66 35.94
C11 CHO D . -16.47 -3.06 35.36
C12 CHO D . -17.55 -4.10 35.12
C13 CHO D . -18.60 -4.09 36.23
C14 CHO D . -19.19 -2.66 36.31
C15 CHO D . -20.31 -2.84 37.32
C16 CHO D . -20.94 -4.18 36.88
C17 CHO D . -19.90 -4.86 35.94
C18 CHO D . -18.01 -4.55 37.56
C19 CHO D . -15.19 -1.15 37.24
C20 CHO D . -19.91 -6.40 36.04
C21 CHO D . -20.36 -7.06 34.75
C22 CHO D . -20.79 -6.85 37.21
C23 CHO D . -20.49 -8.26 37.69
C24 CHO D . -21.64 -8.83 38.50
O24 CHO D . -21.94 -8.39 39.60
N25 CHO D . -22.31 -9.84 37.93
C26 CHO D . -22.03 -10.40 36.64
C27 CHO D . -20.98 -11.53 36.75
OT1 CHO D . -20.28 -11.76 35.75
OT2 CHO D . -20.95 -12.10 37.85
C1 CHO E . -18.29 -24.83 -18.37
C2 CHO E . -17.36 -25.64 -17.49
C3 CHO E . -15.98 -25.01 -17.41
O3 CHO E . -14.93 -25.98 -17.41
C4 CHO E . -15.73 -24.02 -18.54
C5 CHO E . -16.32 -24.46 -19.89
C6 CHO E . -15.53 -25.59 -20.53
C7 CHO E . -16.01 -26.10 -21.88
O7 CHO E . -15.58 -27.43 -22.12
C8 CHO E . -17.53 -26.02 -22.03
C9 CHO E . -18.22 -25.99 -20.64
C10 CHO E . -17.85 -24.72 -19.84
C11 CHO E . -19.75 -26.19 -20.74
C12 CHO E . -20.17 -27.35 -21.62
C13 CHO E . -19.63 -27.20 -23.03
C14 CHO E . -18.10 -27.13 -22.93
C15 CHO E . -17.66 -27.19 -24.38
C16 CHO E . -18.64 -28.20 -25.01
C17 CHO E . -19.76 -28.44 -23.95
C18 CHO E . -20.21 -25.96 -23.71
C19 CHO E . -18.59 -23.49 -20.39
C20 CHO E . -21.13 -28.79 -24.57
C21 CHO E . -21.55 -30.23 -24.29
C22 CHO E . -21.14 -28.50 -26.08
C23 CHO E . -22.28 -27.60 -26.52
C24 CHO E . -22.08 -27.06 -27.93
O24 CHO E . -21.79 -27.80 -28.88
N25 CHO E . -22.24 -25.74 -28.06
C26 CHO E . -22.09 -25.04 -29.30
C27 CHO E . -22.57 -23.58 -29.17
OT1 CHO E . -22.24 -22.97 -28.13
OT2 CHO E . -23.24 -23.15 -30.12
C1 CHO F . -24.54 19.24 -6.94
C2 CHO F . -25.20 18.45 -8.06
C3 CHO F . -24.17 18.10 -9.12
O3 CHO F . -24.72 17.38 -10.20
C4 CHO F . -23.59 19.39 -9.68
C5 CHO F . -22.94 20.25 -8.58
C6 CHO F . -22.30 21.52 -9.14
C7 CHO F . -23.27 22.64 -9.48
O7 CHO F . -24.00 22.40 -10.67
C8 CHO F . -24.26 22.89 -8.35
C9 CHO F . -24.93 21.60 -7.84
C10 CHO F . -23.88 20.55 -7.40
C11 CHO F . -25.95 21.92 -6.74
C12 CHO F . -26.94 23.02 -7.11
C13 CHO F . -26.24 24.30 -7.58
C14 CHO F . -25.33 23.90 -8.73
C15 CHO F . -24.89 25.23 -9.35
C16 CHO F . -26.09 26.17 -9.10
C17 CHO F . -27.14 25.32 -8.32
C18 CHO F . -25.47 24.95 -6.43
C19 CHO F . -23.07 21.04 -6.19
C20 CHO F . -28.15 26.17 -7.55
C21 CHO F . -29.51 26.25 -8.25
C22 CHO F . -27.62 27.59 -7.27
C23 CHO F . -28.49 28.40 -6.31
C24 CHO F . -28.78 27.70 -5.01
O24 CHO F . -29.67 26.86 -4.89
N25 CHO F . -28.01 28.03 -3.97
C26 CHO F . -26.95 29.00 -4.02
C27 CHO F . -26.66 29.56 -2.62
OT1 CHO F . -27.63 29.86 -1.90
OT2 CHO F . -25.45 29.66 -2.32
#